data_8EHP
#
_entry.id   8EHP
#
_cell.length_a   135.516
_cell.length_b   178.431
_cell.length_c   180.561
_cell.angle_alpha   90.000
_cell.angle_beta   90.000
_cell.angle_gamma   90.000
#
_symmetry.space_group_name_H-M   'I 2 2 2'
#
loop_
_entity.id
_entity.type
_entity.pdbx_description
1 polymer 'Chaetomium alpha glucosidase'
2 non-polymer (2R,3R,4R,5S)-2-(hydroxymethyl)-1-[(4-{[4-(morpholin-4-yl)anilino]methyl}phenyl)methyl]piperidine-3,4,5-triol
3 non-polymer 2-acetamido-2-deoxy-beta-D-glucopyranose
4 non-polymer 'SULFATE ION'
5 non-polymer 2-[BIS-(2-HYDROXY-ETHYL)-AMINO]-2-HYDROXYMETHYL-PROPANE-1,3-DIOL
6 non-polymer GLYCEROL
7 water water
#
_entity_poly.entity_id   1
_entity_poly.type   'polypeptide(L)'
_entity_poly.pdbx_seq_one_letter_code
;MGILPSPGMPALLSLVSLLSVLLMGCVAETGVEGESILHSEIGRLNNQSLLWGPYRPNIYFGTRPRIGKSLMTGLMWGKI
ESYTDFQHTVRYTCEQNEGMKGYGWDEYDPRRGGIQSIHDIQNGLDITTSFVKIPGGAHGGSWAARIKGTLNDDAPKDQK
TIVVFYVSQEGENSELEAVPSENEFGYEGDVILKGRSEALGNYKLVVTKGKGVIPQSDHDLSRLRGPGQTVVQSLTYPDE
VLWQAKPILFQQLKAGIDWLVENKYDVADPPPPWQVYLLANKPGSGNVHIVQKVFEGDFEFDILFSSESAGKEVTSKDLE
REVKQATEVFGERFARVFDLKAPFQGDNYKKFGKSMFSNLIGGIGYFYGHSLVDRSYAPEYDEENEGFWEDAAEARARHQ
EALEGPYELFTSIPSRPFFPRGFLWDEGFHLLPIADWDIDLALEIIKSWYNLMDEDGWIAREQILGAEARSKVPKEFQTQ
YPHYANPPTLFLVLDNFVERLRKNNASQPVVKDNLSLDETLSTASVDNPEVGLEYLRRLYPLLRRQFDWFRKTQAGDIKS
YDREAYSTKEAYRWRGRTVSHCLTSGLDDYPRPQPPHPGELHVDLMSWVGVMVKSLISIGSLLGATEDVEFYTKVLDAIE
HNLDDLHWSEKEGCYCDATIDEFEEHKLVCHKGYISLFPFLTGLLKPDSPKLGKLLALIGDESELWSPYGLRSLSKKDEF
YGTAENYWRSPVWININYLAIVQLYNIATQDGPYKETARDLYTRLRKNIVETVYRNWEETGFAWEQYNPETGKGQRTQHF
TGWTSLVVKIMSGHHHHHH
;
_entity_poly.pdbx_strand_id   A,B
#
# COMPACT_ATOMS: atom_id res chain seq x y z
N LEU A 38 23.59 20.20 16.72
CA LEU A 38 24.71 20.16 15.71
C LEU A 38 24.47 19.02 14.72
N HIS A 39 23.54 18.11 15.04
CA HIS A 39 23.09 17.13 14.07
C HIS A 39 22.16 17.79 13.03
N SER A 40 21.06 18.40 13.51
CA SER A 40 20.15 19.17 12.68
C SER A 40 20.90 20.20 11.84
N GLU A 41 22.07 20.62 12.33
CA GLU A 41 22.85 21.69 11.73
C GLU A 41 23.63 21.17 10.52
N ILE A 42 24.30 20.01 10.68
CA ILE A 42 25.05 19.38 9.62
C ILE A 42 24.09 18.90 8.53
N GLY A 43 22.90 18.47 8.95
CA GLY A 43 21.84 18.01 8.07
C GLY A 43 21.25 19.13 7.21
N ARG A 44 21.16 20.35 7.77
CA ARG A 44 20.66 21.52 7.07
C ARG A 44 21.67 21.94 6.00
N LEU A 45 22.96 21.89 6.35
CA LEU A 45 24.04 22.32 5.46
C LEU A 45 24.13 21.38 4.26
N ASN A 46 23.92 20.07 4.53
CA ASN A 46 23.86 18.97 3.57
C ASN A 46 22.68 19.15 2.61
N ASN A 47 21.47 19.31 3.15
CA ASN A 47 20.29 19.65 2.38
C ASN A 47 20.67 20.75 1.38
N GLN A 48 21.20 21.86 1.91
CA GLN A 48 21.45 23.07 1.12
C GLN A 48 22.56 22.82 0.09
N SER A 49 23.52 21.96 0.43
CA SER A 49 24.64 21.66 -0.46
C SER A 49 24.17 20.84 -1.68
N LEU A 50 23.31 19.85 -1.46
CA LEU A 50 23.06 18.83 -2.47
C LEU A 50 21.75 19.11 -3.19
N LEU A 51 21.13 20.26 -2.94
CA LEU A 51 19.77 20.44 -3.40
C LEU A 51 19.67 20.39 -4.94
N TRP A 52 20.59 21.13 -5.56
CA TRP A 52 20.64 21.26 -7.03
C TRP A 52 21.74 20.38 -7.59
N GLY A 53 21.46 19.78 -8.72
CA GLY A 53 22.38 18.95 -9.50
C GLY A 53 21.77 18.62 -10.83
N PRO A 54 22.47 17.96 -11.77
CA PRO A 54 21.85 17.49 -12.99
C PRO A 54 21.35 16.09 -12.59
N TYR A 55 20.23 16.04 -11.88
CA TYR A 55 19.70 14.88 -11.15
C TYR A 55 18.71 14.11 -11.99
N ARG A 56 18.78 14.27 -13.30
CA ARG A 56 17.93 13.43 -14.16
C ARG A 56 18.86 12.65 -15.06
N PRO A 57 19.73 11.51 -14.65
CA PRO A 57 20.66 10.65 -15.40
C PRO A 57 20.00 9.91 -16.56
N ASN A 58 18.67 10.02 -16.69
CA ASN A 58 17.96 9.25 -17.70
C ASN A 58 18.05 9.97 -19.05
N ILE A 59 18.49 11.24 -19.03
CA ILE A 59 18.61 12.01 -20.25
C ILE A 59 20.04 12.52 -20.35
N TYR A 60 20.46 12.86 -21.58
CA TYR A 60 21.86 13.20 -21.77
C TYR A 60 22.22 14.38 -20.85
N PHE A 61 21.35 15.39 -20.82
CA PHE A 61 21.62 16.52 -19.95
C PHE A 61 20.33 17.25 -19.54
N GLY A 62 20.21 17.47 -18.24
CA GLY A 62 19.03 18.09 -17.66
C GLY A 62 19.31 18.39 -16.20
N THR A 63 18.50 19.26 -15.58
CA THR A 63 18.66 19.51 -14.16
C THR A 63 17.30 19.48 -13.45
N ARG A 64 17.34 19.07 -12.18
CA ARG A 64 16.22 19.27 -11.28
C ARG A 64 16.77 19.29 -9.86
N PRO A 65 16.03 19.89 -8.91
CA PRO A 65 16.46 19.90 -7.52
C PRO A 65 15.86 18.69 -6.81
N ARG A 66 16.25 18.47 -5.55
CA ARG A 66 15.68 17.36 -4.80
C ARG A 66 14.30 17.73 -4.24
N ILE A 67 13.35 18.09 -5.12
CA ILE A 67 11.97 18.39 -4.77
C ILE A 67 11.07 17.70 -5.80
N GLY A 68 10.09 16.92 -5.32
CA GLY A 68 9.22 16.19 -6.24
C GLY A 68 8.61 17.05 -7.35
N LYS A 69 7.91 18.11 -6.97
CA LYS A 69 7.25 18.98 -7.97
C LYS A 69 7.97 20.32 -7.98
N SER A 70 8.82 20.54 -8.97
CA SER A 70 9.65 21.77 -9.02
C SER A 70 10.03 22.11 -10.46
N LEU A 71 11.11 22.84 -10.62
CA LEU A 71 11.60 23.29 -11.94
C LEU A 71 12.61 22.26 -12.47
N MET A 72 12.43 21.83 -13.72
CA MET A 72 13.32 20.86 -14.38
C MET A 72 13.74 21.40 -15.74
N THR A 73 14.96 21.11 -16.16
CA THR A 73 15.45 21.51 -17.48
C THR A 73 15.87 20.28 -18.27
N GLY A 74 15.98 20.42 -19.59
CA GLY A 74 16.44 19.32 -20.43
C GLY A 74 17.00 19.81 -21.77
N LEU A 75 18.08 19.15 -22.23
CA LEU A 75 18.69 19.47 -23.51
C LEU A 75 18.18 18.51 -24.58
N MET A 76 17.91 19.03 -25.79
CA MET A 76 17.77 18.20 -26.97
C MET A 76 18.54 18.87 -28.11
N TRP A 77 19.11 18.06 -29.03
CA TRP A 77 19.79 18.58 -30.22
C TRP A 77 19.63 17.56 -31.33
N GLY A 78 19.70 18.05 -32.58
CA GLY A 78 19.73 17.14 -33.71
C GLY A 78 19.99 17.89 -35.01
N LYS A 79 20.83 17.30 -35.88
CA LYS A 79 21.06 17.84 -37.21
C LYS A 79 19.76 17.74 -38.00
N ILE A 80 19.61 18.65 -38.96
CA ILE A 80 18.50 18.63 -39.91
C ILE A 80 19.05 18.81 -41.34
N GLU A 81 18.85 17.78 -42.16
CA GLU A 81 19.35 17.73 -43.52
C GLU A 81 18.19 17.68 -44.51
N SER A 82 16.97 17.42 -43.98
CA SER A 82 15.83 17.17 -44.82
C SER A 82 14.53 17.59 -44.13
N TYR A 83 13.40 17.31 -44.77
CA TYR A 83 12.10 17.72 -44.26
C TYR A 83 11.57 16.69 -43.27
N THR A 84 12.17 15.50 -43.25
CA THR A 84 11.57 14.47 -42.42
C THR A 84 12.58 13.87 -41.44
N ASP A 85 13.80 14.43 -41.40
CA ASP A 85 14.93 13.74 -40.79
C ASP A 85 14.99 14.03 -39.28
N PHE A 86 14.70 15.26 -38.87
CA PHE A 86 14.91 15.70 -37.50
C PHE A 86 14.27 14.75 -36.49
N GLN A 87 13.04 14.28 -36.77
CA GLN A 87 12.36 13.39 -35.83
C GLN A 87 13.21 12.15 -35.52
N HIS A 88 14.12 11.73 -36.41
CA HIS A 88 14.92 10.54 -36.17
C HIS A 88 16.29 10.95 -35.60
N THR A 89 16.65 12.21 -35.72
CA THR A 89 18.03 12.56 -35.41
C THR A 89 18.10 13.10 -34.00
N VAL A 90 17.02 13.74 -33.58
CA VAL A 90 16.93 14.43 -32.26
C VAL A 90 17.31 13.50 -31.11
N ARG A 91 18.06 14.04 -30.15
CA ARG A 91 18.54 13.28 -28.99
C ARG A 91 17.97 13.88 -27.72
N TYR A 92 17.48 13.06 -26.80
CA TYR A 92 16.98 13.56 -25.51
C TYR A 92 17.32 12.55 -24.42
N THR A 93 16.66 11.40 -24.46
CA THR A 93 16.89 10.35 -23.44
C THR A 93 18.08 9.51 -23.86
N CYS A 94 18.87 9.06 -22.89
CA CYS A 94 20.05 8.24 -23.15
C CYS A 94 19.68 6.89 -23.79
N GLU A 95 20.43 6.52 -24.84
CA GLU A 95 20.36 5.18 -25.40
C GLU A 95 21.79 4.74 -25.70
N GLN A 96 21.93 3.51 -26.20
CA GLN A 96 23.22 3.06 -26.70
C GLN A 96 22.97 2.26 -27.97
N ASN A 97 23.46 2.80 -29.10
CA ASN A 97 23.44 2.10 -30.37
C ASN A 97 24.61 2.64 -31.19
N GLU A 98 24.74 2.16 -32.43
CA GLU A 98 25.87 2.44 -33.30
C GLU A 98 25.94 3.93 -33.62
N GLY A 99 24.79 4.63 -33.53
CA GLY A 99 24.68 6.07 -33.73
C GLY A 99 25.56 6.90 -32.79
N MET A 100 25.77 6.38 -31.57
CA MET A 100 26.40 7.12 -30.50
C MET A 100 27.70 6.42 -30.12
N LYS A 101 28.83 7.11 -30.31
CA LYS A 101 30.13 6.49 -30.04
C LYS A 101 30.29 6.27 -28.54
N GLY A 102 29.85 7.24 -27.76
CA GLY A 102 29.96 7.14 -26.31
C GLY A 102 29.57 8.45 -25.65
N TYR A 103 29.51 8.43 -24.32
CA TYR A 103 29.16 9.64 -23.56
C TYR A 103 29.34 9.35 -22.08
N GLY A 104 29.59 10.40 -21.30
CA GLY A 104 29.72 10.23 -19.87
C GLY A 104 30.54 11.34 -19.27
N TRP A 105 30.67 11.29 -17.94
CA TRP A 105 31.22 12.37 -17.14
C TRP A 105 32.74 12.24 -17.04
N ASP A 106 33.44 13.34 -17.25
CA ASP A 106 34.89 13.31 -17.18
C ASP A 106 35.31 13.62 -15.75
N GLU A 107 34.54 14.51 -15.12
CA GLU A 107 34.69 14.81 -13.71
C GLU A 107 33.28 15.06 -13.20
N TYR A 108 33.01 14.66 -11.96
CA TYR A 108 31.72 15.06 -11.40
C TYR A 108 31.83 14.97 -9.89
N ASP A 109 31.29 15.99 -9.23
CA ASP A 109 31.04 15.96 -7.80
C ASP A 109 29.67 16.59 -7.62
N PRO A 110 28.71 15.91 -6.97
CA PRO A 110 27.34 16.41 -6.88
C PRO A 110 27.24 17.72 -6.10
N ARG A 111 28.28 18.04 -5.32
CA ARG A 111 28.32 19.27 -4.53
C ARG A 111 28.80 20.46 -5.37
N ARG A 112 29.66 20.19 -6.37
CA ARG A 112 30.37 21.22 -7.11
C ARG A 112 29.92 21.26 -8.57
N GLY A 113 29.64 20.08 -9.15
CA GLY A 113 29.28 19.91 -10.54
C GLY A 113 30.37 19.17 -11.32
N GLY A 114 30.44 19.40 -12.63
CA GLY A 114 31.41 18.70 -13.46
C GLY A 114 31.23 18.91 -14.95
N ILE A 115 31.90 18.07 -15.76
CA ILE A 115 31.94 18.17 -17.20
C ILE A 115 31.59 16.82 -17.81
N GLN A 116 30.73 16.84 -18.84
CA GLN A 116 30.32 15.63 -19.51
C GLN A 116 30.68 15.74 -21.00
N SER A 117 31.09 14.61 -21.59
CA SER A 117 31.42 14.54 -23.01
C SER A 117 30.47 13.60 -23.73
N ILE A 118 29.92 14.12 -24.83
CA ILE A 118 29.03 13.37 -25.68
C ILE A 118 29.61 13.26 -27.08
N HIS A 119 29.80 12.02 -27.54
CA HIS A 119 30.40 11.77 -28.84
C HIS A 119 29.34 11.13 -29.72
N ASP A 120 28.68 11.96 -30.56
CA ASP A 120 27.49 11.55 -31.30
C ASP A 120 27.86 11.40 -32.77
N ILE A 121 27.85 10.14 -33.26
CA ILE A 121 28.21 9.84 -34.63
C ILE A 121 27.09 10.30 -35.57
N GLN A 122 25.85 9.88 -35.27
CA GLN A 122 24.75 10.18 -36.15
C GLN A 122 24.68 11.68 -36.44
N ASN A 123 24.95 12.50 -35.42
CA ASN A 123 24.69 13.91 -35.59
C ASN A 123 25.98 14.68 -35.85
N GLY A 124 27.09 13.96 -36.03
CA GLY A 124 28.39 14.52 -36.37
C GLY A 124 28.90 15.50 -35.31
N LEU A 125 28.62 15.23 -34.02
CA LEU A 125 28.81 16.25 -33.01
C LEU A 125 29.53 15.69 -31.79
N ASP A 126 30.56 16.41 -31.37
CA ASP A 126 31.21 16.25 -30.08
C ASP A 126 30.72 17.38 -29.18
N ILE A 127 29.97 17.00 -28.14
CA ILE A 127 29.32 17.96 -27.27
C ILE A 127 29.93 17.91 -25.87
N THR A 128 29.90 19.07 -25.22
CA THR A 128 30.42 19.24 -23.88
C THR A 128 29.32 19.89 -23.05
N THR A 129 29.05 19.34 -21.86
CA THR A 129 28.12 19.98 -20.95
C THR A 129 28.80 20.20 -19.61
N SER A 130 29.15 21.46 -19.31
CA SER A 130 29.77 21.82 -18.05
C SER A 130 28.68 22.30 -17.11
N PHE A 131 28.63 21.77 -15.89
CA PHE A 131 27.60 22.19 -14.97
C PHE A 131 28.25 22.53 -13.63
N VAL A 132 27.87 23.67 -13.04
CA VAL A 132 28.52 24.15 -11.83
C VAL A 132 27.51 24.79 -10.88
N LYS A 133 27.76 24.64 -9.59
CA LYS A 133 26.85 25.13 -8.57
C LYS A 133 27.49 26.30 -7.83
N ILE A 134 26.70 27.35 -7.55
CA ILE A 134 27.24 28.47 -6.79
C ILE A 134 26.44 28.61 -5.50
N PRO A 135 27.04 28.23 -4.34
CA PRO A 135 26.37 28.32 -3.04
C PRO A 135 25.91 29.76 -2.79
N GLY A 136 24.81 29.90 -2.05
CA GLY A 136 24.39 31.21 -1.57
C GLY A 136 22.87 31.38 -1.54
N GLY A 137 22.41 32.29 -0.67
CA GLY A 137 20.98 32.55 -0.49
C GLY A 137 20.33 31.50 0.40
N ALA A 138 19.00 31.33 0.27
CA ALA A 138 18.34 30.40 1.17
C ALA A 138 17.67 29.27 0.40
N HIS A 139 18.01 29.10 -0.88
CA HIS A 139 17.17 28.23 -1.69
C HIS A 139 18.02 27.14 -2.36
N GLY A 140 19.19 26.87 -1.76
CA GLY A 140 20.05 25.81 -2.23
C GLY A 140 20.90 26.28 -3.41
N GLY A 141 21.29 27.56 -3.36
CA GLY A 141 22.29 28.07 -4.27
C GLY A 141 21.74 28.27 -5.68
N SER A 142 22.68 28.63 -6.55
CA SER A 142 22.49 28.86 -7.98
C SER A 142 23.27 27.78 -8.73
N TRP A 143 23.17 27.79 -10.05
CA TRP A 143 23.96 26.92 -10.91
C TRP A 143 24.05 27.52 -12.30
N ALA A 144 24.90 26.91 -13.14
CA ALA A 144 25.08 27.37 -14.51
C ALA A 144 25.60 26.23 -15.37
N ALA A 145 25.25 26.26 -16.66
CA ALA A 145 25.76 25.23 -17.57
C ALA A 145 26.19 25.88 -18.87
N ARG A 146 27.30 25.36 -19.40
CA ARG A 146 27.71 25.62 -20.77
C ARG A 146 27.55 24.37 -21.62
N ILE A 147 26.91 24.56 -22.77
CA ILE A 147 26.73 23.55 -23.79
C ILE A 147 27.65 23.92 -24.95
N LYS A 148 28.69 23.13 -25.23
CA LYS A 148 29.51 23.37 -26.42
C LYS A 148 29.31 22.24 -27.42
N GLY A 149 29.06 22.59 -28.69
CA GLY A 149 29.02 21.59 -29.75
C GLY A 149 30.09 21.87 -30.82
N THR A 150 30.88 20.83 -31.17
CA THR A 150 31.90 20.95 -32.19
C THR A 150 31.63 19.89 -33.26
N LEU A 151 31.48 20.30 -34.52
CA LEU A 151 31.30 19.33 -35.58
C LEU A 151 32.58 18.52 -35.67
N ASN A 152 32.42 17.20 -35.88
CA ASN A 152 33.57 16.32 -36.04
C ASN A 152 33.97 16.33 -37.50
N ASP A 153 35.05 15.64 -37.84
CA ASP A 153 35.67 15.78 -39.14
C ASP A 153 34.74 15.25 -40.24
N ASP A 154 33.77 14.40 -39.89
CA ASP A 154 32.93 13.77 -40.89
C ASP A 154 31.80 14.70 -41.31
N ALA A 155 31.35 15.56 -40.38
CA ALA A 155 30.13 16.34 -40.56
C ALA A 155 30.34 17.38 -41.66
N PRO A 156 29.29 17.70 -42.46
CA PRO A 156 29.37 18.81 -43.42
C PRO A 156 29.58 20.10 -42.64
N LYS A 157 30.61 20.87 -43.02
CA LYS A 157 31.08 22.04 -42.29
C LYS A 157 29.94 23.04 -42.08
N ASP A 158 28.86 22.88 -42.86
CA ASP A 158 27.72 23.80 -42.89
C ASP A 158 26.46 23.08 -42.41
N GLN A 159 26.65 22.01 -41.63
CA GLN A 159 25.55 21.35 -40.93
C GLN A 159 24.67 22.35 -40.19
N LYS A 160 23.37 22.07 -40.28
CA LYS A 160 22.39 22.77 -39.47
C LYS A 160 21.97 21.83 -38.34
N THR A 161 22.13 22.32 -37.11
CA THR A 161 21.82 21.58 -35.90
C THR A 161 20.80 22.37 -35.10
N ILE A 162 19.63 21.75 -34.84
CA ILE A 162 18.61 22.35 -33.98
C ILE A 162 18.97 22.07 -32.52
N VAL A 163 18.92 23.12 -31.70
CA VAL A 163 19.14 22.93 -30.28
C VAL A 163 17.93 23.45 -29.53
N VAL A 164 17.52 22.70 -28.50
CA VAL A 164 16.38 23.07 -27.68
C VAL A 164 16.76 22.94 -26.22
N PHE A 165 16.32 23.94 -25.46
CA PHE A 165 16.37 23.89 -24.01
C PHE A 165 14.93 23.96 -23.51
N TYR A 166 14.51 22.88 -22.83
CA TYR A 166 13.13 22.69 -22.40
C TYR A 166 13.06 22.90 -20.89
N VAL A 167 12.08 23.69 -20.44
CA VAL A 167 11.95 24.06 -19.04
C VAL A 167 10.51 23.86 -18.59
N SER A 168 10.34 23.20 -17.44
CA SER A 168 9.01 22.86 -16.95
C SER A 168 8.94 23.20 -15.48
N GLN A 169 7.73 23.52 -15.00
CA GLN A 169 7.50 23.73 -13.57
C GLN A 169 6.16 23.17 -13.11
N GLU A 170 6.22 22.29 -12.10
CA GLU A 170 5.05 21.75 -11.41
C GLU A 170 4.92 22.39 -10.02
N GLY A 171 3.69 22.40 -9.52
CA GLY A 171 3.30 23.13 -8.31
C GLY A 171 2.08 24.02 -8.60
N GLU A 172 1.17 24.15 -7.61
CA GLU A 172 -0.08 24.87 -7.82
C GLU A 172 0.18 26.38 -7.78
N ASN A 173 0.99 26.83 -6.81
CA ASN A 173 1.18 28.25 -6.54
C ASN A 173 2.60 28.65 -6.93
N SER A 174 2.90 28.49 -8.22
CA SER A 174 4.22 28.82 -8.76
C SER A 174 4.06 29.45 -10.14
N GLU A 175 5.06 30.24 -10.55
CA GLU A 175 4.92 31.00 -11.78
C GLU A 175 6.26 31.05 -12.49
N LEU A 176 6.19 31.11 -13.83
CA LEU A 176 7.36 31.20 -14.70
C LEU A 176 6.96 31.96 -15.96
N GLU A 177 7.74 33.00 -16.30
CA GLU A 177 7.42 33.86 -17.44
C GLU A 177 8.65 34.10 -18.32
N ALA A 178 8.49 33.90 -19.64
CA ALA A 178 9.48 34.41 -20.58
C ALA A 178 9.25 35.91 -20.80
N VAL A 179 10.26 36.71 -20.44
CA VAL A 179 10.25 38.12 -20.75
C VAL A 179 10.33 38.26 -22.26
N PRO A 180 9.33 38.91 -22.91
CA PRO A 180 9.32 39.06 -24.36
C PRO A 180 10.53 39.83 -24.90
N SER A 181 10.81 39.63 -26.19
CA SER A 181 11.95 40.27 -26.81
C SER A 181 11.52 41.61 -27.42
N GLU A 182 12.51 42.48 -27.66
CA GLU A 182 12.30 43.77 -28.31
C GLU A 182 11.99 43.55 -29.79
N ASN A 183 12.75 42.65 -30.45
CA ASN A 183 12.60 42.39 -31.88
C ASN A 183 11.33 41.56 -32.13
N GLU A 184 10.89 41.51 -33.39
CA GLU A 184 9.52 41.13 -33.74
C GLU A 184 9.34 39.61 -33.62
N PHE A 185 10.32 38.87 -34.17
CA PHE A 185 10.11 37.48 -34.56
C PHE A 185 10.79 36.50 -33.60
N GLY A 186 11.44 37.05 -32.54
CA GLY A 186 12.24 36.27 -31.62
C GLY A 186 13.34 37.08 -30.94
N TYR A 187 14.44 36.43 -30.56
CA TYR A 187 15.49 37.04 -29.75
C TYR A 187 16.81 37.13 -30.51
N GLU A 188 17.36 38.35 -30.60
CA GLU A 188 18.71 38.64 -31.07
C GLU A 188 19.74 38.26 -30.00
N GLY A 189 19.35 38.33 -28.73
CA GLY A 189 20.22 38.09 -27.59
C GLY A 189 19.68 37.02 -26.64
N ASP A 190 19.71 37.33 -25.34
CA ASP A 190 19.46 36.36 -24.28
C ASP A 190 17.97 36.16 -24.10
N VAL A 191 17.56 34.98 -23.65
CA VAL A 191 16.21 34.72 -23.17
C VAL A 191 16.23 34.72 -21.64
N ILE A 192 15.33 35.50 -21.03
CA ILE A 192 15.26 35.60 -19.58
C ILE A 192 13.92 35.03 -19.13
N LEU A 193 13.96 34.02 -18.26
CA LEU A 193 12.74 33.53 -17.65
C LEU A 193 12.73 34.03 -16.22
N LYS A 194 11.61 34.62 -15.83
CA LYS A 194 11.37 35.00 -14.44
C LYS A 194 10.38 34.03 -13.82
N GLY A 195 10.73 33.51 -12.63
CA GLY A 195 9.88 32.55 -11.96
C GLY A 195 9.86 32.70 -10.44
N ARG A 196 8.81 32.13 -9.84
CA ARG A 196 8.67 32.05 -8.39
C ARG A 196 8.03 30.71 -8.03
N SER A 197 8.45 30.14 -6.89
CA SER A 197 7.80 29.02 -6.23
C SER A 197 8.10 29.06 -4.72
N GLU A 198 7.27 28.33 -3.93
CA GLU A 198 7.44 28.25 -2.49
C GLU A 198 8.81 27.63 -2.14
N ALA A 199 9.16 26.55 -2.83
CA ALA A 199 10.40 25.84 -2.57
C ALA A 199 11.61 26.65 -3.03
N LEU A 200 11.48 27.40 -4.13
CA LEU A 200 12.63 28.05 -4.73
C LEU A 200 12.66 29.55 -4.47
N GLY A 201 11.56 30.12 -3.93
CA GLY A 201 11.47 31.57 -3.87
C GLY A 201 11.57 32.16 -5.27
N ASN A 202 12.17 33.37 -5.38
CA ASN A 202 12.27 34.01 -6.69
C ASN A 202 13.57 33.54 -7.33
N TYR A 203 13.57 33.44 -8.66
CA TYR A 203 14.76 33.10 -9.43
C TYR A 203 14.60 33.61 -10.86
N LYS A 204 15.73 33.70 -11.56
CA LYS A 204 15.77 33.98 -13.00
C LYS A 204 16.69 32.97 -13.66
N LEU A 205 16.27 32.51 -14.84
CA LEU A 205 16.98 31.50 -15.60
C LEU A 205 17.21 32.05 -17.01
N VAL A 206 18.49 32.17 -17.38
CA VAL A 206 18.83 32.90 -18.58
C VAL A 206 19.47 31.94 -19.59
N VAL A 207 18.90 31.87 -20.80
CA VAL A 207 19.57 31.17 -21.88
C VAL A 207 20.21 32.22 -22.79
N THR A 208 21.54 32.24 -22.78
CA THR A 208 22.33 33.30 -23.39
C THR A 208 22.31 33.15 -24.91
N LYS A 209 22.71 34.20 -25.62
CA LYS A 209 22.62 34.26 -27.07
C LYS A 209 23.58 33.23 -27.66
N GLY A 210 24.78 33.13 -27.07
CA GLY A 210 25.78 32.14 -27.46
C GLY A 210 26.63 32.58 -28.66
N LYS A 211 27.75 31.86 -28.85
CA LYS A 211 28.59 32.00 -30.03
C LYS A 211 28.21 30.93 -31.06
N GLY A 212 28.16 31.31 -32.33
CA GLY A 212 27.91 30.41 -33.44
C GLY A 212 27.14 31.12 -34.56
N VAL A 213 27.30 30.63 -35.80
CA VAL A 213 26.59 31.17 -36.95
C VAL A 213 25.12 30.74 -36.90
N ILE A 214 24.22 31.71 -37.09
CA ILE A 214 22.79 31.46 -37.19
C ILE A 214 22.38 31.54 -38.66
N PRO A 215 21.86 30.46 -39.27
CA PRO A 215 21.46 30.51 -40.69
C PRO A 215 20.33 31.53 -40.91
N GLN A 216 20.35 32.18 -42.08
CA GLN A 216 19.37 33.21 -42.38
C GLN A 216 18.60 32.80 -43.65
N SER A 217 17.27 32.85 -43.61
CA SER A 217 16.48 32.39 -44.74
C SER A 217 16.02 33.58 -45.59
N ASP A 218 16.07 33.40 -46.90
CA ASP A 218 15.68 34.40 -47.86
C ASP A 218 14.25 34.13 -48.31
N HIS A 219 13.60 33.13 -47.72
CA HIS A 219 12.26 32.80 -48.20
C HIS A 219 11.23 33.87 -47.81
N ASP A 220 10.14 33.94 -48.59
CA ASP A 220 8.95 34.72 -48.28
C ASP A 220 8.58 34.57 -46.81
N LEU A 221 8.66 33.34 -46.31
CA LEU A 221 8.24 32.99 -44.97
C LEU A 221 8.90 33.92 -43.95
N SER A 222 10.11 34.39 -44.24
CA SER A 222 10.82 35.26 -43.30
C SER A 222 10.09 36.58 -43.06
N ARG A 223 9.14 36.94 -43.94
CA ARG A 223 8.36 38.15 -43.73
C ARG A 223 7.42 37.92 -42.57
N LEU A 224 7.05 36.66 -42.30
CA LEU A 224 6.08 36.37 -41.26
C LEU A 224 6.73 35.69 -40.06
N ARG A 225 7.90 35.07 -40.26
CA ARG A 225 8.54 34.22 -39.25
C ARG A 225 9.96 34.70 -38.90
N GLY A 226 10.45 35.71 -39.63
CA GLY A 226 11.81 36.20 -39.41
C GLY A 226 12.82 35.44 -40.26
N PRO A 227 14.01 36.02 -40.54
CA PRO A 227 15.01 35.33 -41.35
C PRO A 227 15.68 34.18 -40.58
N GLY A 228 15.44 34.13 -39.26
CA GLY A 228 16.05 33.13 -38.38
C GLY A 228 16.67 33.76 -37.13
N GLN A 229 16.30 33.20 -35.97
CA GLN A 229 16.61 33.80 -34.68
C GLN A 229 16.14 32.85 -33.59
N THR A 230 16.73 32.99 -32.40
CA THR A 230 16.28 32.27 -31.22
C THR A 230 14.78 32.53 -30.99
N VAL A 231 14.04 31.47 -30.64
CA VAL A 231 12.60 31.59 -30.44
C VAL A 231 12.17 30.89 -29.15
N VAL A 232 11.10 31.41 -28.54
CA VAL A 232 10.58 30.87 -27.29
C VAL A 232 9.08 30.63 -27.41
N GLN A 233 8.65 29.44 -26.98
CA GLN A 233 7.24 29.12 -26.86
C GLN A 233 6.92 28.80 -25.40
N SER A 234 6.02 29.60 -24.80
CA SER A 234 5.52 29.38 -23.46
C SER A 234 4.14 28.73 -23.52
N LEU A 235 3.98 27.60 -22.82
CA LEU A 235 2.80 26.75 -22.95
C LEU A 235 2.37 26.34 -21.55
N THR A 236 1.17 25.73 -21.48
CA THR A 236 0.74 25.07 -20.25
C THR A 236 0.00 23.76 -20.55
N TYR A 237 0.45 22.68 -19.89
CA TYR A 237 -0.21 21.37 -19.85
C TYR A 237 -0.47 21.00 -18.39
N PRO A 238 -1.41 20.07 -18.10
CA PRO A 238 -1.52 19.49 -16.76
C PRO A 238 -0.19 18.89 -16.30
N ASP A 239 0.14 19.16 -15.03
CA ASP A 239 1.48 18.96 -14.47
C ASP A 239 2.05 17.57 -14.73
N GLU A 240 1.20 16.53 -14.70
CA GLU A 240 1.71 15.16 -14.64
C GLU A 240 2.31 14.75 -15.97
N VAL A 241 2.14 15.56 -17.03
CA VAL A 241 2.66 15.21 -18.36
C VAL A 241 3.84 16.09 -18.79
N LEU A 242 4.24 17.04 -17.94
CA LEU A 242 5.28 17.98 -18.32
C LEU A 242 6.59 17.24 -18.64
N TRP A 243 6.73 15.98 -18.18
CA TRP A 243 7.99 15.27 -18.32
C TRP A 243 8.16 14.81 -19.77
N GLN A 244 7.06 14.81 -20.53
CA GLN A 244 7.09 14.23 -21.86
C GLN A 244 7.52 15.27 -22.89
N ALA A 245 8.80 15.67 -22.79
CA ALA A 245 9.32 16.79 -23.56
C ALA A 245 9.24 16.51 -25.07
N LYS A 246 9.55 15.27 -25.47
CA LYS A 246 9.66 15.00 -26.89
C LYS A 246 8.31 15.19 -27.58
N PRO A 247 7.24 14.53 -27.09
CA PRO A 247 5.92 14.71 -27.70
C PRO A 247 5.46 16.17 -27.66
N ILE A 248 5.67 16.84 -26.52
CA ILE A 248 5.18 18.20 -26.35
C ILE A 248 5.84 19.08 -27.39
N LEU A 249 7.15 18.89 -27.59
CA LEU A 249 7.91 19.66 -28.57
C LEU A 249 7.33 19.40 -29.95
N PHE A 250 7.27 18.10 -30.27
CA PHE A 250 6.80 17.66 -31.57
C PHE A 250 5.39 18.17 -31.85
N GLN A 251 4.55 18.27 -30.81
CA GLN A 251 3.18 18.71 -31.05
C GLN A 251 3.21 20.15 -31.58
N GLN A 252 4.16 20.94 -31.04
CA GLN A 252 4.38 22.33 -31.41
C GLN A 252 4.95 22.44 -32.81
N LEU A 253 5.99 21.62 -33.10
CA LEU A 253 6.55 21.56 -34.44
C LEU A 253 5.47 21.25 -35.47
N LYS A 254 4.59 20.28 -35.14
CA LYS A 254 3.58 19.81 -36.07
C LYS A 254 2.58 20.93 -36.36
N ALA A 255 2.13 21.62 -35.30
CA ALA A 255 1.20 22.73 -35.47
C ALA A 255 1.80 23.82 -36.36
N GLY A 256 3.13 23.99 -36.28
CA GLY A 256 3.88 24.92 -37.10
C GLY A 256 3.87 24.53 -38.58
N ILE A 257 4.13 23.25 -38.87
CA ILE A 257 4.05 22.78 -40.24
C ILE A 257 2.62 22.91 -40.74
N ASP A 258 1.63 22.49 -39.92
CA ASP A 258 0.22 22.52 -40.32
C ASP A 258 -0.15 23.93 -40.78
N TRP A 259 0.34 24.91 -40.02
CA TRP A 259 0.17 26.32 -40.33
C TRP A 259 0.71 26.65 -41.72
N LEU A 260 1.95 26.23 -42.02
CA LEU A 260 2.53 26.41 -43.34
C LEU A 260 1.59 25.89 -44.41
N VAL A 261 1.10 24.65 -44.24
CA VAL A 261 0.29 24.02 -45.28
C VAL A 261 -0.96 24.88 -45.52
N GLU A 262 -1.59 25.28 -44.41
CA GLU A 262 -2.81 26.08 -44.41
C GLU A 262 -2.58 27.43 -45.10
N ASN A 263 -1.37 27.98 -44.99
CA ASN A 263 -1.09 29.31 -45.51
C ASN A 263 -0.28 29.23 -46.81
N LYS A 264 -0.46 28.14 -47.58
CA LYS A 264 -0.04 28.05 -48.99
C LYS A 264 1.48 28.12 -49.14
N TYR A 265 2.25 27.64 -48.15
CA TYR A 265 3.69 27.43 -48.29
C TYR A 265 3.98 25.96 -48.64
N ASP A 266 4.34 25.66 -49.90
CA ASP A 266 4.24 24.30 -50.41
C ASP A 266 5.48 23.88 -51.20
N VAL A 267 5.40 22.71 -51.86
CA VAL A 267 6.53 22.10 -52.54
C VAL A 267 6.85 22.83 -53.84
N ALA A 268 5.92 23.67 -54.30
CA ALA A 268 6.20 24.52 -55.44
C ALA A 268 7.43 25.38 -55.14
N ASP A 269 7.68 25.66 -53.85
CA ASP A 269 8.67 26.63 -53.39
C ASP A 269 8.76 26.59 -51.86
N PRO A 270 9.39 25.53 -51.27
CA PRO A 270 9.34 25.32 -49.83
C PRO A 270 10.48 26.06 -49.12
N PRO A 271 10.22 26.57 -47.89
CA PRO A 271 11.28 27.17 -47.07
C PRO A 271 12.34 26.10 -46.81
N PRO A 272 13.55 26.49 -46.38
CA PRO A 272 14.54 25.51 -45.91
C PRO A 272 13.99 24.65 -44.75
N PRO A 273 14.38 23.36 -44.69
CA PRO A 273 13.95 22.46 -43.62
C PRO A 273 14.08 23.11 -42.25
N TRP A 274 15.26 23.69 -42.01
CA TRP A 274 15.54 24.24 -40.71
C TRP A 274 14.57 25.37 -40.39
N GLN A 275 14.05 26.05 -41.42
CA GLN A 275 13.08 27.11 -41.18
C GLN A 275 11.70 26.48 -40.95
N VAL A 276 11.43 25.36 -41.63
CA VAL A 276 10.19 24.63 -41.42
C VAL A 276 10.08 24.13 -39.98
N TYR A 277 11.21 23.84 -39.31
CA TYR A 277 11.20 23.31 -37.96
C TYR A 277 11.54 24.36 -36.90
N LEU A 278 11.57 25.65 -37.28
CA LEU A 278 11.73 26.74 -36.34
C LEU A 278 10.36 27.13 -35.81
N LEU A 279 10.19 27.13 -34.49
CA LEU A 279 8.85 27.42 -33.99
C LEU A 279 8.58 28.90 -34.14
N ALA A 280 7.32 29.25 -34.40
CA ALA A 280 6.86 30.62 -34.27
C ALA A 280 7.03 31.09 -32.83
N ASN A 281 7.61 32.27 -32.65
CA ASN A 281 7.94 32.80 -31.34
C ASN A 281 6.65 33.20 -30.62
N LYS A 282 6.42 32.71 -29.39
CA LYS A 282 5.25 33.08 -28.61
C LYS A 282 5.58 32.95 -27.13
N PRO A 283 6.46 33.82 -26.58
CA PRO A 283 6.80 33.75 -25.16
C PRO A 283 5.61 34.31 -24.39
N GLY A 284 5.63 34.06 -23.10
CA GLY A 284 4.50 34.32 -22.24
C GLY A 284 4.72 33.62 -20.92
N SER A 285 3.60 33.30 -20.26
CA SER A 285 3.72 32.53 -19.05
C SER A 285 3.03 31.19 -19.25
N GLY A 286 3.48 30.22 -18.45
CA GLY A 286 3.01 28.85 -18.49
C GLY A 286 3.96 27.95 -17.72
N ASN A 287 3.64 26.66 -17.68
CA ASN A 287 4.45 25.70 -16.94
C ASN A 287 5.43 24.96 -17.87
N VAL A 288 5.39 25.26 -19.19
CA VAL A 288 6.41 24.76 -20.09
C VAL A 288 6.97 25.90 -20.94
N HIS A 289 8.29 25.94 -21.10
CA HIS A 289 8.91 26.94 -21.96
C HIS A 289 9.91 26.28 -22.89
N ILE A 290 9.67 26.38 -24.20
CA ILE A 290 10.58 25.79 -25.17
C ILE A 290 11.48 26.89 -25.76
N VAL A 291 12.78 26.76 -25.52
CA VAL A 291 13.76 27.68 -26.08
C VAL A 291 14.52 26.94 -27.19
N GLN A 292 14.52 27.54 -28.39
CA GLN A 292 15.02 26.87 -29.58
C GLN A 292 15.97 27.78 -30.34
N LYS A 293 17.11 27.22 -30.74
CA LYS A 293 18.13 27.85 -31.57
C LYS A 293 18.48 26.93 -32.75
N VAL A 294 18.95 27.53 -33.84
CA VAL A 294 19.53 26.76 -34.92
C VAL A 294 20.94 27.29 -35.13
N PHE A 295 21.89 26.37 -35.23
CA PHE A 295 23.26 26.77 -35.50
C PHE A 295 23.72 26.14 -36.82
N GLU A 296 24.54 26.92 -37.54
CA GLU A 296 25.37 26.40 -38.62
C GLU A 296 26.82 26.32 -38.12
N GLY A 297 27.37 25.11 -38.15
CA GLY A 297 28.72 24.88 -37.65
C GLY A 297 28.78 24.80 -36.13
N ASP A 298 29.98 25.04 -35.58
CA ASP A 298 30.18 24.88 -34.16
C ASP A 298 29.37 25.94 -33.45
N PHE A 299 28.92 25.61 -32.23
CA PHE A 299 28.09 26.51 -31.46
C PHE A 299 28.34 26.30 -29.97
N GLU A 300 27.92 27.29 -29.17
CA GLU A 300 27.92 27.18 -27.72
C GLU A 300 26.99 28.24 -27.14
N PHE A 301 26.41 27.94 -25.97
CA PHE A 301 25.54 28.85 -25.23
C PHE A 301 25.51 28.42 -23.77
N ASP A 302 24.95 29.29 -22.92
CA ASP A 302 25.04 29.11 -21.48
C ASP A 302 23.65 29.19 -20.86
N ILE A 303 23.44 28.40 -19.81
CA ILE A 303 22.26 28.57 -18.96
C ILE A 303 22.74 29.08 -17.60
N LEU A 304 22.16 30.20 -17.18
CA LEU A 304 22.48 30.80 -15.89
C LEU A 304 21.22 30.89 -15.03
N PHE A 305 21.17 30.00 -14.02
CA PHE A 305 20.14 29.99 -13.01
C PHE A 305 20.63 30.79 -11.80
N SER A 306 19.89 31.84 -11.44
CA SER A 306 20.30 32.70 -10.34
C SER A 306 19.18 32.74 -9.30
N SER A 307 19.47 32.18 -8.12
CA SER A 307 18.57 32.29 -6.98
C SER A 307 18.58 33.73 -6.52
N GLU A 308 17.41 34.37 -6.48
CA GLU A 308 17.33 35.80 -6.08
C GLU A 308 17.65 35.93 -4.60
N SER A 309 17.53 34.81 -3.89
CA SER A 309 17.77 34.62 -2.44
C SER A 309 19.24 34.92 -2.12
N ALA A 310 20.15 34.65 -3.05
CA ALA A 310 21.60 34.90 -2.97
C ALA A 310 21.95 36.33 -3.37
N GLY A 311 23.20 36.60 -3.67
CA GLY A 311 23.57 37.98 -4.00
C GLY A 311 23.29 38.39 -5.43
N LYS A 312 24.31 38.87 -6.11
CA LYS A 312 24.12 39.31 -7.51
C LYS A 312 23.86 38.09 -8.40
N GLU A 313 23.16 38.28 -9.51
CA GLU A 313 22.84 37.17 -10.42
C GLU A 313 24.10 36.57 -11.04
N VAL A 314 24.07 35.27 -11.32
CA VAL A 314 25.20 34.50 -11.93
C VAL A 314 25.46 35.03 -13.34
N THR A 315 26.73 35.06 -13.74
CA THR A 315 27.10 35.53 -15.09
C THR A 315 27.92 34.45 -15.79
N SER A 316 28.09 34.60 -17.10
CA SER A 316 28.91 33.64 -17.84
C SER A 316 30.34 33.64 -17.30
N LYS A 317 30.88 34.81 -16.91
CA LYS A 317 32.26 34.87 -16.45
C LYS A 317 32.38 34.07 -15.15
N ASP A 318 31.29 34.05 -14.36
CA ASP A 318 31.21 33.23 -13.16
C ASP A 318 31.32 31.75 -13.51
N LEU A 319 30.60 31.36 -14.59
CA LEU A 319 30.51 29.99 -15.02
C LEU A 319 31.92 29.49 -15.32
N GLU A 320 32.71 30.33 -16.00
CA GLU A 320 34.03 29.92 -16.45
C GLU A 320 34.93 29.71 -15.22
N ARG A 321 34.85 30.65 -14.26
CA ARG A 321 35.74 30.61 -13.10
C ARG A 321 35.42 29.37 -12.26
N GLU A 322 34.12 29.17 -12.01
CA GLU A 322 33.67 28.14 -11.10
C GLU A 322 33.95 26.77 -11.70
N VAL A 323 33.82 26.65 -13.02
CA VAL A 323 34.15 25.42 -13.72
C VAL A 323 35.63 25.11 -13.49
N LYS A 324 36.49 26.11 -13.74
CA LYS A 324 37.93 25.90 -13.68
C LYS A 324 38.32 25.43 -12.29
N GLN A 325 37.68 26.03 -11.28
CA GLN A 325 38.04 25.84 -9.90
C GLN A 325 37.61 24.45 -9.45
N ALA A 326 36.39 24.04 -9.86
CA ALA A 326 35.89 22.72 -9.52
C ALA A 326 36.80 21.62 -10.07
N THR A 327 37.35 21.83 -11.28
CA THR A 327 38.31 20.90 -11.86
C THR A 327 39.50 20.73 -10.91
N GLU A 328 40.05 21.84 -10.42
CA GLU A 328 41.22 21.80 -9.56
C GLU A 328 40.88 21.01 -8.30
N VAL A 329 39.68 21.27 -7.74
CA VAL A 329 39.22 20.60 -6.54
C VAL A 329 39.05 19.10 -6.79
N PHE A 330 38.47 18.72 -7.94
CA PHE A 330 38.35 17.32 -8.32
C PHE A 330 39.73 16.66 -8.36
N GLY A 331 40.67 17.30 -9.07
CA GLY A 331 42.05 16.83 -9.17
C GLY A 331 42.66 16.45 -7.83
N GLU A 332 42.69 17.41 -6.88
CA GLU A 332 43.27 17.25 -5.56
C GLU A 332 42.64 16.05 -4.86
N ARG A 333 41.29 16.05 -4.79
CA ARG A 333 40.52 15.06 -4.04
C ARG A 333 40.77 13.66 -4.58
N PHE A 334 40.80 13.54 -5.91
CA PHE A 334 41.02 12.23 -6.50
C PHE A 334 42.32 11.63 -5.97
N ALA A 335 43.40 12.38 -6.08
CA ALA A 335 44.73 11.86 -5.80
C ALA A 335 44.84 11.45 -4.33
N ARG A 336 44.00 12.08 -3.48
CA ARG A 336 43.99 11.85 -2.03
C ARG A 336 43.15 10.62 -1.71
N VAL A 337 41.98 10.52 -2.34
CA VAL A 337 40.98 9.51 -2.04
C VAL A 337 41.19 8.24 -2.88
N PHE A 338 41.72 8.40 -4.10
CA PHE A 338 41.94 7.31 -5.02
C PHE A 338 43.38 7.35 -5.52
N ASP A 339 44.27 7.07 -4.58
CA ASP A 339 45.68 6.89 -4.85
C ASP A 339 45.87 5.47 -5.40
N LEU A 340 46.10 5.39 -6.71
CA LEU A 340 46.23 4.08 -7.34
C LEU A 340 47.61 3.51 -7.01
N LYS A 341 47.62 2.27 -6.53
CA LYS A 341 48.85 1.60 -6.12
C LYS A 341 49.36 0.68 -7.25
N ALA A 342 50.63 0.30 -7.17
CA ALA A 342 51.23 -0.50 -8.24
C ALA A 342 50.38 -1.74 -8.53
N PRO A 343 50.34 -2.25 -9.78
CA PRO A 343 51.04 -1.64 -10.91
C PRO A 343 50.23 -0.62 -11.74
N PHE A 344 49.46 0.24 -11.05
CA PHE A 344 48.49 1.08 -11.73
C PHE A 344 48.73 2.55 -11.42
N GLN A 345 49.99 2.92 -11.18
CA GLN A 345 50.32 4.27 -10.76
C GLN A 345 50.29 5.20 -11.98
N GLY A 346 50.36 4.61 -13.18
CA GLY A 346 50.50 5.33 -14.43
C GLY A 346 49.30 6.25 -14.70
N ASP A 347 49.53 7.28 -15.53
CA ASP A 347 48.54 8.27 -15.91
C ASP A 347 47.40 7.62 -16.70
N ASN A 348 47.73 6.61 -17.50
CA ASN A 348 46.72 5.95 -18.32
C ASN A 348 45.65 5.35 -17.39
N TYR A 349 46.12 4.78 -16.27
CA TYR A 349 45.24 4.19 -15.27
C TYR A 349 44.54 5.28 -14.45
N LYS A 350 45.21 6.43 -14.29
CA LYS A 350 44.57 7.55 -13.62
C LYS A 350 43.38 8.02 -14.47
N LYS A 351 43.59 8.20 -15.78
CA LYS A 351 42.49 8.63 -16.62
C LYS A 351 41.34 7.61 -16.50
N PHE A 352 41.70 6.32 -16.50
CA PHE A 352 40.72 5.24 -16.45
C PHE A 352 39.89 5.32 -15.18
N GLY A 353 40.58 5.43 -14.03
CA GLY A 353 39.92 5.52 -12.72
C GLY A 353 38.98 6.72 -12.63
N LYS A 354 39.43 7.87 -13.16
CA LYS A 354 38.66 9.11 -13.18
C LYS A 354 37.37 8.93 -14.00
N SER A 355 37.47 8.18 -15.11
CA SER A 355 36.31 7.93 -15.96
C SER A 355 35.34 6.97 -15.28
N MET A 356 35.88 5.93 -14.64
CA MET A 356 35.02 4.95 -14.00
C MET A 356 34.34 5.58 -12.80
N PHE A 357 35.03 6.52 -12.13
CA PHE A 357 34.47 7.07 -10.91
C PHE A 357 33.44 8.14 -11.25
N SER A 358 33.78 9.03 -12.19
CA SER A 358 32.89 10.14 -12.52
C SER A 358 31.57 9.63 -13.10
N ASN A 359 31.62 8.51 -13.84
CA ASN A 359 30.43 7.93 -14.43
C ASN A 359 29.54 7.26 -13.38
N LEU A 360 30.16 6.63 -12.38
CA LEU A 360 29.39 6.06 -11.29
C LEU A 360 28.68 7.17 -10.54
N ILE A 361 29.45 8.17 -10.06
CA ILE A 361 28.90 9.17 -9.15
C ILE A 361 28.03 10.12 -9.93
N GLY A 362 28.37 10.33 -11.21
CA GLY A 362 27.63 11.18 -12.11
C GLY A 362 26.25 10.63 -12.47
N GLY A 363 26.03 9.36 -12.21
CA GLY A 363 24.73 8.78 -12.48
C GLY A 363 23.68 9.11 -11.41
N ILE A 364 24.10 9.78 -10.31
CA ILE A 364 23.19 10.07 -9.21
C ILE A 364 21.95 10.77 -9.77
N GLY A 365 20.80 10.39 -9.23
CA GLY A 365 19.55 10.99 -9.66
C GLY A 365 18.60 11.24 -8.48
N TYR A 366 17.66 12.14 -8.72
CA TYR A 366 16.52 12.33 -7.84
C TYR A 366 15.28 11.83 -8.58
N PHE A 367 14.56 10.89 -7.96
CA PHE A 367 13.33 10.36 -8.54
C PHE A 367 12.15 10.63 -7.60
N TYR A 368 10.94 10.82 -8.19
CA TYR A 368 9.72 11.19 -7.47
C TYR A 368 8.48 10.64 -8.18
N GLY A 369 7.60 9.97 -7.41
CA GLY A 369 6.31 9.55 -7.96
C GLY A 369 5.74 8.32 -7.28
N HIS A 370 4.75 7.70 -7.94
CA HIS A 370 4.14 6.49 -7.42
C HIS A 370 4.93 5.28 -7.90
N SER A 371 4.98 4.24 -7.06
CA SER A 371 5.37 2.88 -7.39
C SER A 371 4.13 2.07 -7.71
N LEU A 372 4.33 0.93 -8.40
CA LEU A 372 3.28 -0.06 -8.58
C LEU A 372 3.60 -1.29 -7.71
N VAL A 373 2.73 -1.54 -6.72
CA VAL A 373 2.90 -2.58 -5.72
C VAL A 373 1.64 -3.43 -5.63
N ASP A 374 1.84 -4.74 -5.48
CA ASP A 374 0.77 -5.67 -5.15
C ASP A 374 0.68 -5.78 -3.64
N ARG A 375 -0.40 -5.22 -3.06
CA ARG A 375 -0.48 -5.12 -1.60
C ARG A 375 -1.48 -6.16 -1.09
N SER A 376 -1.93 -7.04 -2.00
CA SER A 376 -2.82 -8.14 -1.68
C SER A 376 -2.21 -9.08 -0.61
N TYR A 377 -0.89 -9.30 -0.62
CA TYR A 377 -0.34 -10.32 0.28
C TYR A 377 -1.09 -11.65 0.04
N ALA A 378 -1.40 -11.95 -1.24
CA ALA A 378 -2.03 -13.22 -1.55
C ALA A 378 -1.32 -14.36 -0.83
N PRO A 379 -2.08 -15.31 -0.24
CA PRO A 379 -1.48 -16.46 0.42
C PRO A 379 -0.50 -17.28 -0.44
N GLU A 380 -0.64 -17.20 -1.78
CA GLU A 380 0.15 -18.00 -2.69
C GLU A 380 1.61 -17.52 -2.72
N TYR A 381 1.84 -16.32 -2.21
CA TYR A 381 3.16 -15.71 -2.14
C TYR A 381 3.89 -16.25 -0.91
N ASP A 382 3.20 -17.09 -0.14
CA ASP A 382 3.79 -17.68 1.05
C ASP A 382 4.73 -18.79 0.59
N GLU A 383 4.47 -19.27 -0.64
CA GLU A 383 5.27 -20.24 -1.39
C GLU A 383 5.53 -21.46 -0.50
N GLU A 384 4.44 -22.14 -0.08
CA GLU A 384 4.53 -23.20 0.91
C GLU A 384 4.28 -24.55 0.27
N ASN A 385 3.84 -24.54 -0.99
CA ASN A 385 3.53 -25.75 -1.73
C ASN A 385 4.68 -26.15 -2.65
N GLU A 386 4.69 -27.42 -3.02
CA GLU A 386 5.35 -27.84 -4.25
C GLU A 386 4.58 -27.23 -5.43
N GLY A 387 5.31 -26.67 -6.40
CA GLY A 387 4.65 -26.11 -7.58
C GLY A 387 4.24 -24.65 -7.35
N PHE A 388 4.78 -24.02 -6.29
CA PHE A 388 4.33 -22.73 -5.80
C PHE A 388 4.40 -21.65 -6.87
N TRP A 389 5.21 -21.87 -7.90
CA TRP A 389 5.44 -20.85 -8.92
C TRP A 389 4.19 -20.66 -9.78
N GLU A 390 3.42 -21.75 -9.96
CA GLU A 390 2.15 -21.69 -10.67
C GLU A 390 1.09 -20.98 -9.83
N ASP A 391 1.15 -21.17 -8.50
CA ASP A 391 0.25 -20.48 -7.60
C ASP A 391 0.51 -18.98 -7.70
N ALA A 392 1.78 -18.58 -7.54
CA ALA A 392 2.12 -17.17 -7.48
C ALA A 392 1.76 -16.46 -8.79
N ALA A 393 1.78 -17.21 -9.90
CA ALA A 393 1.42 -16.68 -11.20
C ALA A 393 -0.08 -16.43 -11.30
N GLU A 394 -0.87 -17.30 -10.67
CA GLU A 394 -2.31 -17.15 -10.58
C GLU A 394 -2.69 -15.87 -9.83
N ALA A 395 -1.99 -15.57 -8.73
CA ALA A 395 -2.28 -14.40 -7.90
C ALA A 395 -1.88 -13.12 -8.64
N ARG A 396 -0.77 -13.21 -9.38
CA ARG A 396 -0.35 -12.13 -10.25
C ARG A 396 -1.41 -11.88 -11.32
N ALA A 397 -2.06 -12.97 -11.78
CA ALA A 397 -3.05 -12.87 -12.83
C ALA A 397 -4.31 -12.17 -12.32
N ARG A 398 -4.35 -11.85 -11.03
CA ARG A 398 -5.51 -11.23 -10.42
C ARG A 398 -5.39 -9.71 -10.56
N HIS A 399 -4.15 -9.22 -10.64
CA HIS A 399 -3.85 -7.82 -10.91
C HIS A 399 -4.46 -6.92 -9.83
N GLN A 400 -3.97 -7.07 -8.61
CA GLN A 400 -4.43 -6.30 -7.47
C GLN A 400 -3.45 -5.15 -7.21
N GLU A 401 -2.40 -5.07 -8.03
CA GLU A 401 -1.39 -4.06 -7.81
C GLU A 401 -2.07 -2.71 -8.00
N ALA A 402 -1.70 -1.72 -7.17
CA ALA A 402 -2.17 -0.35 -7.34
C ALA A 402 -0.98 0.61 -7.27
N LEU A 403 -1.16 1.83 -7.78
CA LEU A 403 -0.13 2.83 -7.59
C LEU A 403 -0.15 3.27 -6.13
N GLU A 404 1.02 3.50 -5.53
CA GLU A 404 1.02 4.08 -4.20
C GLU A 404 2.20 5.04 -4.08
N GLY A 405 2.20 5.86 -3.02
CA GLY A 405 3.20 6.91 -2.82
C GLY A 405 2.51 8.27 -2.64
N PRO A 406 3.04 9.38 -3.20
CA PRO A 406 4.26 9.35 -4.01
C PRO A 406 5.47 9.15 -3.12
N TYR A 407 6.57 8.66 -3.70
CA TYR A 407 7.82 8.46 -2.98
C TYR A 407 8.92 9.27 -3.67
N GLU A 408 10.03 9.45 -2.95
CA GLU A 408 11.21 10.07 -3.53
C GLU A 408 12.42 9.18 -3.24
N LEU A 409 13.39 9.19 -4.14
CA LEU A 409 14.67 8.53 -3.87
C LEU A 409 15.79 9.34 -4.51
N PHE A 410 16.84 9.57 -3.72
CA PHE A 410 18.11 10.10 -4.16
C PHE A 410 19.10 8.92 -4.22
N THR A 411 19.55 8.56 -5.43
CA THR A 411 20.37 7.37 -5.58
C THR A 411 21.25 7.41 -6.82
N SER A 412 22.36 6.68 -6.78
CA SER A 412 23.11 6.34 -7.98
C SER A 412 22.46 5.12 -8.67
N ILE A 413 22.95 4.72 -9.84
CA ILE A 413 22.14 3.88 -10.74
C ILE A 413 23.07 2.96 -11.53
N PRO A 414 22.59 1.79 -11.97
CA PRO A 414 23.45 0.87 -12.73
C PRO A 414 23.83 1.30 -14.13
N SER A 415 22.88 1.89 -14.88
CA SER A 415 23.07 2.19 -16.30
C SER A 415 22.15 3.34 -16.74
N ARG A 416 22.73 4.43 -17.27
CA ARG A 416 21.94 5.54 -17.77
C ARG A 416 21.01 5.08 -18.88
N PRO A 417 21.49 4.46 -19.99
CA PRO A 417 20.62 4.06 -21.08
C PRO A 417 19.67 2.90 -20.80
N PHE A 418 20.01 2.01 -19.85
CA PHE A 418 19.20 0.81 -19.67
C PHE A 418 18.51 0.74 -18.30
N PHE A 419 19.19 1.20 -17.24
CA PHE A 419 18.67 0.95 -15.90
C PHE A 419 18.68 2.21 -15.04
N PRO A 420 18.09 3.34 -15.49
CA PRO A 420 18.23 4.61 -14.78
C PRO A 420 17.28 4.68 -13.59
N ARG A 421 17.56 3.84 -12.60
CA ARG A 421 16.72 3.82 -11.40
C ARG A 421 17.44 3.04 -10.32
N GLY A 422 16.94 3.18 -9.08
CA GLY A 422 17.58 2.61 -7.90
C GLY A 422 17.37 1.10 -7.87
N PHE A 423 18.47 0.35 -7.75
CA PHE A 423 18.39 -1.07 -7.48
C PHE A 423 19.05 -1.35 -6.13
N LEU A 424 18.32 -2.08 -5.27
CA LEU A 424 18.66 -2.20 -3.85
C LEU A 424 20.06 -2.78 -3.63
N TRP A 425 20.36 -3.99 -4.14
CA TRP A 425 21.67 -4.58 -3.85
C TRP A 425 22.77 -3.93 -4.67
N ASP A 426 22.40 -3.35 -5.83
CA ASP A 426 23.33 -2.60 -6.65
C ASP A 426 23.91 -1.45 -5.83
N GLU A 427 23.02 -0.71 -5.16
CA GLU A 427 23.46 0.53 -4.53
C GLU A 427 24.48 0.20 -3.45
N GLY A 428 24.33 -0.98 -2.84
CA GLY A 428 25.34 -1.52 -1.95
C GLY A 428 26.74 -1.38 -2.54
N PHE A 429 26.90 -1.71 -3.83
CA PHE A 429 28.20 -1.65 -4.48
C PHE A 429 28.51 -0.23 -4.94
N HIS A 430 27.51 0.48 -5.48
CA HIS A 430 27.73 1.83 -5.97
C HIS A 430 28.35 2.69 -4.88
N LEU A 431 27.94 2.46 -3.63
CA LEU A 431 28.24 3.45 -2.60
C LEU A 431 29.62 3.23 -2.00
N LEU A 432 30.27 2.11 -2.35
CA LEU A 432 31.50 1.80 -1.67
C LEU A 432 32.58 2.80 -2.08
N PRO A 433 32.71 3.14 -3.38
CA PRO A 433 33.68 4.15 -3.80
C PRO A 433 33.14 5.54 -3.50
N ILE A 434 31.82 5.70 -3.61
CA ILE A 434 31.20 6.99 -3.35
C ILE A 434 31.51 7.41 -1.91
N ALA A 435 31.36 6.46 -0.99
CA ALA A 435 31.60 6.64 0.43
C ALA A 435 33.02 7.18 0.67
N ASP A 436 33.99 6.59 -0.03
CA ASP A 436 35.36 7.07 0.10
C ASP A 436 35.37 8.56 -0.23
N TRP A 437 34.79 8.90 -1.37
CA TRP A 437 34.80 10.27 -1.91
C TRP A 437 34.05 11.25 -1.00
N ASP A 438 32.86 10.88 -0.58
CA ASP A 438 32.04 11.78 0.25
C ASP A 438 31.21 10.89 1.15
N ILE A 439 31.65 10.64 2.38
CA ILE A 439 30.86 9.76 3.28
C ILE A 439 29.49 10.39 3.57
N ASP A 440 29.45 11.70 3.75
CA ASP A 440 28.16 12.39 4.02
C ASP A 440 27.24 12.20 2.82
N LEU A 441 27.81 12.14 1.64
CA LEU A 441 27.01 11.89 0.46
C LEU A 441 26.44 10.49 0.59
N ALA A 442 27.30 9.51 0.92
CA ALA A 442 26.85 8.13 0.87
C ALA A 442 25.72 7.93 1.87
N LEU A 443 25.86 8.53 3.06
CA LEU A 443 24.87 8.40 4.11
C LEU A 443 23.53 9.06 3.73
N GLU A 444 23.57 10.16 2.97
CA GLU A 444 22.33 10.72 2.46
C GLU A 444 21.61 9.67 1.61
N ILE A 445 22.36 8.97 0.77
CA ILE A 445 21.72 8.09 -0.18
C ILE A 445 21.16 6.89 0.59
N ILE A 446 21.92 6.42 1.59
CA ILE A 446 21.42 5.36 2.45
C ILE A 446 20.13 5.84 3.12
N LYS A 447 20.18 7.05 3.70
CA LYS A 447 19.03 7.60 4.41
C LYS A 447 17.84 7.60 3.47
N SER A 448 18.10 8.05 2.23
CA SER A 448 17.05 8.16 1.24
C SER A 448 16.41 6.78 1.01
N TRP A 449 17.26 5.78 0.85
CA TRP A 449 16.77 4.40 0.58
C TRP A 449 15.95 3.87 1.74
N TYR A 450 16.48 4.00 2.95
CA TYR A 450 15.84 3.47 4.19
C TYR A 450 14.51 4.14 4.52
N ASN A 451 14.27 5.36 4.06
CA ASN A 451 13.01 6.11 4.26
C ASN A 451 11.85 5.53 3.43
N LEU A 452 12.13 4.67 2.45
CA LEU A 452 11.10 4.03 1.61
C LEU A 452 10.55 2.78 2.30
N MET A 453 11.21 2.33 3.35
CA MET A 453 10.82 1.07 4.05
C MET A 453 9.40 1.15 4.56
N ASP A 454 8.58 0.11 4.36
CA ASP A 454 7.21 0.02 4.86
C ASP A 454 7.24 -0.46 6.31
N GLU A 455 6.07 -0.50 6.97
CA GLU A 455 6.00 -0.82 8.39
C GLU A 455 6.55 -2.23 8.68
N ASP A 456 6.41 -3.16 7.71
CA ASP A 456 6.87 -4.54 7.86
C ASP A 456 8.40 -4.66 7.86
N GLY A 457 9.11 -3.72 7.18
CA GLY A 457 10.56 -3.78 7.01
C GLY A 457 11.01 -4.01 5.56
N TRP A 458 10.09 -3.92 4.60
CA TRP A 458 10.34 -4.18 3.18
C TRP A 458 10.68 -2.89 2.45
N ILE A 459 11.71 -2.97 1.60
CA ILE A 459 12.04 -2.02 0.55
C ILE A 459 12.02 -2.77 -0.79
N ALA A 460 11.28 -2.26 -1.77
CA ALA A 460 11.23 -2.90 -3.09
C ALA A 460 12.63 -2.88 -3.71
N ARG A 461 13.00 -3.98 -4.38
CA ARG A 461 14.38 -4.15 -4.82
C ARG A 461 14.65 -3.20 -5.99
N GLU A 462 13.58 -2.73 -6.64
CA GLU A 462 13.65 -1.90 -7.84
C GLU A 462 12.75 -0.67 -7.63
N GLN A 463 13.31 0.53 -7.71
CA GLN A 463 12.55 1.72 -7.38
C GLN A 463 12.16 2.47 -8.65
N ILE A 464 10.95 2.21 -9.14
CA ILE A 464 10.42 2.87 -10.33
C ILE A 464 9.41 3.94 -9.89
N LEU A 465 9.89 5.20 -9.77
CA LEU A 465 9.12 6.28 -9.16
C LEU A 465 8.64 7.28 -10.21
N GLY A 466 7.35 7.24 -10.52
CA GLY A 466 6.82 8.23 -11.44
C GLY A 466 6.67 7.65 -12.84
N ALA A 467 5.84 8.32 -13.65
CA ALA A 467 5.52 7.94 -15.01
C ALA A 467 6.78 8.07 -15.88
N GLU A 468 7.61 9.07 -15.60
CA GLU A 468 8.85 9.23 -16.31
C GLU A 468 9.67 7.96 -16.16
N ALA A 469 9.90 7.56 -14.90
CA ALA A 469 10.74 6.40 -14.60
C ALA A 469 10.12 5.11 -15.16
N ARG A 470 8.78 5.01 -15.15
CA ARG A 470 8.05 3.89 -15.75
C ARG A 470 8.22 3.83 -17.27
N SER A 471 8.64 4.94 -17.91
CA SER A 471 8.62 4.95 -19.36
C SER A 471 9.71 4.04 -19.93
N LYS A 472 10.72 3.72 -19.14
CA LYS A 472 11.90 2.99 -19.59
C LYS A 472 11.91 1.58 -18.97
N VAL A 473 10.72 1.06 -18.69
CA VAL A 473 10.55 -0.20 -17.98
C VAL A 473 9.32 -0.91 -18.55
N PRO A 474 9.43 -2.19 -18.99
CA PRO A 474 8.28 -2.88 -19.57
C PRO A 474 7.27 -3.22 -18.48
N LYS A 475 5.97 -3.22 -18.82
CA LYS A 475 4.89 -3.34 -17.85
C LYS A 475 5.13 -4.55 -16.93
N GLU A 476 5.50 -5.69 -17.53
CA GLU A 476 5.85 -6.94 -16.86
C GLU A 476 6.80 -6.78 -15.67
N PHE A 477 7.62 -5.71 -15.64
CA PHE A 477 8.68 -5.65 -14.65
C PHE A 477 8.39 -4.56 -13.62
N GLN A 478 7.26 -3.87 -13.78
CA GLN A 478 6.99 -2.68 -12.99
C GLN A 478 6.56 -3.02 -11.58
N THR A 479 5.75 -4.08 -11.44
CA THR A 479 5.05 -4.37 -10.20
C THR A 479 6.05 -4.88 -9.16
N GLN A 480 6.05 -4.27 -7.98
CA GLN A 480 6.86 -4.79 -6.87
C GLN A 480 6.00 -5.69 -5.98
N TYR A 481 6.69 -6.59 -5.27
CA TYR A 481 6.03 -7.59 -4.45
C TYR A 481 6.65 -7.54 -3.06
N PRO A 482 5.83 -7.31 -2.00
CA PRO A 482 6.38 -7.21 -0.64
C PRO A 482 7.10 -8.44 -0.11
N HIS A 483 6.98 -9.60 -0.79
CA HIS A 483 7.71 -10.80 -0.38
C HIS A 483 9.07 -10.98 -1.06
N TYR A 484 9.45 -10.05 -1.96
CA TYR A 484 10.70 -10.18 -2.72
C TYR A 484 11.83 -9.38 -2.05
N ALA A 485 12.87 -10.07 -1.58
CA ALA A 485 14.00 -9.40 -0.97
C ALA A 485 15.05 -9.14 -2.06
N ASN A 486 16.24 -8.73 -1.59
CA ASN A 486 17.39 -8.43 -2.41
C ASN A 486 18.58 -8.33 -1.46
N PRO A 487 19.82 -8.72 -1.86
CA PRO A 487 20.93 -8.72 -0.91
C PRO A 487 21.02 -7.39 -0.16
N PRO A 488 21.25 -7.40 1.17
CA PRO A 488 21.43 -6.17 1.93
C PRO A 488 22.85 -5.63 1.83
N THR A 489 23.31 -5.37 0.59
CA THR A 489 24.67 -4.90 0.38
C THR A 489 24.91 -3.52 0.98
N LEU A 490 23.81 -2.84 1.32
CA LEU A 490 23.99 -1.51 1.89
C LEU A 490 24.64 -1.60 3.27
N PHE A 491 24.50 -2.75 3.94
CA PHE A 491 25.12 -2.91 5.25
C PHE A 491 26.64 -2.89 5.12
N LEU A 492 27.16 -3.39 4.00
CA LEU A 492 28.59 -3.30 3.75
C LEU A 492 29.07 -1.87 3.96
N VAL A 493 28.32 -0.89 3.40
CA VAL A 493 28.83 0.46 3.36
C VAL A 493 28.84 0.98 4.78
N LEU A 494 27.74 0.70 5.49
CA LEU A 494 27.59 1.02 6.90
C LEU A 494 28.78 0.48 7.67
N ASP A 495 29.15 -0.78 7.41
CA ASP A 495 30.31 -1.42 8.02
C ASP A 495 31.56 -0.55 7.91
N ASN A 496 31.81 0.00 6.71
CA ASN A 496 32.99 0.81 6.41
C ASN A 496 32.94 2.13 7.18
N PHE A 497 31.71 2.63 7.39
CA PHE A 497 31.53 3.90 8.06
C PHE A 497 31.82 3.73 9.55
N VAL A 498 31.27 2.65 10.13
CA VAL A 498 31.55 2.19 11.47
C VAL A 498 33.06 2.10 11.70
N GLU A 499 33.80 1.46 10.79
CA GLU A 499 35.23 1.27 10.99
C GLU A 499 35.96 2.61 10.87
N ARG A 500 35.38 3.54 10.12
CA ARG A 500 35.98 4.84 9.91
C ARG A 500 35.66 5.75 11.09
N LEU A 501 34.44 5.58 11.64
CA LEU A 501 33.94 6.34 12.77
C LEU A 501 34.70 5.97 14.04
N ARG A 502 35.08 4.69 14.17
CA ARG A 502 35.94 4.22 15.25
C ARG A 502 37.33 4.87 15.13
N LYS A 503 38.09 4.52 14.07
CA LYS A 503 39.42 5.10 13.82
C LYS A 503 39.34 6.58 13.37
N LEU A 517 34.21 24.50 2.55
CA LEU A 517 33.01 23.97 3.25
C LEU A 517 32.53 22.71 2.55
N ASP A 518 32.79 22.63 1.24
CA ASP A 518 32.47 21.43 0.48
C ASP A 518 33.36 20.28 0.96
N GLU A 519 34.60 20.63 1.38
CA GLU A 519 35.55 19.71 1.95
C GLU A 519 35.03 19.22 3.31
N THR A 520 34.68 20.16 4.19
CA THR A 520 34.24 19.91 5.56
C THR A 520 32.98 19.06 5.55
N LEU A 521 32.02 19.45 4.71
CA LEU A 521 30.71 18.82 4.65
C LEU A 521 30.85 17.34 4.33
N SER A 522 31.72 17.04 3.34
CA SER A 522 31.87 15.70 2.82
C SER A 522 32.25 14.70 3.91
N THR A 523 32.94 15.14 4.98
CA THR A 523 33.36 14.20 6.03
C THR A 523 32.80 14.54 7.43
N ALA A 524 31.81 15.44 7.51
CA ALA A 524 31.34 15.92 8.79
C ALA A 524 30.81 14.80 9.68
N SER A 525 30.45 13.67 9.06
CA SER A 525 29.73 12.62 9.80
C SER A 525 30.71 11.64 10.44
N VAL A 526 32.01 11.76 10.10
CA VAL A 526 33.05 11.03 10.82
C VAL A 526 33.88 11.97 11.69
N ASP A 527 33.97 13.25 11.31
CA ASP A 527 34.77 14.19 12.06
C ASP A 527 34.02 14.63 13.32
N ASN A 528 32.69 14.52 13.30
CA ASN A 528 31.85 14.89 14.43
C ASN A 528 31.19 13.62 14.99
N PRO A 529 31.85 12.89 15.92
CA PRO A 529 31.35 11.60 16.38
C PRO A 529 29.92 11.66 16.91
N GLU A 530 29.60 12.75 17.61
CA GLU A 530 28.25 13.04 18.05
C GLU A 530 27.29 12.86 16.87
N VAL A 531 27.71 13.34 15.70
CA VAL A 531 26.89 13.39 14.50
C VAL A 531 26.74 11.98 13.93
N GLY A 532 27.88 11.31 13.68
CA GLY A 532 27.89 9.92 13.28
C GLY A 532 26.90 9.09 14.09
N LEU A 533 27.05 9.13 15.42
CA LEU A 533 26.32 8.25 16.30
C LEU A 533 24.83 8.53 16.16
N GLU A 534 24.51 9.82 16.06
CA GLU A 534 23.12 10.23 16.03
C GLU A 534 22.48 9.64 14.78
N TYR A 535 23.23 9.67 13.65
CA TYR A 535 22.76 9.09 12.41
C TYR A 535 22.42 7.61 12.64
N LEU A 536 23.38 6.88 13.22
CA LEU A 536 23.21 5.45 13.48
C LEU A 536 22.04 5.20 14.42
N ARG A 537 21.89 6.03 15.45
CA ARG A 537 20.76 5.93 16.37
C ARG A 537 19.44 5.95 15.60
N ARG A 538 19.32 6.86 14.63
CA ARG A 538 18.04 7.03 13.94
C ARG A 538 17.82 5.89 12.95
N LEU A 539 18.91 5.39 12.34
CA LEU A 539 18.82 4.37 11.31
C LEU A 539 18.69 2.97 11.93
N TYR A 540 19.37 2.78 13.08
CA TYR A 540 19.44 1.49 13.74
C TYR A 540 18.06 0.82 13.80
N PRO A 541 17.01 1.48 14.32
CA PRO A 541 15.68 0.89 14.29
C PRO A 541 15.36 0.24 12.94
N LEU A 542 15.79 0.85 11.84
CA LEU A 542 15.29 0.41 10.54
C LEU A 542 16.11 -0.81 10.10
N LEU A 543 17.41 -0.77 10.39
CA LEU A 543 18.24 -1.93 10.18
C LEU A 543 17.61 -3.13 10.90
N ARG A 544 17.32 -2.95 12.21
CA ARG A 544 16.80 -4.06 12.98
C ARG A 544 15.46 -4.51 12.40
N ARG A 545 14.66 -3.52 11.99
CA ARG A 545 13.39 -3.87 11.42
C ARG A 545 13.62 -4.83 10.25
N GLN A 546 14.53 -4.43 9.33
CA GLN A 546 14.75 -5.13 8.08
C GLN A 546 15.30 -6.52 8.38
N PHE A 547 16.25 -6.56 9.30
CA PHE A 547 16.74 -7.84 9.79
C PHE A 547 15.57 -8.79 10.07
N ASP A 548 14.61 -8.33 10.88
CA ASP A 548 13.53 -9.17 11.37
C ASP A 548 12.65 -9.58 10.18
N TRP A 549 12.60 -8.70 9.18
CA TRP A 549 11.73 -8.86 8.02
C TRP A 549 12.21 -10.04 7.19
N PHE A 550 13.55 -10.17 7.09
CA PHE A 550 14.21 -11.30 6.44
C PHE A 550 13.83 -12.60 7.13
N ARG A 551 13.94 -12.62 8.48
CA ARG A 551 13.61 -13.78 9.29
C ARG A 551 12.10 -14.09 9.22
N LYS A 552 11.22 -13.08 9.12
CA LYS A 552 9.81 -13.42 9.00
C LYS A 552 9.46 -13.86 7.56
N THR A 553 10.09 -13.27 6.54
CA THR A 553 9.59 -13.50 5.19
C THR A 553 10.48 -14.47 4.42
N GLN A 554 11.77 -14.56 4.77
CA GLN A 554 12.67 -15.34 3.93
C GLN A 554 13.16 -16.62 4.64
N ALA A 555 12.27 -17.23 5.43
CA ALA A 555 12.60 -18.30 6.36
C ALA A 555 12.59 -19.65 5.63
N GLY A 556 13.64 -20.45 5.88
CA GLY A 556 13.70 -21.81 5.38
C GLY A 556 13.09 -22.79 6.39
N ASP A 557 12.71 -23.97 5.87
CA ASP A 557 11.99 -24.98 6.64
C ASP A 557 12.97 -26.04 7.15
N ILE A 558 13.25 -25.99 8.47
CA ILE A 558 13.99 -27.05 9.13
C ILE A 558 13.02 -28.06 9.72
N LYS A 559 12.17 -27.60 10.66
CA LYS A 559 11.52 -28.45 11.65
C LYS A 559 10.62 -29.51 10.99
N SER A 560 10.39 -29.40 9.68
CA SER A 560 9.34 -30.19 9.07
C SER A 560 9.90 -31.33 8.21
N TYR A 561 11.21 -31.58 8.31
CA TYR A 561 11.81 -32.63 7.49
C TYR A 561 12.80 -33.41 8.37
N ASP A 562 13.52 -34.35 7.75
CA ASP A 562 14.61 -35.07 8.40
C ASP A 562 15.89 -34.23 8.41
N ARG A 563 15.92 -33.15 9.22
CA ARG A 563 16.98 -32.15 9.17
C ARG A 563 17.50 -31.90 10.59
N GLU A 564 18.69 -32.43 10.88
CA GLU A 564 19.34 -32.13 12.15
C GLU A 564 20.35 -31.02 11.89
N ALA A 565 20.49 -30.12 12.87
CA ALA A 565 21.52 -29.09 12.82
C ALA A 565 21.53 -28.32 14.14
N TYR A 566 22.55 -27.51 14.32
CA TYR A 566 22.90 -26.98 15.63
C TYR A 566 21.83 -26.01 16.15
N SER A 567 21.12 -25.34 15.23
CA SER A 567 20.05 -24.42 15.57
C SER A 567 18.79 -24.83 14.83
N THR A 568 17.64 -24.69 15.53
CA THR A 568 16.35 -25.02 14.94
C THR A 568 15.88 -23.83 14.10
N LYS A 569 16.45 -22.66 14.38
CA LYS A 569 15.93 -21.38 13.92
C LYS A 569 16.47 -21.05 12.52
N GLU A 570 17.78 -21.27 12.32
CA GLU A 570 18.54 -20.63 11.25
C GLU A 570 18.47 -21.43 9.95
N ALA A 571 17.72 -20.92 8.98
CA ALA A 571 17.69 -21.45 7.62
C ALA A 571 16.91 -20.49 6.73
N TYR A 572 17.46 -20.20 5.54
CA TYR A 572 16.84 -19.16 4.74
C TYR A 572 16.53 -19.65 3.33
N ARG A 573 15.46 -19.11 2.76
CA ARG A 573 15.12 -19.42 1.38
C ARG A 573 14.52 -18.16 0.78
N TRP A 574 15.12 -17.68 -0.33
CA TRP A 574 14.62 -16.55 -1.10
C TRP A 574 13.22 -16.84 -1.60
N ARG A 575 12.26 -15.98 -1.22
CA ARG A 575 11.00 -16.01 -1.93
C ARG A 575 11.26 -15.43 -3.32
N GLY A 576 10.53 -15.98 -4.31
CA GLY A 576 10.32 -15.33 -5.59
C GLY A 576 10.86 -16.17 -6.73
N ARG A 577 11.22 -17.42 -6.45
CA ARG A 577 12.00 -18.06 -7.50
C ARG A 577 11.08 -18.80 -8.47
N THR A 578 11.54 -18.91 -9.71
CA THR A 578 10.81 -19.62 -10.75
C THR A 578 11.68 -20.77 -11.24
N VAL A 579 11.20 -21.51 -12.25
CA VAL A 579 11.80 -22.78 -12.62
C VAL A 579 13.29 -22.54 -12.90
N SER A 580 13.61 -21.46 -13.62
CA SER A 580 14.97 -21.29 -14.11
C SER A 580 15.65 -20.03 -13.56
N HIS A 581 14.96 -19.28 -12.69
CA HIS A 581 15.49 -18.03 -12.20
C HIS A 581 15.33 -17.94 -10.69
N CYS A 582 16.23 -17.17 -10.06
CA CYS A 582 16.01 -16.60 -8.73
C CYS A 582 16.43 -15.12 -8.74
N LEU A 583 15.52 -14.27 -9.24
CA LEU A 583 15.79 -12.86 -9.46
C LEU A 583 16.16 -12.18 -8.16
N THR A 584 15.51 -12.57 -7.07
CA THR A 584 15.60 -11.78 -5.83
C THR A 584 17.01 -11.91 -5.24
N SER A 585 17.73 -12.95 -5.62
CA SER A 585 19.03 -13.24 -5.05
C SER A 585 20.10 -12.35 -5.68
N GLY A 586 19.81 -11.78 -6.85
CA GLY A 586 20.77 -10.97 -7.59
C GLY A 586 21.38 -11.76 -8.75
N LEU A 587 21.58 -13.05 -8.54
CA LEU A 587 22.17 -13.92 -9.58
C LEU A 587 21.00 -14.56 -10.31
N ASP A 588 20.50 -13.88 -11.33
CA ASP A 588 19.21 -14.24 -11.95
C ASP A 588 19.19 -15.69 -12.42
N ASP A 589 20.23 -16.16 -13.10
CA ASP A 589 20.11 -17.52 -13.66
C ASP A 589 21.20 -18.44 -13.15
N TYR A 590 21.71 -18.21 -11.94
CA TYR A 590 22.68 -19.15 -11.41
C TYR A 590 21.92 -20.42 -11.15
N PRO A 591 22.49 -21.60 -11.46
CA PRO A 591 21.77 -22.86 -11.26
C PRO A 591 21.41 -23.05 -9.78
N ARG A 592 20.15 -23.41 -9.53
CA ARG A 592 19.68 -23.69 -8.18
C ARG A 592 19.01 -25.05 -8.17
N PRO A 593 18.63 -25.61 -6.99
CA PRO A 593 17.97 -26.91 -6.94
C PRO A 593 16.79 -26.91 -7.93
N GLN A 594 16.67 -28.01 -8.69
CA GLN A 594 15.54 -28.31 -9.56
C GLN A 594 14.80 -29.53 -9.02
N PRO A 595 13.46 -29.52 -9.02
CA PRO A 595 12.68 -28.28 -9.19
C PRO A 595 12.79 -27.38 -7.97
N PRO A 596 12.35 -26.11 -8.07
CA PRO A 596 12.37 -25.22 -6.91
C PRO A 596 11.37 -25.82 -5.93
N HIS A 597 11.50 -25.47 -4.66
CA HIS A 597 10.84 -26.31 -3.68
C HIS A 597 10.85 -25.60 -2.34
N PRO A 598 9.71 -25.66 -1.59
CA PRO A 598 9.58 -24.97 -0.30
C PRO A 598 10.64 -25.36 0.74
N GLY A 599 11.27 -26.53 0.54
CA GLY A 599 12.32 -27.01 1.43
C GLY A 599 13.73 -26.55 1.06
N GLU A 600 13.87 -25.84 -0.08
CA GLU A 600 15.14 -25.25 -0.49
C GLU A 600 15.68 -24.45 0.69
N LEU A 601 17.01 -24.41 0.76
CA LEU A 601 17.75 -23.43 1.53
C LEU A 601 18.86 -22.89 0.66
N HIS A 602 19.13 -21.57 0.79
CA HIS A 602 20.06 -20.86 -0.09
C HIS A 602 21.21 -20.30 0.73
N VAL A 603 22.43 -20.75 0.45
CA VAL A 603 23.57 -20.43 1.31
C VAL A 603 24.01 -18.98 1.13
N ASP A 604 23.75 -18.39 -0.05
CA ASP A 604 23.97 -16.96 -0.22
C ASP A 604 23.10 -16.15 0.74
N LEU A 605 21.80 -16.47 0.81
CA LEU A 605 20.87 -15.75 1.67
C LEU A 605 21.29 -15.83 3.13
N MET A 606 21.59 -17.04 3.61
CA MET A 606 22.00 -17.22 4.99
C MET A 606 23.22 -16.34 5.30
N SER A 607 24.16 -16.26 4.35
CA SER A 607 25.37 -15.48 4.53
C SER A 607 25.06 -13.99 4.55
N TRP A 608 24.01 -13.58 3.85
CA TRP A 608 23.64 -12.17 3.88
C TRP A 608 23.12 -11.82 5.28
N VAL A 609 22.27 -12.71 5.83
CA VAL A 609 21.79 -12.52 7.19
C VAL A 609 22.96 -12.45 8.16
N GLY A 610 23.96 -13.32 7.96
CA GLY A 610 25.23 -13.20 8.65
C GLY A 610 25.77 -11.78 8.59
N VAL A 611 25.78 -11.20 7.38
CA VAL A 611 26.37 -9.89 7.17
C VAL A 611 25.63 -8.90 8.06
N MET A 612 24.30 -9.02 8.06
CA MET A 612 23.46 -8.08 8.78
C MET A 612 23.76 -8.14 10.28
N VAL A 613 23.87 -9.36 10.84
CA VAL A 613 24.02 -9.44 12.29
C VAL A 613 25.37 -8.88 12.69
N LYS A 614 26.38 -9.09 11.85
CA LYS A 614 27.68 -8.60 12.25
C LYS A 614 27.63 -7.07 12.34
N SER A 615 26.78 -6.45 11.50
CA SER A 615 26.66 -5.00 11.42
C SER A 615 25.88 -4.52 12.64
N LEU A 616 24.84 -5.28 12.93
CA LEU A 616 23.95 -5.04 14.04
C LEU A 616 24.70 -5.14 15.36
N ILE A 617 25.64 -6.10 15.48
CA ILE A 617 26.49 -6.17 16.67
C ILE A 617 27.28 -4.87 16.79
N SER A 618 27.96 -4.48 15.71
CA SER A 618 28.84 -3.31 15.74
C SER A 618 28.08 -2.07 16.18
N ILE A 619 26.84 -1.92 15.68
CA ILE A 619 26.12 -0.64 15.79
C ILE A 619 25.38 -0.61 17.12
N GLY A 620 24.69 -1.73 17.42
CA GLY A 620 24.08 -1.95 18.71
C GLY A 620 25.06 -1.71 19.87
N SER A 621 26.31 -2.14 19.70
CA SER A 621 27.37 -1.87 20.67
C SER A 621 27.55 -0.37 20.80
N LEU A 622 27.65 0.31 19.66
CA LEU A 622 27.98 1.72 19.65
C LEU A 622 26.85 2.51 20.31
N LEU A 623 25.64 1.94 20.27
CA LEU A 623 24.45 2.56 20.84
C LEU A 623 24.20 2.03 22.25
N GLY A 624 24.89 0.94 22.61
CA GLY A 624 24.67 0.24 23.87
C GLY A 624 23.28 -0.41 23.95
N ALA A 625 22.80 -1.01 22.85
CA ALA A 625 21.58 -1.78 22.85
C ALA A 625 21.88 -3.21 23.30
N THR A 626 22.23 -3.32 24.59
CA THR A 626 22.85 -4.50 25.19
C THR A 626 21.92 -5.70 25.10
N GLU A 627 20.63 -5.51 25.44
CA GLU A 627 19.64 -6.57 25.31
C GLU A 627 19.64 -7.10 23.88
N ASP A 628 19.75 -6.18 22.91
CA ASP A 628 19.78 -6.49 21.50
C ASP A 628 21.04 -7.28 21.13
N VAL A 629 22.19 -6.79 21.59
CA VAL A 629 23.50 -7.25 21.13
C VAL A 629 23.75 -8.67 21.64
N GLU A 630 22.97 -9.10 22.63
CA GLU A 630 23.07 -10.46 23.11
C GLU A 630 22.30 -11.38 22.18
N PHE A 631 21.08 -10.97 21.78
CA PHE A 631 20.30 -11.71 20.80
C PHE A 631 21.11 -11.96 19.53
N TYR A 632 21.74 -10.89 19.02
CA TYR A 632 22.51 -10.99 17.80
C TYR A 632 23.63 -12.02 17.97
N THR A 633 24.22 -12.08 19.16
CA THR A 633 25.39 -12.91 19.37
C THR A 633 24.98 -14.39 19.30
N LYS A 634 23.80 -14.71 19.81
CA LYS A 634 23.28 -16.07 19.80
C LYS A 634 22.94 -16.47 18.36
N VAL A 635 22.43 -15.50 17.58
CA VAL A 635 22.05 -15.73 16.20
C VAL A 635 23.30 -15.94 15.34
N LEU A 636 24.33 -15.11 15.57
CA LEU A 636 25.52 -15.18 14.74
C LEU A 636 26.14 -16.56 14.94
N ASP A 637 26.32 -16.92 16.21
CA ASP A 637 26.80 -18.22 16.62
C ASP A 637 26.03 -19.29 15.84
N ALA A 638 24.70 -19.18 15.79
CA ALA A 638 23.94 -20.26 15.19
C ALA A 638 24.17 -20.32 13.68
N ILE A 639 24.30 -19.15 13.02
CA ILE A 639 24.49 -19.15 11.58
C ILE A 639 25.83 -19.81 11.27
N GLU A 640 26.87 -19.46 12.03
CA GLU A 640 28.20 -20.03 11.83
C GLU A 640 28.10 -21.55 11.83
N HIS A 641 27.35 -22.09 12.82
CA HIS A 641 27.21 -23.54 12.93
C HIS A 641 26.37 -24.06 11.79
N ASN A 642 25.25 -23.35 11.50
CA ASN A 642 24.24 -23.88 10.60
C ASN A 642 24.73 -23.85 9.16
N LEU A 643 25.55 -22.83 8.84
CA LEU A 643 26.21 -22.75 7.55
C LEU A 643 26.92 -24.06 7.23
N ASP A 644 27.69 -24.56 8.22
CA ASP A 644 28.38 -25.84 8.12
C ASP A 644 27.39 -27.00 8.03
N ASP A 645 26.45 -27.08 8.99
CA ASP A 645 25.63 -28.28 9.14
C ASP A 645 24.69 -28.40 7.95
N LEU A 646 24.19 -27.28 7.43
CA LEU A 646 23.13 -27.34 6.44
C LEU A 646 23.63 -27.15 5.00
N HIS A 647 24.83 -26.56 4.82
CA HIS A 647 25.24 -26.19 3.48
C HIS A 647 26.62 -26.75 3.10
N TRP A 648 27.44 -27.18 4.07
CA TRP A 648 28.79 -27.66 3.75
C TRP A 648 28.79 -29.08 3.19
N SER A 649 29.47 -29.24 2.04
CA SER A 649 29.66 -30.55 1.43
C SER A 649 31.13 -30.95 1.56
N GLU A 650 31.39 -32.01 2.34
CA GLU A 650 32.74 -32.54 2.41
C GLU A 650 33.09 -33.24 1.10
N LYS A 651 32.10 -33.88 0.46
CA LYS A 651 32.32 -34.56 -0.81
C LYS A 651 32.94 -33.56 -1.81
N GLU A 652 32.42 -32.33 -1.88
CA GLU A 652 32.71 -31.46 -3.00
C GLU A 652 33.76 -30.42 -2.61
N GLY A 653 33.86 -30.14 -1.30
CA GLY A 653 34.83 -29.20 -0.77
C GLY A 653 34.39 -27.72 -0.87
N CYS A 654 33.11 -27.45 -0.61
CA CYS A 654 32.57 -26.10 -0.75
C CYS A 654 31.13 -26.06 -0.23
N TYR A 655 30.55 -24.86 -0.17
CA TYR A 655 29.17 -24.73 0.28
C TYR A 655 28.18 -25.01 -0.86
N CYS A 656 26.96 -25.35 -0.48
CA CYS A 656 25.94 -25.65 -1.47
C CYS A 656 24.55 -25.25 -0.97
N ASP A 657 23.68 -24.87 -1.90
CA ASP A 657 22.25 -24.80 -1.64
C ASP A 657 21.74 -26.18 -1.22
N ALA A 658 20.52 -26.23 -0.67
CA ALA A 658 19.89 -27.49 -0.31
C ALA A 658 18.45 -27.56 -0.83
N THR A 659 17.91 -28.75 -0.84
CA THR A 659 16.51 -29.00 -1.20
C THR A 659 16.02 -30.15 -0.34
N ILE A 660 14.88 -30.69 -0.71
CA ILE A 660 14.35 -31.92 -0.08
C ILE A 660 14.15 -32.86 -1.24
N ASP A 661 14.47 -34.14 -1.04
CA ASP A 661 14.41 -35.21 -2.05
C ASP A 661 12.97 -35.63 -2.37
N GLU A 662 12.86 -36.58 -3.31
CA GLU A 662 11.59 -37.25 -3.66
C GLU A 662 11.08 -38.02 -2.43
N PHE A 663 12.00 -38.56 -1.64
CA PHE A 663 11.82 -39.33 -0.40
C PHE A 663 11.81 -38.40 0.82
N GLU A 664 11.72 -37.09 0.58
CA GLU A 664 11.62 -36.02 1.61
C GLU A 664 12.85 -35.93 2.50
N GLU A 665 14.04 -36.18 1.97
CA GLU A 665 15.26 -36.04 2.81
C GLU A 665 16.10 -34.87 2.27
N HIS A 666 16.93 -34.28 3.12
CA HIS A 666 17.74 -33.13 2.76
C HIS A 666 18.86 -33.54 1.79
N LYS A 667 18.91 -32.92 0.62
CA LYS A 667 20.00 -33.14 -0.34
C LYS A 667 20.64 -31.78 -0.57
N LEU A 668 21.97 -31.76 -0.51
CA LEU A 668 22.79 -30.69 -1.07
C LEU A 668 22.73 -30.74 -2.59
N VAL A 669 22.70 -29.56 -3.23
CA VAL A 669 22.85 -29.47 -4.67
C VAL A 669 23.99 -28.51 -4.97
N CYS A 670 25.08 -29.06 -5.55
CA CYS A 670 26.30 -28.28 -5.66
C CYS A 670 26.52 -27.83 -7.10
N HIS A 671 26.76 -26.54 -7.24
CA HIS A 671 27.10 -25.91 -8.50
C HIS A 671 28.24 -24.96 -8.16
N LYS A 672 29.44 -25.30 -8.67
CA LYS A 672 30.64 -24.67 -8.17
C LYS A 672 30.79 -23.32 -8.87
N GLY A 673 30.75 -22.26 -8.06
CA GLY A 673 30.83 -20.91 -8.57
C GLY A 673 30.61 -19.91 -7.45
N TYR A 674 30.08 -18.73 -7.79
CA TYR A 674 30.02 -17.64 -6.84
C TYR A 674 29.28 -18.10 -5.58
N ILE A 675 28.03 -18.56 -5.76
CA ILE A 675 27.20 -19.11 -4.69
C ILE A 675 28.04 -19.95 -3.74
N SER A 676 28.87 -20.84 -4.29
CA SER A 676 29.63 -21.82 -3.51
C SER A 676 30.61 -21.13 -2.54
N LEU A 677 30.95 -19.86 -2.81
CA LEU A 677 31.98 -19.17 -2.07
C LEU A 677 31.39 -18.22 -1.02
N PHE A 678 30.04 -18.25 -0.89
CA PHE A 678 29.38 -17.12 -0.25
C PHE A 678 29.87 -16.88 1.17
N PRO A 679 29.94 -17.89 2.07
CA PRO A 679 30.39 -17.64 3.44
C PRO A 679 31.70 -16.86 3.50
N PHE A 680 32.55 -17.05 2.46
CA PHE A 680 33.87 -16.42 2.43
C PHE A 680 33.75 -15.00 1.90
N LEU A 681 32.92 -14.82 0.85
CA LEU A 681 32.82 -13.52 0.20
C LEU A 681 32.25 -12.51 1.20
N THR A 682 31.48 -13.02 2.16
CA THR A 682 30.73 -12.19 3.08
C THR A 682 31.44 -12.08 4.42
N GLY A 683 32.67 -12.60 4.50
CA GLY A 683 33.57 -12.37 5.63
C GLY A 683 33.14 -13.08 6.91
N LEU A 684 32.56 -14.29 6.76
CA LEU A 684 31.95 -15.02 7.87
C LEU A 684 32.91 -16.06 8.41
N LEU A 685 33.98 -16.33 7.65
CA LEU A 685 34.83 -17.48 7.90
C LEU A 685 36.02 -17.09 8.77
N LYS A 686 36.32 -17.95 9.76
CA LYS A 686 37.52 -17.77 10.56
C LYS A 686 38.75 -17.90 9.64
N PRO A 687 39.81 -17.08 9.82
CA PRO A 687 40.96 -17.12 8.90
C PRO A 687 41.76 -18.42 8.87
N ASP A 688 41.53 -19.30 9.85
CA ASP A 688 42.30 -20.53 10.00
C ASP A 688 41.45 -21.73 9.60
N SER A 689 40.23 -21.47 9.12
CA SER A 689 39.29 -22.54 8.83
C SER A 689 39.82 -23.44 7.70
N PRO A 690 39.76 -24.77 7.84
CA PRO A 690 40.05 -25.68 6.72
C PRO A 690 39.12 -25.49 5.53
N LYS A 691 37.91 -25.00 5.83
CA LYS A 691 36.90 -24.77 4.80
C LYS A 691 37.33 -23.56 3.98
N LEU A 692 37.76 -22.49 4.66
CA LEU A 692 38.29 -21.33 3.95
C LEU A 692 39.35 -21.78 2.95
N GLY A 693 40.31 -22.59 3.44
CA GLY A 693 41.44 -23.01 2.63
C GLY A 693 40.99 -23.84 1.44
N LYS A 694 39.96 -24.66 1.66
CA LYS A 694 39.39 -25.47 0.61
C LYS A 694 38.78 -24.57 -0.46
N LEU A 695 38.10 -23.49 -0.04
CA LEU A 695 37.52 -22.52 -0.97
C LEU A 695 38.63 -21.77 -1.72
N LEU A 696 39.79 -21.55 -1.07
CA LEU A 696 40.88 -20.89 -1.77
C LEU A 696 41.40 -21.79 -2.89
N ALA A 697 41.36 -23.10 -2.65
CA ALA A 697 41.72 -24.05 -3.69
C ALA A 697 40.75 -23.92 -4.87
N LEU A 698 39.45 -23.75 -4.57
CA LEU A 698 38.45 -23.62 -5.61
C LEU A 698 38.64 -22.30 -6.37
N ILE A 699 38.90 -21.22 -5.63
CA ILE A 699 38.99 -19.90 -6.22
C ILE A 699 40.16 -19.88 -7.22
N GLY A 700 41.28 -20.54 -6.84
CA GLY A 700 42.53 -20.46 -7.57
C GLY A 700 42.62 -21.44 -8.75
N ASP A 701 41.78 -22.49 -8.71
CA ASP A 701 41.85 -23.62 -9.63
C ASP A 701 41.32 -23.23 -11.00
N GLU A 702 42.22 -23.18 -11.98
CA GLU A 702 41.88 -22.71 -13.34
C GLU A 702 40.87 -23.60 -14.04
N SER A 703 40.71 -24.84 -13.58
CA SER A 703 39.75 -25.76 -14.24
C SER A 703 38.34 -25.51 -13.77
N GLU A 704 38.18 -24.73 -12.70
CA GLU A 704 36.84 -24.38 -12.17
C GLU A 704 36.55 -22.90 -12.41
N LEU A 705 36.97 -22.03 -11.50
CA LEU A 705 36.56 -20.60 -11.57
C LEU A 705 37.69 -19.63 -11.88
N TRP A 706 38.92 -20.06 -12.04
CA TRP A 706 39.97 -19.08 -12.22
C TRP A 706 40.32 -18.91 -13.70
N SER A 707 39.91 -17.76 -14.24
CA SER A 707 40.20 -17.42 -15.62
C SER A 707 41.26 -16.35 -15.60
N PRO A 708 41.91 -16.12 -16.74
CA PRO A 708 42.89 -15.04 -16.82
C PRO A 708 42.22 -13.71 -16.53
N TYR A 709 40.89 -13.68 -16.62
CA TYR A 709 40.17 -12.42 -16.67
C TYR A 709 39.41 -12.14 -15.38
N GLY A 710 39.46 -13.12 -14.45
CA GLY A 710 38.77 -13.01 -13.17
C GLY A 710 38.10 -14.33 -12.83
N LEU A 711 37.34 -14.37 -11.71
CA LEU A 711 36.62 -15.59 -11.37
C LEU A 711 35.35 -15.68 -12.20
N ARG A 712 35.15 -16.85 -12.82
CA ARG A 712 33.91 -17.17 -13.53
C ARG A 712 32.77 -17.31 -12.53
N SER A 713 31.59 -16.82 -12.92
CA SER A 713 30.41 -16.95 -12.11
C SER A 713 30.16 -18.42 -11.79
N LEU A 714 30.38 -19.30 -12.77
CA LEU A 714 30.12 -20.72 -12.68
C LEU A 714 31.33 -21.48 -13.24
N SER A 715 31.60 -22.66 -12.70
CA SER A 715 32.77 -23.46 -13.06
C SER A 715 32.59 -24.10 -14.44
N LYS A 716 33.72 -24.24 -15.15
CA LYS A 716 33.78 -24.87 -16.46
C LYS A 716 33.35 -26.33 -16.32
N LYS A 717 33.50 -26.87 -15.10
CA LYS A 717 33.14 -28.24 -14.77
C LYS A 717 31.63 -28.41 -14.63
N ASP A 718 30.89 -27.36 -14.22
CA ASP A 718 29.48 -27.53 -13.97
C ASP A 718 28.72 -27.76 -15.27
N GLU A 719 27.61 -28.52 -15.19
CA GLU A 719 26.87 -28.94 -16.36
C GLU A 719 26.02 -27.81 -16.92
N PHE A 720 25.87 -26.74 -16.14
CA PHE A 720 25.06 -25.61 -16.60
C PHE A 720 25.95 -24.52 -17.18
N TYR A 721 27.29 -24.75 -17.15
CA TYR A 721 28.23 -23.78 -17.66
C TYR A 721 27.91 -23.43 -19.12
N GLY A 722 27.81 -22.14 -19.39
CA GLY A 722 27.52 -21.66 -20.75
C GLY A 722 26.20 -22.18 -21.28
N THR A 723 25.18 -22.24 -20.44
CA THR A 723 23.87 -22.78 -20.85
C THR A 723 22.82 -21.67 -20.79
N ALA A 724 21.72 -21.86 -21.51
CA ALA A 724 20.57 -20.94 -21.53
C ALA A 724 21.02 -19.55 -21.94
N GLU A 725 20.64 -18.55 -21.15
CA GLU A 725 21.03 -17.14 -21.37
C GLU A 725 22.48 -16.92 -20.96
N ASN A 726 23.06 -17.81 -20.16
CA ASN A 726 24.47 -17.73 -19.73
C ASN A 726 24.68 -16.36 -19.11
N TYR A 727 23.87 -16.02 -18.13
CA TYR A 727 23.96 -14.69 -17.56
C TYR A 727 24.91 -14.71 -16.37
N TRP A 728 24.59 -15.56 -15.39
CA TRP A 728 25.47 -15.82 -14.27
C TRP A 728 25.99 -17.25 -14.35
N ARG A 729 26.31 -17.69 -15.56
CA ARG A 729 26.57 -19.11 -15.75
C ARG A 729 27.90 -19.32 -16.46
N SER A 730 28.79 -18.32 -16.32
CA SER A 730 30.16 -18.38 -16.81
C SER A 730 30.80 -17.00 -16.75
N PRO A 731 30.11 -15.91 -17.18
CA PRO A 731 30.75 -14.59 -17.28
C PRO A 731 31.37 -14.04 -15.97
N VAL A 732 32.37 -13.18 -16.12
CA VAL A 732 33.00 -12.58 -14.96
C VAL A 732 32.23 -11.32 -14.57
N TRP A 733 31.82 -11.25 -13.30
CA TRP A 733 31.10 -10.11 -12.75
C TRP A 733 31.96 -9.36 -11.73
N ILE A 734 32.00 -8.03 -11.85
CA ILE A 734 32.97 -7.25 -11.10
C ILE A 734 32.55 -7.08 -9.64
N ASN A 735 31.25 -7.04 -9.35
CA ASN A 735 30.84 -6.88 -7.96
C ASN A 735 31.27 -8.08 -7.12
N ILE A 736 31.05 -9.31 -7.62
CA ILE A 736 31.38 -10.51 -6.88
C ILE A 736 32.89 -10.69 -6.80
N ASN A 737 33.61 -10.33 -7.90
CA ASN A 737 35.06 -10.35 -7.86
C ASN A 737 35.58 -9.38 -6.79
N TYR A 738 34.99 -8.17 -6.76
CA TYR A 738 35.37 -7.18 -5.75
C TYR A 738 35.28 -7.78 -4.35
N LEU A 739 34.17 -8.47 -4.04
CA LEU A 739 34.07 -9.08 -2.71
C LEU A 739 35.24 -10.04 -2.46
N ALA A 740 35.56 -10.87 -3.47
CA ALA A 740 36.64 -11.83 -3.31
C ALA A 740 37.96 -11.10 -3.06
N ILE A 741 38.20 -10.04 -3.84
CA ILE A 741 39.47 -9.35 -3.78
C ILE A 741 39.65 -8.76 -2.39
N VAL A 742 38.55 -8.25 -1.82
CA VAL A 742 38.57 -7.60 -0.53
C VAL A 742 38.87 -8.64 0.54
N GLN A 743 38.22 -9.80 0.40
CA GLN A 743 38.32 -10.84 1.42
C GLN A 743 39.70 -11.49 1.37
N LEU A 744 40.23 -11.68 0.15
CA LEU A 744 41.55 -12.23 -0.02
C LEU A 744 42.56 -11.35 0.72
N TYR A 745 42.42 -10.03 0.54
CA TYR A 745 43.31 -9.04 1.14
C TYR A 745 43.26 -9.12 2.67
N ASN A 746 42.05 -9.32 3.22
CA ASN A 746 41.84 -9.53 4.65
C ASN A 746 42.81 -10.60 5.17
N ILE A 747 42.68 -11.82 4.62
CA ILE A 747 43.43 -12.99 5.00
C ILE A 747 44.93 -12.77 4.78
N ALA A 748 45.27 -12.07 3.70
CA ALA A 748 46.67 -11.87 3.35
C ALA A 748 47.38 -11.00 4.40
N THR A 749 46.65 -10.08 5.02
CA THR A 749 47.24 -9.08 5.90
C THR A 749 47.00 -9.50 7.36
N GLN A 750 47.02 -10.81 7.60
CA GLN A 750 46.90 -11.36 8.93
C GLN A 750 47.79 -12.59 9.07
N ASP A 751 48.38 -12.78 10.26
CA ASP A 751 49.00 -14.04 10.63
C ASP A 751 47.96 -15.15 10.44
N GLY A 752 48.36 -16.25 9.78
CA GLY A 752 47.53 -17.45 9.63
C GLY A 752 48.08 -18.44 8.59
N PRO A 753 47.50 -19.66 8.46
CA PRO A 753 47.99 -20.69 7.55
C PRO A 753 47.80 -20.39 6.07
N TYR A 754 46.97 -19.38 5.78
CA TYR A 754 46.64 -19.10 4.39
C TYR A 754 47.13 -17.73 3.95
N LYS A 755 47.83 -17.02 4.85
CA LYS A 755 48.40 -15.72 4.54
C LYS A 755 48.97 -15.68 3.11
N GLU A 756 49.95 -16.54 2.79
CA GLU A 756 50.78 -16.35 1.63
C GLU A 756 50.06 -16.85 0.36
N THR A 757 49.15 -17.82 0.50
CA THR A 757 48.29 -18.24 -0.61
C THR A 757 47.35 -17.11 -1.02
N ALA A 758 46.62 -16.56 -0.02
CA ALA A 758 45.77 -15.39 -0.20
C ALA A 758 46.55 -14.25 -0.86
N ARG A 759 47.73 -13.92 -0.32
CA ARG A 759 48.48 -12.79 -0.84
C ARG A 759 48.69 -12.93 -2.35
N ASP A 760 48.93 -14.17 -2.81
CA ASP A 760 49.26 -14.42 -4.21
C ASP A 760 48.01 -14.30 -5.08
N LEU A 761 46.88 -14.85 -4.59
CA LEU A 761 45.61 -14.76 -5.29
C LEU A 761 45.16 -13.31 -5.40
N TYR A 762 45.16 -12.59 -4.27
CA TYR A 762 44.89 -11.16 -4.22
C TYR A 762 45.63 -10.47 -5.37
N THR A 763 46.97 -10.61 -5.34
CA THR A 763 47.85 -9.91 -6.26
C THR A 763 47.38 -10.15 -7.69
N ARG A 764 47.10 -11.41 -8.03
CA ARG A 764 46.78 -11.82 -9.39
C ARG A 764 45.35 -11.43 -9.76
N LEU A 765 44.41 -11.60 -8.82
CA LEU A 765 43.02 -11.29 -9.10
C LEU A 765 42.86 -9.78 -9.32
N ARG A 766 43.41 -8.99 -8.40
CA ARG A 766 43.41 -7.54 -8.57
C ARG A 766 43.93 -7.20 -9.96
N LYS A 767 45.05 -7.82 -10.32
CA LYS A 767 45.68 -7.52 -11.60
C LYS A 767 44.69 -7.82 -12.71
N ASN A 768 44.16 -9.06 -12.66
CA ASN A 768 43.30 -9.61 -13.70
C ASN A 768 42.06 -8.77 -13.90
N ILE A 769 41.30 -8.52 -12.83
CA ILE A 769 40.04 -7.78 -12.89
C ILE A 769 40.29 -6.38 -13.44
N VAL A 770 41.27 -5.66 -12.85
CA VAL A 770 41.49 -4.29 -13.27
C VAL A 770 41.86 -4.25 -14.76
N GLU A 771 42.81 -5.10 -15.17
CA GLU A 771 43.31 -5.05 -16.54
C GLU A 771 42.19 -5.39 -17.53
N THR A 772 41.27 -6.28 -17.12
CA THR A 772 40.22 -6.70 -18.05
C THR A 772 39.31 -5.50 -18.29
N VAL A 773 38.89 -4.89 -17.19
CA VAL A 773 38.03 -3.71 -17.27
C VAL A 773 38.77 -2.58 -17.98
N TYR A 774 40.06 -2.42 -17.66
CA TYR A 774 40.82 -1.35 -18.31
C TYR A 774 40.97 -1.56 -19.81
N ARG A 775 41.41 -2.75 -20.24
CA ARG A 775 41.61 -3.02 -21.66
C ARG A 775 40.34 -2.68 -22.44
N ASN A 776 39.19 -3.10 -21.87
CA ASN A 776 37.89 -2.97 -22.51
C ASN A 776 37.54 -1.49 -22.59
N TRP A 777 37.84 -0.74 -21.53
CA TRP A 777 37.62 0.70 -21.50
C TRP A 777 38.43 1.39 -22.58
N GLU A 778 39.70 0.99 -22.68
CA GLU A 778 40.61 1.51 -23.68
C GLU A 778 40.02 1.31 -25.08
N GLU A 779 39.63 0.08 -25.41
CA GLU A 779 39.25 -0.23 -26.77
C GLU A 779 37.88 0.36 -27.10
N THR A 780 36.94 0.31 -26.15
CA THR A 780 35.53 0.52 -26.48
C THR A 780 34.99 1.83 -25.91
N GLY A 781 35.66 2.38 -24.88
CA GLY A 781 35.14 3.56 -24.21
C GLY A 781 34.17 3.23 -23.06
N PHE A 782 33.71 1.97 -22.96
CA PHE A 782 32.63 1.62 -22.04
C PHE A 782 33.13 0.79 -20.86
N ALA A 783 32.45 0.95 -19.71
CA ALA A 783 32.37 -0.11 -18.73
C ALA A 783 31.23 -1.05 -19.10
N TRP A 784 31.45 -2.36 -18.98
CA TRP A 784 30.47 -3.34 -19.35
C TRP A 784 29.94 -4.05 -18.10
N GLU A 785 28.82 -4.77 -18.26
CA GLU A 785 28.05 -5.36 -17.19
C GLU A 785 28.79 -6.58 -16.67
N GLN A 786 29.41 -7.29 -17.60
CA GLN A 786 30.16 -8.50 -17.31
C GLN A 786 31.23 -8.69 -18.38
N TYR A 787 32.18 -9.58 -18.09
CA TYR A 787 33.29 -9.82 -18.99
C TYR A 787 33.40 -11.31 -19.27
N ASN A 788 33.80 -11.60 -20.52
CA ASN A 788 33.79 -12.95 -21.06
C ASN A 788 35.04 -13.70 -20.59
N PRO A 789 34.90 -14.88 -19.96
CA PRO A 789 36.05 -15.53 -19.32
C PRO A 789 37.05 -16.14 -20.30
N GLU A 790 36.60 -16.40 -21.53
CA GLU A 790 37.45 -17.02 -22.54
C GLU A 790 38.17 -15.96 -23.39
N THR A 791 37.51 -14.83 -23.68
CA THR A 791 38.09 -13.85 -24.58
C THR A 791 38.49 -12.60 -23.80
N GLY A 792 37.84 -12.36 -22.65
CA GLY A 792 38.10 -11.15 -21.90
C GLY A 792 37.23 -9.99 -22.41
N LYS A 793 36.43 -10.24 -23.45
CA LYS A 793 35.59 -9.22 -24.04
C LYS A 793 34.49 -8.82 -23.05
N GLY A 794 34.21 -7.52 -23.00
CA GLY A 794 33.03 -7.05 -22.33
C GLY A 794 31.79 -7.35 -23.18
N GLN A 795 30.72 -7.75 -22.48
CA GLN A 795 29.49 -8.15 -23.14
C GLN A 795 28.31 -7.77 -22.25
N ARG A 796 27.10 -8.09 -22.73
CA ARG A 796 25.84 -7.53 -22.23
C ARG A 796 25.89 -6.01 -22.34
N THR A 797 25.49 -5.37 -21.25
CA THR A 797 25.15 -3.96 -21.28
C THR A 797 26.38 -3.06 -21.19
N GLN A 798 26.34 -1.95 -21.95
CA GLN A 798 27.33 -0.90 -21.82
C GLN A 798 26.90 0.15 -20.80
N HIS A 799 27.83 1.08 -20.52
CA HIS A 799 27.62 2.19 -19.62
C HIS A 799 27.20 1.67 -18.26
N PHE A 800 27.73 0.52 -17.86
CA PHE A 800 27.35 -0.09 -16.61
C PHE A 800 28.21 0.46 -15.47
N THR A 801 27.84 1.65 -15.01
CA THR A 801 28.54 2.25 -13.90
C THR A 801 27.51 2.82 -12.93
N GLY A 802 26.88 1.96 -12.11
CA GLY A 802 27.04 0.51 -12.14
C GLY A 802 28.28 0.01 -11.40
N TRP A 803 28.21 -1.22 -10.87
CA TRP A 803 29.21 -1.75 -9.94
C TRP A 803 30.53 -2.12 -10.62
N THR A 804 30.61 -2.00 -11.93
CA THR A 804 31.89 -2.25 -12.57
C THR A 804 32.90 -1.21 -12.08
N SER A 805 32.38 -0.02 -11.80
CA SER A 805 33.17 1.10 -11.32
C SER A 805 33.94 0.73 -10.05
N LEU A 806 33.55 -0.37 -9.38
CA LEU A 806 34.23 -0.79 -8.18
C LEU A 806 35.74 -0.85 -8.41
N VAL A 807 36.12 -0.92 -9.68
CA VAL A 807 37.50 -1.14 -10.08
C VAL A 807 38.38 0.01 -9.56
N VAL A 808 37.78 1.18 -9.31
CA VAL A 808 38.49 2.31 -8.77
C VAL A 808 39.02 1.99 -7.38
N LYS A 809 38.17 1.39 -6.54
CA LYS A 809 38.55 1.06 -5.17
C LYS A 809 39.58 -0.07 -5.16
N ILE A 810 39.40 -1.07 -6.05
CA ILE A 810 40.33 -2.18 -6.24
C ILE A 810 41.74 -1.68 -6.51
N MET A 811 41.89 -0.68 -7.38
CA MET A 811 43.19 -0.15 -7.74
C MET A 811 43.78 0.62 -6.57
N SER A 812 42.95 1.37 -5.85
CA SER A 812 43.46 2.26 -4.81
C SER A 812 43.86 1.49 -3.54
N GLY A 813 43.21 0.34 -3.31
CA GLY A 813 43.68 -0.72 -2.42
C GLY A 813 43.60 -0.36 -0.94
N HIS A 814 44.66 -0.75 -0.19
CA HIS A 814 44.84 -0.56 1.24
C HIS A 814 43.50 -0.66 1.99
N HIS A 815 42.77 -1.77 1.80
CA HIS A 815 41.46 -2.00 2.41
C HIS A 815 41.55 -1.95 3.95
N SER B 36 -41.48 -27.55 2.96
CA SER B 36 -42.94 -27.25 2.91
C SER B 36 -43.22 -26.09 1.95
N ILE B 37 -44.27 -26.27 1.15
CA ILE B 37 -44.73 -25.33 0.13
C ILE B 37 -44.81 -23.92 0.68
N LEU B 38 -45.37 -23.76 1.89
CA LEU B 38 -45.53 -22.45 2.51
C LEU B 38 -44.17 -21.82 2.86
N HIS B 39 -43.29 -22.58 3.55
CA HIS B 39 -41.96 -22.11 3.88
C HIS B 39 -41.22 -21.59 2.64
N SER B 40 -41.09 -22.43 1.61
CA SER B 40 -40.56 -22.03 0.30
C SER B 40 -41.14 -20.69 -0.14
N GLU B 41 -42.47 -20.58 -0.10
CA GLU B 41 -43.12 -19.46 -0.79
C GLU B 41 -42.85 -18.18 0.00
N ILE B 42 -42.91 -18.27 1.33
CA ILE B 42 -42.52 -17.16 2.17
C ILE B 42 -41.08 -16.77 1.84
N GLY B 43 -40.25 -17.81 1.66
CA GLY B 43 -38.85 -17.60 1.31
C GLY B 43 -38.72 -16.80 0.01
N ARG B 44 -39.41 -17.25 -1.06
CA ARG B 44 -39.36 -16.53 -2.31
C ARG B 44 -39.74 -15.08 -2.10
N LEU B 45 -40.72 -14.79 -1.24
CA LEU B 45 -41.25 -13.44 -1.16
C LEU B 45 -40.28 -12.53 -0.42
N ASN B 46 -39.59 -13.08 0.57
CA ASN B 46 -38.60 -12.32 1.30
C ASN B 46 -37.41 -11.98 0.40
N ASN B 47 -36.96 -13.01 -0.30
CA ASN B 47 -35.92 -12.95 -1.31
C ASN B 47 -36.19 -11.78 -2.27
N GLN B 48 -37.41 -11.75 -2.82
CA GLN B 48 -37.79 -10.74 -3.81
C GLN B 48 -37.97 -9.41 -3.11
N SER B 49 -38.32 -9.45 -1.83
CA SER B 49 -38.50 -8.22 -1.10
C SER B 49 -37.14 -7.55 -0.86
N LEU B 50 -36.13 -8.37 -0.52
CA LEU B 50 -34.91 -7.86 0.06
C LEU B 50 -33.78 -7.77 -0.97
N LEU B 51 -34.05 -8.13 -2.23
CA LEU B 51 -32.99 -8.37 -3.21
C LEU B 51 -32.10 -7.14 -3.41
N TRP B 52 -32.75 -6.03 -3.71
CA TRP B 52 -32.07 -4.75 -4.02
C TRP B 52 -31.99 -3.89 -2.78
N GLY B 53 -30.88 -3.15 -2.65
CA GLY B 53 -30.67 -2.18 -1.59
C GLY B 53 -29.37 -1.45 -1.81
N PRO B 54 -29.00 -0.44 -1.02
CA PRO B 54 -27.67 0.16 -1.13
C PRO B 54 -26.81 -0.72 -0.20
N TYR B 55 -26.43 -1.89 -0.70
CA TYR B 55 -25.85 -2.99 0.11
C TYR B 55 -24.34 -2.93 0.15
N ARG B 56 -23.77 -1.83 -0.27
CA ARG B 56 -22.31 -1.71 -0.14
C ARG B 56 -22.07 -0.58 0.85
N PRO B 57 -22.12 -0.71 2.34
CA PRO B 57 -21.91 0.26 3.43
C PRO B 57 -20.51 0.84 3.47
N ASN B 58 -19.53 0.11 2.91
CA ASN B 58 -18.14 0.52 2.85
C ASN B 58 -18.00 1.81 2.05
N ILE B 59 -18.91 2.07 1.11
CA ILE B 59 -18.82 3.32 0.30
C ILE B 59 -19.96 4.27 0.67
N TYR B 60 -19.78 5.56 0.40
CA TYR B 60 -20.78 6.57 0.76
C TYR B 60 -22.11 6.27 0.07
N PHE B 61 -22.10 5.99 -1.23
CA PHE B 61 -23.39 5.63 -1.85
C PHE B 61 -23.20 4.67 -3.01
N GLY B 62 -23.84 3.51 -2.94
CA GLY B 62 -23.77 2.53 -4.02
C GLY B 62 -24.86 1.52 -3.86
N THR B 63 -25.20 0.79 -4.91
CA THR B 63 -26.25 -0.24 -4.76
C THR B 63 -25.77 -1.54 -5.39
N ARG B 64 -26.26 -2.65 -4.89
CA ARG B 64 -26.00 -3.99 -5.47
C ARG B 64 -27.11 -4.90 -4.97
N PRO B 65 -27.55 -5.91 -5.74
CA PRO B 65 -28.56 -6.85 -5.27
C PRO B 65 -27.89 -7.95 -4.45
N ARG B 66 -28.66 -8.82 -3.80
CA ARG B 66 -28.04 -9.94 -3.04
C ARG B 66 -27.70 -11.10 -3.99
N ILE B 67 -26.76 -10.90 -4.91
CA ILE B 67 -26.25 -11.87 -5.91
C ILE B 67 -24.75 -11.63 -5.94
N GLY B 68 -23.92 -12.67 -5.87
CA GLY B 68 -22.47 -12.45 -5.84
C GLY B 68 -21.92 -11.82 -7.10
N LYS B 69 -22.29 -12.32 -8.27
CA LYS B 69 -21.76 -11.70 -9.51
C LYS B 69 -22.92 -11.00 -10.20
N SER B 70 -22.96 -9.68 -10.12
CA SER B 70 -24.11 -8.95 -10.69
C SER B 70 -23.76 -7.47 -10.89
N LEU B 71 -24.80 -6.68 -11.05
CA LEU B 71 -24.65 -5.24 -11.33
C LEU B 71 -24.49 -4.46 -10.02
N MET B 72 -23.45 -3.64 -9.94
CA MET B 72 -23.19 -2.81 -8.74
C MET B 72 -23.01 -1.37 -9.19
N THR B 73 -23.33 -0.43 -8.32
CA THR B 73 -23.18 1.00 -8.66
C THR B 73 -22.41 1.70 -7.56
N GLY B 74 -21.82 2.85 -7.88
CA GLY B 74 -21.08 3.62 -6.88
C GLY B 74 -21.14 5.08 -7.22
N LEU B 75 -21.08 5.94 -6.21
CA LEU B 75 -21.14 7.40 -6.45
C LEU B 75 -19.84 8.04 -5.98
N MET B 76 -19.25 8.87 -6.81
CA MET B 76 -18.03 9.60 -6.39
C MET B 76 -18.25 11.07 -6.67
N TRP B 77 -17.71 11.93 -5.84
CA TRP B 77 -17.83 13.39 -6.07
C TRP B 77 -16.56 14.06 -5.57
N GLY B 78 -16.16 15.15 -6.20
CA GLY B 78 -14.99 15.89 -5.72
C GLY B 78 -15.03 17.29 -6.27
N LYS B 79 -14.44 18.22 -5.55
CA LYS B 79 -14.37 19.62 -6.02
C LYS B 79 -13.09 19.71 -6.84
N ILE B 80 -13.13 20.36 -8.00
CA ILE B 80 -11.91 20.48 -8.82
C ILE B 80 -11.57 21.96 -8.96
N GLU B 81 -10.39 22.36 -8.48
CA GLU B 81 -9.94 23.77 -8.60
C GLU B 81 -8.57 23.81 -9.26
N SER B 82 -7.89 22.67 -9.40
CA SER B 82 -6.52 22.68 -9.93
C SER B 82 -6.26 21.43 -10.76
N TYR B 83 -5.14 21.40 -11.48
CA TYR B 83 -4.76 20.24 -12.32
C TYR B 83 -4.49 19.00 -11.47
N THR B 84 -4.02 19.17 -10.23
CA THR B 84 -3.66 18.01 -9.38
C THR B 84 -4.51 17.87 -8.11
N ASP B 85 -5.42 18.80 -7.84
CA ASP B 85 -6.24 18.80 -6.59
C ASP B 85 -7.28 17.67 -6.51
N PHE B 86 -7.89 17.29 -7.63
CA PHE B 86 -9.01 16.34 -7.60
C PHE B 86 -8.66 15.01 -6.93
N GLN B 87 -7.45 14.49 -7.09
CA GLN B 87 -7.14 13.17 -6.51
C GLN B 87 -7.34 13.16 -4.99
N HIS B 88 -6.94 14.24 -4.32
CA HIS B 88 -7.12 14.40 -2.84
C HIS B 88 -8.58 14.64 -2.43
N THR B 89 -9.31 15.45 -3.19
CA THR B 89 -10.72 15.84 -2.95
C THR B 89 -11.76 14.75 -3.17
N VAL B 90 -11.59 13.93 -4.21
CA VAL B 90 -12.61 12.91 -4.60
C VAL B 90 -13.00 11.99 -3.43
N ARG B 91 -14.28 11.65 -3.34
CA ARG B 91 -14.81 10.79 -2.26
C ARG B 91 -15.41 9.51 -2.85
N TYR B 92 -15.08 8.36 -2.27
CA TYR B 92 -15.74 7.23 -2.64
C TYR B 92 -15.98 6.19 -1.55
N THR B 93 -14.93 5.70 -0.89
CA THR B 93 -15.12 4.96 0.39
C THR B 93 -15.21 5.70 1.55
N CYS B 94 -15.98 5.24 2.51
CA CYS B 94 -16.25 5.97 3.76
C CYS B 94 -15.01 6.11 4.62
N GLU B 95 -14.77 7.33 5.12
CA GLU B 95 -13.72 7.60 6.09
C GLU B 95 -14.27 8.46 7.22
N GLN B 96 -13.43 8.74 8.22
CA GLN B 96 -13.79 9.73 9.23
C GLN B 96 -12.54 10.49 9.65
N ASN B 97 -12.45 11.72 9.17
CA ASN B 97 -11.37 12.65 9.45
C ASN B 97 -11.99 14.04 9.56
N GLU B 98 -11.18 15.02 9.99
CA GLU B 98 -11.56 16.43 10.17
C GLU B 98 -12.20 16.99 8.89
N GLY B 99 -11.94 16.37 7.72
CA GLY B 99 -12.38 16.88 6.43
C GLY B 99 -13.87 16.63 6.18
N MET B 100 -14.45 15.75 6.99
CA MET B 100 -15.83 15.32 6.87
C MET B 100 -16.56 15.59 8.18
N LYS B 101 -17.70 16.28 8.13
CA LYS B 101 -18.42 16.65 9.33
C LYS B 101 -19.10 15.41 9.91
N GLY B 102 -19.90 14.76 9.08
CA GLY B 102 -20.59 13.53 9.44
C GLY B 102 -21.40 13.02 8.23
N TYR B 103 -22.05 11.87 8.41
CA TYR B 103 -22.94 11.32 7.39
C TYR B 103 -23.65 10.12 7.99
N GLY B 104 -24.73 9.71 7.31
CA GLY B 104 -25.52 8.59 7.78
C GLY B 104 -26.95 8.66 7.24
N TRP B 105 -27.77 7.74 7.72
CA TRP B 105 -29.14 7.65 7.27
C TRP B 105 -30.06 8.35 8.27
N ASP B 106 -30.91 9.25 7.77
CA ASP B 106 -31.88 9.96 8.59
C ASP B 106 -33.05 9.02 8.90
N GLU B 107 -33.42 8.23 7.89
CA GLU B 107 -34.40 7.15 7.98
C GLU B 107 -34.03 6.06 6.98
N TYR B 108 -34.42 4.83 7.29
CA TYR B 108 -34.07 3.75 6.40
C TYR B 108 -34.82 2.47 6.75
N ASP B 109 -35.31 1.80 5.72
CA ASP B 109 -35.86 0.46 5.85
C ASP B 109 -35.43 -0.33 4.62
N PRO B 110 -34.71 -1.46 4.78
CA PRO B 110 -34.23 -2.27 3.67
C PRO B 110 -35.24 -2.69 2.61
N ARG B 111 -36.50 -2.88 3.02
CA ARG B 111 -37.52 -3.25 2.03
C ARG B 111 -38.01 -2.02 1.27
N ARG B 112 -37.82 -0.83 1.84
CA ARG B 112 -38.55 0.32 1.38
C ARG B 112 -37.58 1.33 0.78
N GLY B 113 -36.42 1.46 1.43
CA GLY B 113 -35.48 2.51 1.08
C GLY B 113 -35.31 3.49 2.23
N GLY B 114 -34.91 4.72 1.89
CA GLY B 114 -34.52 5.68 2.90
C GLY B 114 -33.73 6.84 2.30
N ILE B 115 -33.20 7.66 3.18
CA ILE B 115 -32.55 8.91 2.85
C ILE B 115 -31.28 9.00 3.70
N GLN B 116 -30.17 9.38 3.03
CA GLN B 116 -28.86 9.53 3.63
C GLN B 116 -28.40 10.98 3.49
N SER B 117 -27.72 11.47 4.53
CA SER B 117 -27.18 12.81 4.58
C SER B 117 -25.65 12.74 4.73
N ILE B 118 -24.94 13.54 3.93
CA ILE B 118 -23.50 13.60 3.95
C ILE B 118 -23.07 15.06 4.06
N HIS B 119 -22.31 15.36 5.12
CA HIS B 119 -21.85 16.71 5.36
C HIS B 119 -20.34 16.76 5.17
N ASP B 120 -19.93 17.18 3.96
CA ASP B 120 -18.56 17.09 3.49
C ASP B 120 -17.92 18.48 3.60
N ILE B 121 -16.96 18.63 4.52
CA ILE B 121 -16.40 19.94 4.79
C ILE B 121 -15.47 20.29 3.65
N GLN B 122 -14.60 19.33 3.30
CA GLN B 122 -13.49 19.57 2.39
C GLN B 122 -14.02 19.96 1.01
N ASN B 123 -15.19 19.43 0.63
CA ASN B 123 -15.76 19.69 -0.68
C ASN B 123 -16.89 20.72 -0.61
N GLY B 124 -17.09 21.27 0.60
CA GLY B 124 -18.05 22.33 0.83
C GLY B 124 -19.46 21.94 0.37
N LEU B 125 -19.84 20.68 0.59
CA LEU B 125 -21.11 20.17 0.09
C LEU B 125 -21.88 19.44 1.19
N ASP B 126 -23.19 19.64 1.18
CA ASP B 126 -24.15 18.82 1.90
C ASP B 126 -24.97 18.02 0.89
N ILE B 127 -24.97 16.70 1.03
CA ILE B 127 -25.54 15.88 -0.03
C ILE B 127 -26.68 15.04 0.53
N THR B 128 -27.62 14.77 -0.35
CA THR B 128 -28.75 13.92 -0.05
C THR B 128 -28.72 12.75 -1.03
N THR B 129 -28.78 11.54 -0.49
CA THR B 129 -28.97 10.39 -1.36
C THR B 129 -30.28 9.74 -0.93
N SER B 130 -31.30 9.90 -1.76
CA SER B 130 -32.56 9.24 -1.45
C SER B 130 -32.73 8.04 -2.35
N PHE B 131 -33.11 6.92 -1.72
CA PHE B 131 -33.20 5.63 -2.39
C PHE B 131 -34.60 5.09 -2.12
N VAL B 132 -35.26 4.55 -3.14
CA VAL B 132 -36.56 3.91 -2.96
C VAL B 132 -36.61 2.64 -3.78
N LYS B 133 -37.34 1.64 -3.25
CA LYS B 133 -37.65 0.40 -3.95
C LYS B 133 -39.11 0.39 -4.41
N ILE B 134 -39.36 -0.26 -5.54
CA ILE B 134 -40.65 -0.26 -6.19
C ILE B 134 -40.89 -1.70 -6.63
N PRO B 135 -41.75 -2.43 -5.91
CA PRO B 135 -41.96 -3.85 -6.20
C PRO B 135 -42.68 -4.01 -7.54
N GLY B 136 -42.49 -5.17 -8.16
CA GLY B 136 -43.01 -5.46 -9.50
C GLY B 136 -42.07 -6.39 -10.27
N GLY B 137 -42.64 -7.36 -10.97
CA GLY B 137 -41.84 -8.19 -11.85
C GLY B 137 -41.30 -9.41 -11.13
N ALA B 138 -40.42 -10.16 -11.82
CA ALA B 138 -39.96 -11.45 -11.35
C ALA B 138 -38.55 -11.35 -10.79
N HIS B 139 -37.97 -10.14 -10.75
CA HIS B 139 -36.52 -10.08 -10.60
C HIS B 139 -36.12 -9.13 -9.47
N GLY B 140 -36.96 -8.98 -8.45
CA GLY B 140 -36.60 -8.21 -7.27
C GLY B 140 -37.05 -6.75 -7.39
N GLY B 141 -37.77 -6.46 -8.48
CA GLY B 141 -38.43 -5.17 -8.66
C GLY B 141 -37.47 -4.12 -9.24
N SER B 142 -37.87 -2.85 -9.07
CA SER B 142 -37.15 -1.70 -9.58
C SER B 142 -36.65 -0.86 -8.41
N TRP B 143 -35.92 0.22 -8.72
CA TRP B 143 -35.48 1.16 -7.70
C TRP B 143 -35.07 2.46 -8.38
N ALA B 144 -34.89 3.51 -7.57
CA ALA B 144 -34.55 4.84 -8.01
C ALA B 144 -33.77 5.54 -6.90
N ALA B 145 -32.99 6.55 -7.28
CA ALA B 145 -32.21 7.32 -6.33
C ALA B 145 -32.18 8.77 -6.78
N ARG B 146 -32.28 9.70 -5.81
CA ARG B 146 -32.02 11.10 -6.09
C ARG B 146 -30.78 11.55 -5.32
N ILE B 147 -29.91 12.29 -6.00
CA ILE B 147 -28.62 12.73 -5.51
C ILE B 147 -28.63 14.27 -5.59
N LYS B 148 -28.60 14.93 -4.42
CA LYS B 148 -28.76 16.38 -4.34
C LYS B 148 -27.55 17.03 -3.64
N GLY B 149 -26.85 17.90 -4.37
CA GLY B 149 -25.72 18.60 -3.81
C GLY B 149 -26.02 20.08 -3.61
N THR B 150 -25.72 20.57 -2.40
CA THR B 150 -25.94 21.95 -2.02
C THR B 150 -24.70 22.44 -1.31
N LEU B 151 -23.99 23.40 -1.93
CA LEU B 151 -22.84 24.04 -1.30
C LEU B 151 -23.28 24.70 0.01
N ASN B 152 -22.49 24.52 1.07
CA ASN B 152 -22.61 25.25 2.31
C ASN B 152 -22.20 26.71 2.10
N ASP B 153 -22.23 27.51 3.15
CA ASP B 153 -22.05 28.95 3.04
C ASP B 153 -20.60 29.31 2.68
N ASP B 154 -19.66 28.48 3.13
CA ASP B 154 -18.23 28.77 3.07
C ASP B 154 -17.62 28.50 1.69
N ALA B 155 -18.27 27.64 0.89
CA ALA B 155 -17.78 27.24 -0.41
C ALA B 155 -17.91 28.40 -1.39
N PRO B 156 -17.00 28.54 -2.39
CA PRO B 156 -17.22 29.52 -3.48
C PRO B 156 -18.47 29.19 -4.28
N LYS B 157 -19.28 30.23 -4.55
CA LYS B 157 -20.65 30.03 -5.05
C LYS B 157 -20.59 29.47 -6.47
N ASP B 158 -19.39 29.49 -7.05
CA ASP B 158 -19.16 29.05 -8.42
C ASP B 158 -18.28 27.78 -8.46
N GLN B 159 -18.11 27.10 -7.30
CA GLN B 159 -17.34 25.88 -7.21
C GLN B 159 -17.70 24.88 -8.32
N LYS B 160 -16.67 24.29 -8.92
CA LYS B 160 -16.86 23.23 -9.90
C LYS B 160 -16.78 21.90 -9.15
N THR B 161 -17.77 21.04 -9.38
CA THR B 161 -17.84 19.76 -8.69
C THR B 161 -18.00 18.67 -9.73
N ILE B 162 -17.08 17.69 -9.69
CA ILE B 162 -17.21 16.50 -10.54
C ILE B 162 -18.05 15.48 -9.79
N VAL B 163 -19.01 14.89 -10.50
CA VAL B 163 -19.80 13.80 -9.95
C VAL B 163 -19.71 12.63 -10.92
N VAL B 164 -19.41 11.45 -10.40
CA VAL B 164 -19.33 10.28 -11.26
C VAL B 164 -20.29 9.23 -10.73
N PHE B 165 -21.09 8.67 -11.64
CA PHE B 165 -21.85 7.47 -11.35
C PHE B 165 -21.22 6.29 -12.10
N TYR B 166 -20.72 5.33 -11.33
CA TYR B 166 -19.97 4.18 -11.80
C TYR B 166 -20.85 2.93 -11.78
N VAL B 167 -20.87 2.20 -12.90
CA VAL B 167 -21.71 1.02 -12.98
C VAL B 167 -20.88 -0.15 -13.45
N SER B 168 -20.96 -1.27 -12.72
CA SER B 168 -20.24 -2.47 -13.13
C SER B 168 -21.20 -3.66 -13.23
N GLN B 169 -20.86 -4.65 -14.06
CA GLN B 169 -21.64 -5.89 -14.11
C GLN B 169 -20.71 -7.09 -14.30
N GLU B 170 -20.67 -7.92 -13.27
CA GLU B 170 -19.91 -9.15 -13.28
C GLU B 170 -20.81 -10.29 -13.72
N GLY B 171 -20.19 -11.34 -14.29
CA GLY B 171 -20.88 -12.60 -14.47
C GLY B 171 -21.06 -12.97 -15.94
N GLU B 172 -21.15 -14.28 -16.19
CA GLU B 172 -21.26 -14.84 -17.53
C GLU B 172 -22.65 -14.50 -18.09
N ASN B 173 -22.72 -14.45 -19.42
CA ASN B 173 -23.98 -14.30 -20.14
C ASN B 173 -24.75 -13.12 -19.55
N SER B 174 -24.14 -11.94 -19.64
CA SER B 174 -24.76 -10.71 -19.18
C SER B 174 -24.27 -9.55 -20.04
N GLU B 175 -25.18 -8.64 -20.40
CA GLU B 175 -24.83 -7.55 -21.29
C GLU B 175 -25.11 -6.22 -20.61
N LEU B 176 -24.35 -5.22 -21.03
CA LEU B 176 -24.66 -3.88 -20.58
C LEU B 176 -24.16 -2.89 -21.62
N GLU B 177 -25.03 -1.97 -22.00
CA GLU B 177 -24.74 -1.12 -23.13
C GLU B 177 -25.20 0.30 -22.81
N ALA B 178 -24.33 1.29 -23.04
CA ALA B 178 -24.79 2.67 -23.04
C ALA B 178 -25.40 3.00 -24.40
N VAL B 179 -26.55 3.66 -24.39
CA VAL B 179 -27.14 4.10 -25.64
C VAL B 179 -26.42 5.38 -26.08
N PRO B 180 -25.89 5.44 -27.32
CA PRO B 180 -25.19 6.63 -27.82
C PRO B 180 -26.05 7.88 -27.68
N SER B 181 -25.42 9.04 -27.54
CA SER B 181 -26.15 10.29 -27.66
C SER B 181 -26.52 10.61 -29.11
N GLU B 182 -27.38 11.62 -29.30
CA GLU B 182 -27.64 12.18 -30.61
C GLU B 182 -26.76 13.41 -30.85
N ASN B 183 -25.71 13.58 -30.04
CA ASN B 183 -24.89 14.79 -30.04
C ASN B 183 -23.42 14.42 -30.21
N GLU B 184 -22.56 15.44 -30.33
CA GLU B 184 -21.20 15.21 -30.79
C GLU B 184 -20.35 14.67 -29.63
N PHE B 185 -20.24 15.47 -28.56
CA PHE B 185 -19.18 15.27 -27.58
C PHE B 185 -19.75 14.73 -26.27
N GLY B 186 -20.99 14.25 -26.31
CA GLY B 186 -21.65 13.82 -25.09
C GLY B 186 -23.14 14.15 -25.11
N TYR B 187 -23.76 14.05 -23.93
CA TYR B 187 -25.21 14.04 -23.77
C TYR B 187 -25.69 15.40 -23.26
N GLU B 188 -26.78 15.85 -23.88
CA GLU B 188 -27.60 16.95 -23.40
C GLU B 188 -28.64 16.36 -22.47
N GLY B 189 -28.97 15.08 -22.74
CA GLY B 189 -30.14 14.43 -22.16
C GLY B 189 -29.78 13.46 -21.04
N ASP B 190 -30.60 12.42 -20.93
CA ASP B 190 -30.41 11.34 -19.98
C ASP B 190 -29.38 10.38 -20.56
N VAL B 191 -28.69 9.64 -19.67
CA VAL B 191 -27.91 8.52 -20.12
C VAL B 191 -28.74 7.26 -19.92
N ILE B 192 -28.86 6.46 -20.98
CA ILE B 192 -29.62 5.23 -20.88
C ILE B 192 -28.68 4.04 -21.03
N LEU B 193 -28.71 3.14 -20.03
CA LEU B 193 -28.02 1.86 -20.07
C LEU B 193 -29.07 0.77 -20.23
N LYS B 194 -28.84 -0.15 -21.19
CA LYS B 194 -29.64 -1.37 -21.31
C LYS B 194 -28.77 -2.61 -21.04
N GLY B 195 -29.25 -3.46 -20.13
CA GLY B 195 -28.57 -4.70 -19.81
C GLY B 195 -29.55 -5.84 -19.56
N ARG B 196 -29.02 -7.07 -19.62
CA ARG B 196 -29.79 -8.25 -19.28
C ARG B 196 -28.83 -9.20 -18.57
N SER B 197 -29.35 -9.97 -17.60
CA SER B 197 -28.59 -11.08 -17.01
C SER B 197 -29.57 -12.21 -16.73
N GLU B 198 -29.06 -13.42 -16.42
CA GLU B 198 -29.98 -14.48 -15.99
C GLU B 198 -30.71 -13.99 -14.73
N ALA B 199 -29.94 -13.39 -13.83
CA ALA B 199 -30.44 -13.03 -12.51
C ALA B 199 -31.43 -11.87 -12.60
N LEU B 200 -31.08 -10.84 -13.37
CA LEU B 200 -31.91 -9.64 -13.35
C LEU B 200 -32.89 -9.56 -14.52
N GLY B 201 -32.79 -10.50 -15.48
CA GLY B 201 -33.49 -10.40 -16.75
C GLY B 201 -33.08 -9.13 -17.49
N ASN B 202 -34.04 -8.52 -18.21
CA ASN B 202 -33.80 -7.26 -18.90
C ASN B 202 -34.09 -6.08 -17.99
N TYR B 203 -33.31 -5.01 -18.13
CA TYR B 203 -33.51 -3.87 -17.26
C TYR B 203 -32.94 -2.65 -17.94
N LYS B 204 -33.20 -1.49 -17.33
CA LYS B 204 -32.86 -0.22 -17.93
C LYS B 204 -32.38 0.63 -16.76
N LEU B 205 -31.20 1.24 -16.91
CA LEU B 205 -30.67 2.10 -15.87
C LEU B 205 -30.43 3.45 -16.51
N VAL B 206 -31.10 4.47 -15.96
CA VAL B 206 -31.09 5.79 -16.55
C VAL B 206 -30.38 6.74 -15.57
N VAL B 207 -29.41 7.48 -16.09
CA VAL B 207 -28.90 8.59 -15.29
C VAL B 207 -29.44 9.87 -15.90
N THR B 208 -30.37 10.49 -15.18
CA THR B 208 -31.14 11.60 -15.73
C THR B 208 -30.25 12.83 -15.88
N LYS B 209 -30.74 13.77 -16.70
CA LYS B 209 -30.04 14.99 -17.07
C LYS B 209 -29.66 15.76 -15.81
N GLY B 210 -30.67 16.04 -14.97
CA GLY B 210 -30.52 16.65 -13.67
C GLY B 210 -30.66 18.17 -13.73
N LYS B 211 -30.69 18.82 -12.57
CA LYS B 211 -30.79 20.26 -12.53
C LYS B 211 -29.42 20.81 -12.09
N GLY B 212 -29.01 21.95 -12.67
CA GLY B 212 -27.81 22.68 -12.27
C GLY B 212 -27.03 23.25 -13.47
N VAL B 213 -26.23 24.30 -13.20
CA VAL B 213 -25.42 24.92 -14.22
C VAL B 213 -24.26 23.98 -14.56
N ILE B 214 -24.13 23.73 -15.87
CA ILE B 214 -23.01 23.01 -16.47
C ILE B 214 -22.02 24.05 -17.01
N PRO B 215 -20.78 24.15 -16.48
CA PRO B 215 -19.86 25.21 -16.90
C PRO B 215 -19.39 24.91 -18.32
N GLN B 216 -19.12 25.98 -19.08
CA GLN B 216 -18.79 25.85 -20.48
C GLN B 216 -17.38 26.41 -20.72
N SER B 217 -16.63 25.77 -21.61
CA SER B 217 -15.29 26.26 -21.92
C SER B 217 -15.27 26.76 -23.36
N ASP B 218 -14.59 27.89 -23.57
CA ASP B 218 -14.36 28.45 -24.89
C ASP B 218 -12.88 28.30 -25.28
N HIS B 219 -12.13 27.50 -24.51
CA HIS B 219 -10.76 27.11 -24.85
C HIS B 219 -10.75 26.28 -26.13
N ASP B 220 -9.62 26.30 -26.83
CA ASP B 220 -9.52 25.64 -28.11
C ASP B 220 -9.75 24.13 -27.94
N LEU B 221 -9.45 23.60 -26.75
CA LEU B 221 -9.65 22.19 -26.43
C LEU B 221 -11.06 21.72 -26.80
N SER B 222 -12.03 22.65 -26.74
CA SER B 222 -13.45 22.34 -26.87
C SER B 222 -13.75 21.73 -28.23
N ARG B 223 -12.89 22.02 -29.22
CA ARG B 223 -13.04 21.53 -30.59
C ARG B 223 -12.97 20.01 -30.59
N LEU B 224 -12.20 19.48 -29.63
CA LEU B 224 -11.88 18.06 -29.60
C LEU B 224 -12.74 17.37 -28.54
N ARG B 225 -13.16 18.12 -27.51
CA ARG B 225 -13.79 17.55 -26.32
C ARG B 225 -15.11 18.24 -26.02
N GLY B 226 -15.59 19.11 -26.91
CA GLY B 226 -16.87 19.78 -26.71
C GLY B 226 -16.80 20.87 -25.63
N PRO B 227 -17.84 21.73 -25.50
CA PRO B 227 -17.75 22.91 -24.63
C PRO B 227 -17.90 22.54 -23.16
N GLY B 228 -18.30 21.29 -22.90
CA GLY B 228 -18.63 20.85 -21.56
C GLY B 228 -20.03 20.22 -21.53
N GLN B 229 -20.08 18.95 -21.12
CA GLN B 229 -21.32 18.19 -21.13
C GLN B 229 -21.12 16.86 -20.37
N THR B 230 -22.23 16.12 -20.25
CA THR B 230 -22.22 14.80 -19.65
C THR B 230 -21.52 13.84 -20.60
N VAL B 231 -20.72 12.94 -20.05
CA VAL B 231 -20.08 11.94 -20.90
C VAL B 231 -20.25 10.58 -20.25
N VAL B 232 -20.02 9.54 -21.05
CA VAL B 232 -20.03 8.16 -20.63
C VAL B 232 -18.86 7.47 -21.33
N GLN B 233 -18.02 6.78 -20.55
CA GLN B 233 -17.12 5.77 -21.09
C GLN B 233 -17.65 4.39 -20.72
N SER B 234 -17.83 3.56 -21.74
CA SER B 234 -18.10 2.15 -21.60
C SER B 234 -16.81 1.38 -21.89
N LEU B 235 -16.39 0.58 -20.90
CA LEU B 235 -15.11 -0.09 -20.92
C LEU B 235 -15.31 -1.56 -20.58
N THR B 236 -14.23 -2.34 -20.74
CA THR B 236 -14.16 -3.72 -20.30
C THR B 236 -12.92 -3.86 -19.41
N TYR B 237 -13.12 -4.35 -18.19
CA TYR B 237 -12.00 -4.59 -17.29
C TYR B 237 -12.07 -6.04 -16.84
N PRO B 238 -11.00 -6.64 -16.30
CA PRO B 238 -11.10 -8.02 -15.82
C PRO B 238 -11.98 -8.04 -14.57
N ASP B 239 -12.65 -9.18 -14.35
CA ASP B 239 -13.62 -9.29 -13.27
C ASP B 239 -13.03 -8.90 -11.92
N GLU B 240 -11.75 -9.21 -11.67
CA GLU B 240 -11.19 -9.14 -10.33
C GLU B 240 -10.99 -7.69 -9.93
N VAL B 241 -11.10 -6.76 -10.89
CA VAL B 241 -10.77 -5.38 -10.58
C VAL B 241 -12.00 -4.48 -10.59
N LEU B 242 -13.17 -5.04 -10.95
CA LEU B 242 -14.40 -4.26 -11.12
C LEU B 242 -14.69 -3.34 -9.93
N TRP B 243 -14.28 -3.73 -8.73
CA TRP B 243 -14.70 -3.05 -7.52
C TRP B 243 -13.79 -1.84 -7.28
N GLN B 244 -12.62 -1.85 -7.95
CA GLN B 244 -11.62 -0.80 -7.77
C GLN B 244 -12.01 0.42 -8.60
N ALA B 245 -13.14 1.04 -8.23
CA ALA B 245 -13.74 2.09 -9.03
C ALA B 245 -12.80 3.29 -9.17
N LYS B 246 -12.35 3.85 -8.04
CA LYS B 246 -11.46 5.00 -8.03
C LYS B 246 -10.22 4.72 -8.90
N PRO B 247 -9.44 3.66 -8.66
CA PRO B 247 -8.28 3.41 -9.50
C PRO B 247 -8.67 3.35 -10.98
N ILE B 248 -9.88 2.87 -11.27
CA ILE B 248 -10.29 2.75 -12.66
C ILE B 248 -10.64 4.13 -13.21
N LEU B 249 -11.35 4.94 -12.44
CA LEU B 249 -11.64 6.29 -12.88
C LEU B 249 -10.34 7.04 -13.14
N PHE B 250 -9.44 7.03 -12.15
CA PHE B 250 -8.23 7.82 -12.25
C PHE B 250 -7.36 7.37 -13.42
N GLN B 251 -7.38 6.06 -13.72
CA GLN B 251 -6.67 5.51 -14.85
C GLN B 251 -7.23 6.14 -16.10
N GLN B 252 -8.56 6.29 -16.12
CA GLN B 252 -9.26 6.86 -17.26
C GLN B 252 -8.96 8.35 -17.38
N LEU B 253 -8.80 9.03 -16.23
CA LEU B 253 -8.51 10.45 -16.26
C LEU B 253 -7.09 10.66 -16.80
N LYS B 254 -6.15 9.83 -16.33
CA LYS B 254 -4.75 9.88 -16.72
C LYS B 254 -4.62 9.64 -18.22
N ALA B 255 -5.38 8.68 -18.75
CA ALA B 255 -5.33 8.42 -20.17
C ALA B 255 -5.80 9.66 -20.93
N GLY B 256 -6.88 10.29 -20.42
CA GLY B 256 -7.49 11.49 -20.99
C GLY B 256 -6.50 12.67 -21.00
N ILE B 257 -5.61 12.71 -20.00
CA ILE B 257 -4.63 13.77 -19.90
C ILE B 257 -3.43 13.52 -20.82
N ASP B 258 -2.99 12.26 -20.94
CA ASP B 258 -1.82 11.91 -21.74
C ASP B 258 -2.10 12.16 -23.21
N TRP B 259 -3.39 12.21 -23.53
CA TRP B 259 -3.87 12.25 -24.91
C TRP B 259 -3.77 13.69 -25.40
N LEU B 260 -3.68 14.63 -24.46
CA LEU B 260 -3.50 16.03 -24.79
C LEU B 260 -2.19 16.23 -25.56
N VAL B 261 -1.16 15.46 -25.21
CA VAL B 261 0.16 15.71 -25.76
C VAL B 261 0.31 15.10 -27.16
N GLU B 262 -0.67 14.30 -27.61
CA GLU B 262 -0.64 13.72 -28.94
C GLU B 262 -1.76 14.29 -29.82
N ASN B 263 -2.34 15.44 -29.45
CA ASN B 263 -3.50 15.94 -30.17
C ASN B 263 -3.40 17.44 -30.41
N LYS B 264 -3.91 17.88 -31.59
CA LYS B 264 -3.71 19.22 -32.13
C LYS B 264 -4.75 20.18 -31.53
N TYR B 265 -4.30 20.98 -30.54
CA TYR B 265 -5.07 22.08 -29.99
C TYR B 265 -4.09 23.07 -29.38
N ASP B 266 -4.53 24.33 -29.22
CA ASP B 266 -3.69 25.44 -28.78
C ASP B 266 -3.46 25.32 -27.27
N VAL B 267 -2.18 25.36 -26.87
CA VAL B 267 -1.85 25.04 -25.49
C VAL B 267 -1.18 26.26 -24.86
N ALA B 268 -1.46 27.42 -25.46
CA ALA B 268 -0.85 28.67 -25.03
C ALA B 268 -1.52 29.16 -23.74
N ASP B 269 -2.86 29.05 -23.72
CA ASP B 269 -3.67 29.44 -22.57
C ASP B 269 -4.05 28.22 -21.74
N PRO B 270 -3.93 28.32 -20.40
CA PRO B 270 -4.38 27.26 -19.48
C PRO B 270 -5.84 26.91 -19.72
N PRO B 271 -6.17 25.61 -19.96
CA PRO B 271 -7.56 25.18 -20.06
C PRO B 271 -8.12 25.01 -18.66
N PRO B 272 -9.46 25.10 -18.45
CA PRO B 272 -10.01 25.06 -17.10
C PRO B 272 -9.86 23.64 -16.52
N PRO B 273 -9.38 23.51 -15.25
CA PRO B 273 -9.11 22.19 -14.67
C PRO B 273 -10.23 21.17 -14.87
N TRP B 274 -11.47 21.63 -14.80
CA TRP B 274 -12.58 20.73 -14.88
C TRP B 274 -12.73 20.10 -16.27
N GLN B 275 -12.19 20.74 -17.31
CA GLN B 275 -12.39 20.22 -18.66
C GLN B 275 -11.27 19.24 -19.00
N VAL B 276 -10.10 19.51 -18.41
CA VAL B 276 -8.95 18.64 -18.56
C VAL B 276 -9.27 17.31 -17.88
N TYR B 277 -10.13 17.35 -16.84
CA TYR B 277 -10.59 16.16 -16.12
C TYR B 277 -11.97 15.70 -16.57
N LEU B 278 -12.47 16.21 -17.70
CA LEU B 278 -13.70 15.69 -18.27
C LEU B 278 -13.33 14.61 -19.31
N LEU B 279 -13.77 13.38 -19.04
CA LEU B 279 -13.48 12.25 -19.91
C LEU B 279 -14.06 12.47 -21.30
N ALA B 280 -13.45 11.79 -22.28
CA ALA B 280 -13.92 11.80 -23.65
C ALA B 280 -15.06 10.81 -23.76
N ASN B 281 -16.16 11.23 -24.41
CA ASN B 281 -17.36 10.40 -24.53
C ASN B 281 -17.03 9.18 -25.38
N LYS B 282 -17.20 7.99 -24.81
CA LYS B 282 -16.99 6.72 -25.53
C LYS B 282 -18.04 5.70 -25.09
N PRO B 283 -19.36 5.98 -25.26
CA PRO B 283 -20.39 5.04 -24.83
C PRO B 283 -20.41 3.85 -25.78
N GLY B 284 -20.76 2.70 -25.21
CA GLY B 284 -21.12 1.49 -25.94
C GLY B 284 -21.25 0.31 -24.99
N SER B 285 -20.77 -0.83 -25.45
CA SER B 285 -20.97 -2.07 -24.74
C SER B 285 -19.80 -2.22 -23.78
N GLY B 286 -20.03 -2.76 -22.58
CA GLY B 286 -18.94 -3.10 -21.68
C GLY B 286 -19.41 -3.48 -20.28
N ASN B 287 -18.49 -3.86 -19.39
CA ASN B 287 -18.87 -4.30 -18.07
C ASN B 287 -18.52 -3.22 -17.03
N VAL B 288 -17.99 -2.10 -17.53
CA VAL B 288 -17.88 -0.91 -16.70
C VAL B 288 -18.47 0.24 -17.50
N HIS B 289 -19.19 1.12 -16.81
CA HIS B 289 -19.72 2.34 -17.41
C HIS B 289 -19.46 3.52 -16.47
N ILE B 290 -18.68 4.50 -16.93
CA ILE B 290 -18.44 5.68 -16.11
C ILE B 290 -19.26 6.84 -16.68
N VAL B 291 -20.24 7.31 -15.90
CA VAL B 291 -21.10 8.44 -16.25
C VAL B 291 -20.64 9.64 -15.43
N GLN B 292 -20.19 10.68 -16.15
CA GLN B 292 -19.56 11.84 -15.52
C GLN B 292 -20.37 13.10 -15.85
N LYS B 293 -20.36 14.05 -14.92
CA LYS B 293 -21.05 15.34 -15.00
C LYS B 293 -20.21 16.37 -14.26
N VAL B 294 -20.11 17.58 -14.81
CA VAL B 294 -19.53 18.65 -14.03
C VAL B 294 -20.59 19.69 -13.72
N PHE B 295 -20.56 20.19 -12.49
CA PHE B 295 -21.57 21.13 -12.05
C PHE B 295 -20.90 22.36 -11.48
N GLU B 296 -21.59 23.49 -11.66
CA GLU B 296 -21.24 24.78 -11.08
C GLU B 296 -22.40 25.18 -10.17
N GLY B 297 -22.07 25.47 -8.91
CA GLY B 297 -23.07 25.59 -7.84
C GLY B 297 -23.80 24.28 -7.54
N ASP B 298 -25.05 24.40 -7.06
CA ASP B 298 -25.89 23.29 -6.63
C ASP B 298 -26.24 22.41 -7.83
N PHE B 299 -26.55 21.15 -7.53
CA PHE B 299 -26.87 20.17 -8.55
C PHE B 299 -27.80 19.13 -7.94
N GLU B 300 -28.50 18.42 -8.82
CA GLU B 300 -29.24 17.25 -8.44
C GLU B 300 -29.53 16.47 -9.71
N PHE B 301 -29.61 15.14 -9.58
CA PHE B 301 -30.00 14.27 -10.69
C PHE B 301 -30.49 12.94 -10.14
N ASP B 302 -30.96 12.09 -11.06
CA ASP B 302 -31.67 10.87 -10.71
C ASP B 302 -31.00 9.66 -11.36
N ILE B 303 -31.05 8.54 -10.64
CA ILE B 303 -30.79 7.23 -11.21
C ILE B 303 -32.12 6.48 -11.17
N LEU B 304 -32.45 5.84 -12.30
CA LEU B 304 -33.73 5.19 -12.42
C LEU B 304 -33.50 3.77 -12.92
N PHE B 305 -33.91 2.79 -12.11
CA PHE B 305 -33.69 1.40 -12.46
C PHE B 305 -35.04 0.72 -12.66
N SER B 306 -35.28 0.27 -13.89
CA SER B 306 -36.53 -0.36 -14.27
C SER B 306 -36.27 -1.81 -14.65
N SER B 307 -36.71 -2.72 -13.77
CA SER B 307 -36.89 -4.12 -14.09
C SER B 307 -37.92 -4.20 -15.20
N GLU B 308 -37.53 -4.76 -16.35
CA GLU B 308 -38.41 -4.86 -17.50
C GLU B 308 -39.73 -5.53 -17.08
N SER B 309 -39.63 -6.66 -16.37
CA SER B 309 -40.77 -7.50 -16.03
C SER B 309 -41.74 -6.84 -15.04
N ALA B 310 -41.34 -5.76 -14.35
CA ALA B 310 -42.28 -4.96 -13.58
C ALA B 310 -43.24 -4.23 -14.53
N GLY B 311 -42.90 -4.30 -15.83
CA GLY B 311 -43.80 -4.00 -16.94
C GLY B 311 -44.21 -2.55 -16.95
N LYS B 312 -43.36 -1.69 -16.37
CA LYS B 312 -43.64 -0.28 -16.10
C LYS B 312 -42.35 0.43 -15.73
N GLU B 313 -41.89 1.32 -16.61
CA GLU B 313 -40.64 2.03 -16.41
C GLU B 313 -40.81 3.11 -15.34
N VAL B 314 -39.78 3.28 -14.49
CA VAL B 314 -39.81 4.13 -13.32
C VAL B 314 -39.46 5.55 -13.73
N THR B 315 -40.21 6.52 -13.20
CA THR B 315 -40.04 7.91 -13.59
C THR B 315 -39.55 8.71 -12.40
N SER B 316 -39.05 9.92 -12.66
CA SER B 316 -38.69 10.78 -11.55
C SER B 316 -39.90 11.09 -10.65
N LYS B 317 -41.12 11.02 -11.19
CA LYS B 317 -42.30 11.37 -10.42
C LYS B 317 -42.68 10.19 -9.52
N ASP B 318 -42.58 8.98 -10.07
CA ASP B 318 -42.64 7.75 -9.30
C ASP B 318 -41.68 7.79 -8.10
N LEU B 319 -40.45 8.30 -8.32
CA LEU B 319 -39.42 8.42 -7.30
C LEU B 319 -39.89 9.39 -6.21
N GLU B 320 -40.30 10.59 -6.64
CA GLU B 320 -40.63 11.64 -5.69
C GLU B 320 -41.75 11.14 -4.80
N ARG B 321 -42.74 10.51 -5.44
CA ARG B 321 -43.95 10.04 -4.79
C ARG B 321 -43.58 9.04 -3.70
N GLU B 322 -42.64 8.12 -4.02
CA GLU B 322 -42.35 6.97 -3.17
C GLU B 322 -41.44 7.37 -2.01
N VAL B 323 -40.54 8.33 -2.26
CA VAL B 323 -39.74 8.87 -1.17
C VAL B 323 -40.67 9.40 -0.09
N LYS B 324 -41.67 10.21 -0.50
CA LYS B 324 -42.60 10.90 0.40
C LYS B 324 -43.41 9.88 1.20
N GLN B 325 -43.83 8.79 0.53
CA GLN B 325 -44.67 7.78 1.14
C GLN B 325 -43.85 6.90 2.06
N ALA B 326 -42.62 6.57 1.66
CA ALA B 326 -41.81 5.71 2.51
C ALA B 326 -41.46 6.48 3.79
N THR B 327 -41.29 7.80 3.67
CA THR B 327 -41.06 8.64 4.83
C THR B 327 -42.25 8.56 5.79
N GLU B 328 -43.46 8.56 5.23
CA GLU B 328 -44.65 8.43 6.05
C GLU B 328 -44.70 7.04 6.70
N VAL B 329 -44.41 5.96 5.95
CA VAL B 329 -44.51 4.62 6.51
C VAL B 329 -43.46 4.42 7.61
N PHE B 330 -42.28 5.01 7.42
CA PHE B 330 -41.23 4.91 8.42
C PHE B 330 -41.67 5.58 9.72
N GLY B 331 -42.19 6.81 9.60
CA GLY B 331 -42.68 7.57 10.73
C GLY B 331 -43.65 6.76 11.60
N GLU B 332 -44.69 6.20 10.96
CA GLU B 332 -45.73 5.45 11.67
C GLU B 332 -45.14 4.20 12.31
N ARG B 333 -44.28 3.48 11.57
CA ARG B 333 -43.68 2.24 12.06
C ARG B 333 -42.77 2.48 13.26
N PHE B 334 -42.03 3.60 13.26
CA PHE B 334 -41.10 3.86 14.35
C PHE B 334 -41.85 4.09 15.65
N ALA B 335 -42.96 4.82 15.55
CA ALA B 335 -43.76 5.19 16.72
C ALA B 335 -44.40 3.96 17.35
N ARG B 336 -44.79 2.98 16.52
CA ARG B 336 -45.35 1.70 16.96
C ARG B 336 -44.24 0.84 17.59
N VAL B 337 -43.10 0.73 16.92
CA VAL B 337 -42.14 -0.31 17.27
C VAL B 337 -41.19 0.20 18.36
N PHE B 338 -40.91 1.49 18.34
CA PHE B 338 -40.05 2.07 19.38
C PHE B 338 -40.85 3.13 20.11
N ASP B 339 -41.71 2.70 21.02
CA ASP B 339 -42.51 3.68 21.79
C ASP B 339 -41.59 4.15 22.90
N LEU B 340 -40.97 5.31 22.71
CA LEU B 340 -40.01 5.77 23.72
C LEU B 340 -40.74 5.98 25.04
N LYS B 341 -40.11 5.54 26.12
CA LYS B 341 -40.71 5.64 27.46
C LYS B 341 -40.11 6.84 28.18
N ALA B 342 -40.76 7.26 29.26
CA ALA B 342 -40.32 8.38 30.07
C ALA B 342 -38.96 8.08 30.66
N PRO B 343 -38.06 9.20 30.78
CA PRO B 343 -38.02 10.85 30.40
C PRO B 343 -37.49 11.03 28.98
N PHE B 344 -37.85 10.10 28.09
CA PHE B 344 -37.34 10.10 26.70
C PHE B 344 -38.46 10.20 25.68
N GLN B 345 -39.58 10.80 26.03
CA GLN B 345 -40.70 10.94 25.06
C GLN B 345 -40.56 12.23 24.27
N GLY B 346 -39.55 13.04 24.57
CA GLY B 346 -39.33 14.31 23.88
C GLY B 346 -38.93 14.12 22.42
N ASP B 347 -39.16 15.15 21.61
CA ASP B 347 -38.84 15.13 20.16
C ASP B 347 -37.33 14.95 19.97
N ASN B 348 -36.51 15.54 20.83
CA ASN B 348 -35.04 15.40 20.72
C ASN B 348 -34.63 13.93 20.85
N TYR B 349 -35.28 13.18 21.72
CA TYR B 349 -35.00 11.73 21.89
C TYR B 349 -35.54 10.98 20.67
N LYS B 350 -36.75 11.33 20.22
CA LYS B 350 -37.31 10.75 19.01
C LYS B 350 -36.32 10.89 17.84
N LYS B 351 -35.83 12.11 17.59
CA LYS B 351 -34.99 12.38 16.42
C LYS B 351 -33.72 11.54 16.58
N PHE B 352 -33.23 11.46 17.82
CA PHE B 352 -32.04 10.71 18.18
C PHE B 352 -32.22 9.22 17.92
N GLY B 353 -33.29 8.62 18.47
CA GLY B 353 -33.57 7.23 18.28
C GLY B 353 -33.68 6.88 16.80
N LYS B 354 -34.29 7.78 16.02
CA LYS B 354 -34.45 7.54 14.60
C LYS B 354 -33.09 7.54 13.91
N SER B 355 -32.20 8.41 14.37
CA SER B 355 -30.84 8.44 13.84
C SER B 355 -30.11 7.14 14.19
N MET B 356 -30.03 6.82 15.48
CA MET B 356 -29.30 5.64 15.93
C MET B 356 -29.79 4.40 15.20
N PHE B 357 -31.10 4.28 15.06
CA PHE B 357 -31.65 3.05 14.50
C PHE B 357 -31.46 3.03 12.98
N SER B 358 -31.76 4.16 12.32
CA SER B 358 -31.60 4.23 10.87
C SER B 358 -30.19 3.83 10.43
N ASN B 359 -29.16 4.32 11.14
CA ASN B 359 -27.78 4.01 10.82
C ASN B 359 -27.46 2.54 11.05
N LEU B 360 -27.98 1.98 12.15
CA LEU B 360 -27.81 0.58 12.44
C LEU B 360 -28.31 -0.27 11.27
N ILE B 361 -29.58 -0.08 10.87
CA ILE B 361 -30.22 -1.00 9.93
C ILE B 361 -29.72 -0.66 8.53
N GLY B 362 -29.34 0.60 8.35
CA GLY B 362 -28.89 1.04 7.06
C GLY B 362 -27.46 0.58 6.79
N GLY B 363 -26.77 0.11 7.84
CA GLY B 363 -25.44 -0.46 7.71
C GLY B 363 -25.44 -1.85 7.04
N ILE B 364 -26.62 -2.37 6.67
CA ILE B 364 -26.68 -3.72 6.17
C ILE B 364 -25.93 -3.82 4.83
N GLY B 365 -24.99 -4.77 4.74
CA GLY B 365 -24.30 -4.99 3.49
C GLY B 365 -24.57 -6.38 2.93
N TYR B 366 -24.36 -6.52 1.61
CA TYR B 366 -24.23 -7.84 1.03
C TYR B 366 -22.78 -8.09 0.60
N PHE B 367 -22.21 -9.18 1.14
CA PHE B 367 -20.80 -9.52 0.91
C PHE B 367 -20.69 -10.88 0.23
N TYR B 368 -19.78 -10.97 -0.75
CA TYR B 368 -19.57 -12.18 -1.54
C TYR B 368 -18.11 -12.33 -1.92
N GLY B 369 -17.61 -13.56 -1.93
CA GLY B 369 -16.24 -13.85 -2.36
C GLY B 369 -15.55 -14.88 -1.47
N HIS B 370 -14.24 -14.99 -1.62
CA HIS B 370 -13.47 -16.01 -0.92
C HIS B 370 -13.07 -15.51 0.46
N SER B 371 -12.75 -16.45 1.33
CA SER B 371 -12.33 -16.10 2.67
C SER B 371 -10.97 -16.77 2.95
N LEU B 372 -10.19 -16.24 3.89
CA LEU B 372 -8.88 -16.78 4.23
C LEU B 372 -8.90 -17.58 5.55
N VAL B 373 -8.58 -18.87 5.45
CA VAL B 373 -8.69 -19.80 6.57
C VAL B 373 -7.46 -20.69 6.62
N ASP B 374 -6.96 -20.89 7.84
CA ASP B 374 -5.93 -21.89 8.09
C ASP B 374 -6.64 -23.22 8.31
N ARG B 375 -6.48 -24.14 7.36
CA ARG B 375 -7.17 -25.43 7.41
C ARG B 375 -6.24 -26.53 7.89
N SER B 376 -5.12 -26.18 8.54
CA SER B 376 -4.12 -27.17 8.89
C SER B 376 -4.61 -28.08 10.02
N TYR B 377 -5.24 -27.47 11.03
CA TYR B 377 -5.57 -28.14 12.28
C TYR B 377 -4.29 -28.61 12.97
N ALA B 378 -3.24 -27.79 12.82
CA ALA B 378 -1.95 -27.95 13.50
C ALA B 378 -2.14 -28.38 14.95
N PRO B 379 -1.45 -29.46 15.41
CA PRO B 379 -1.49 -29.84 16.83
C PRO B 379 -1.19 -28.72 17.83
N GLU B 380 -0.53 -27.65 17.37
CA GLU B 380 -0.16 -26.55 18.26
C GLU B 380 -1.41 -25.76 18.63
N TYR B 381 -2.43 -25.90 17.78
CA TYR B 381 -3.72 -25.24 17.96
C TYR B 381 -4.47 -25.86 19.14
N ASP B 382 -4.12 -27.10 19.53
CA ASP B 382 -4.78 -27.82 20.62
C ASP B 382 -4.52 -27.10 21.94
N GLU B 383 -3.47 -26.26 21.98
CA GLU B 383 -3.13 -25.43 23.13
C GLU B 383 -2.98 -26.27 24.39
N GLU B 384 -2.21 -27.35 24.31
CA GLU B 384 -2.13 -28.29 25.43
C GLU B 384 -1.03 -27.91 26.41
N ASN B 385 0.05 -27.29 25.93
CA ASN B 385 1.22 -27.08 26.77
C ASN B 385 1.22 -25.65 27.29
N GLU B 386 2.04 -25.39 28.32
CA GLU B 386 2.37 -24.04 28.73
C GLU B 386 3.09 -23.37 27.57
N GLY B 387 2.95 -22.05 27.49
CA GLY B 387 3.39 -21.25 26.35
C GLY B 387 2.80 -21.72 25.03
N PHE B 388 1.56 -22.25 25.04
CA PHE B 388 0.86 -22.68 23.85
C PHE B 388 0.83 -21.57 22.80
N TRP B 389 1.03 -20.31 23.23
CA TRP B 389 0.94 -19.18 22.30
C TRP B 389 2.16 -19.10 21.38
N GLU B 390 3.33 -19.45 21.91
CA GLU B 390 4.55 -19.59 21.13
C GLU B 390 4.35 -20.70 20.09
N ASP B 391 3.92 -21.88 20.56
CA ASP B 391 3.63 -23.00 19.67
C ASP B 391 2.75 -22.53 18.52
N ALA B 392 1.84 -21.58 18.82
CA ALA B 392 0.82 -21.13 17.89
C ALA B 392 1.46 -20.27 16.81
N ALA B 393 2.39 -19.38 17.21
CA ALA B 393 3.08 -18.52 16.26
C ALA B 393 3.93 -19.37 15.31
N GLU B 394 4.58 -20.41 15.84
CA GLU B 394 5.31 -21.35 15.00
C GLU B 394 4.39 -21.90 13.90
N ALA B 395 3.23 -22.38 14.33
CA ALA B 395 2.29 -23.01 13.42
C ALA B 395 1.81 -22.00 12.37
N ARG B 396 1.68 -20.73 12.76
CA ARG B 396 1.21 -19.73 11.81
C ARG B 396 2.28 -19.46 10.77
N ALA B 397 3.54 -19.48 11.24
CA ALA B 397 4.70 -19.16 10.42
C ALA B 397 4.91 -20.21 9.32
N ARG B 398 4.18 -21.34 9.42
CA ARG B 398 4.27 -22.41 8.44
C ARG B 398 3.32 -22.14 7.28
N HIS B 399 2.50 -21.08 7.46
CA HIS B 399 1.67 -20.41 6.45
C HIS B 399 0.80 -21.38 5.63
N GLN B 400 -0.13 -22.07 6.30
CA GLN B 400 -0.95 -23.07 5.63
C GLN B 400 -2.21 -22.43 5.05
N GLU B 401 -2.57 -21.22 5.52
CA GLU B 401 -3.85 -20.61 5.16
C GLU B 401 -4.02 -20.55 3.65
N ALA B 402 -5.27 -20.76 3.19
CA ALA B 402 -5.61 -20.67 1.79
C ALA B 402 -6.99 -19.99 1.66
N LEU B 403 -7.17 -19.27 0.55
CA LEU B 403 -8.47 -18.76 0.19
C LEU B 403 -9.41 -19.92 -0.07
N GLU B 404 -10.62 -19.88 0.50
CA GLU B 404 -11.66 -20.86 0.22
C GLU B 404 -12.99 -20.13 0.10
N GLY B 405 -13.96 -20.81 -0.52
CA GLY B 405 -15.24 -20.20 -0.86
C GLY B 405 -15.61 -20.49 -2.31
N PRO B 406 -16.36 -19.61 -3.02
CA PRO B 406 -16.86 -18.34 -2.46
C PRO B 406 -17.94 -18.50 -1.39
N TYR B 407 -18.18 -17.42 -0.63
CA TYR B 407 -19.21 -17.41 0.39
C TYR B 407 -20.00 -16.10 0.27
N GLU B 408 -21.24 -16.10 0.78
CA GLU B 408 -22.05 -14.88 0.82
C GLU B 408 -22.50 -14.59 2.25
N LEU B 409 -22.76 -13.30 2.53
CA LEU B 409 -23.18 -12.88 3.86
C LEU B 409 -24.00 -11.59 3.77
N PHE B 410 -25.27 -11.69 4.20
CA PHE B 410 -26.13 -10.56 4.36
C PHE B 410 -26.21 -10.25 5.85
N THR B 411 -25.70 -9.10 6.28
CA THR B 411 -25.49 -8.82 7.69
C THR B 411 -25.43 -7.32 7.95
N SER B 412 -25.73 -6.90 9.17
CA SER B 412 -25.39 -5.52 9.49
C SER B 412 -23.93 -5.50 9.95
N ILE B 413 -23.44 -4.30 10.31
CA ILE B 413 -22.00 -4.10 10.49
C ILE B 413 -21.78 -3.14 11.65
N PRO B 414 -20.62 -3.23 12.32
CA PRO B 414 -20.28 -2.26 13.37
C PRO B 414 -20.03 -0.83 12.92
N SER B 415 -19.43 -0.65 11.74
CA SER B 415 -19.00 0.68 11.36
C SER B 415 -18.67 0.75 9.87
N ARG B 416 -19.34 1.66 9.16
CA ARG B 416 -19.10 1.87 7.74
C ARG B 416 -17.64 2.22 7.44
N PRO B 417 -17.05 3.26 8.07
CA PRO B 417 -15.65 3.61 7.82
C PRO B 417 -14.58 2.67 8.37
N PHE B 418 -14.87 2.03 9.51
CA PHE B 418 -13.83 1.30 10.22
C PHE B 418 -14.01 -0.21 10.08
N PHE B 419 -15.25 -0.70 10.17
CA PHE B 419 -15.43 -2.15 10.22
C PHE B 419 -16.58 -2.59 9.31
N PRO B 420 -16.50 -2.36 7.98
CA PRO B 420 -17.58 -2.70 7.06
C PRO B 420 -17.59 -4.18 6.69
N ARG B 421 -17.79 -5.02 7.71
CA ARG B 421 -17.91 -6.46 7.52
C ARG B 421 -18.60 -7.05 8.75
N GLY B 422 -19.03 -8.31 8.64
CA GLY B 422 -19.77 -8.95 9.72
C GLY B 422 -18.85 -9.41 10.85
N PHE B 423 -19.26 -9.11 12.10
CA PHE B 423 -18.58 -9.65 13.26
C PHE B 423 -19.56 -10.52 14.04
N LEU B 424 -19.08 -11.66 14.55
CA LEU B 424 -19.96 -12.74 14.99
C LEU B 424 -20.79 -12.38 16.21
N TRP B 425 -20.20 -11.81 17.28
CA TRP B 425 -21.00 -11.53 18.45
C TRP B 425 -21.64 -10.15 18.36
N ASP B 426 -21.05 -9.28 17.53
CA ASP B 426 -21.59 -7.95 17.30
C ASP B 426 -22.99 -8.11 16.75
N GLU B 427 -23.18 -9.07 15.84
CA GLU B 427 -24.43 -9.21 15.11
C GLU B 427 -25.56 -9.61 16.06
N GLY B 428 -25.23 -10.35 17.13
CA GLY B 428 -26.25 -10.73 18.10
C GLY B 428 -26.87 -9.50 18.74
N PHE B 429 -26.04 -8.47 18.96
CA PHE B 429 -26.50 -7.21 19.51
C PHE B 429 -27.21 -6.36 18.45
N HIS B 430 -26.68 -6.34 17.21
CA HIS B 430 -27.25 -5.56 16.11
C HIS B 430 -28.70 -5.94 15.85
N LEU B 431 -28.98 -7.22 16.04
CA LEU B 431 -30.23 -7.80 15.56
C LEU B 431 -31.32 -7.63 16.61
N LEU B 432 -30.95 -7.29 17.85
CA LEU B 432 -31.96 -7.09 18.88
C LEU B 432 -32.93 -5.96 18.49
N PRO B 433 -32.44 -4.74 18.10
CA PRO B 433 -33.32 -3.71 17.56
C PRO B 433 -33.94 -4.07 16.20
N ILE B 434 -33.13 -4.61 15.29
CA ILE B 434 -33.62 -4.92 13.95
C ILE B 434 -34.78 -5.94 14.03
N ALA B 435 -34.68 -6.91 14.96
CA ALA B 435 -35.69 -7.94 15.15
C ALA B 435 -37.06 -7.33 15.46
N ASP B 436 -37.07 -6.32 16.34
CA ASP B 436 -38.25 -5.56 16.75
C ASP B 436 -38.90 -4.89 15.54
N TRP B 437 -38.05 -4.25 14.72
CA TRP B 437 -38.47 -3.60 13.50
C TRP B 437 -39.01 -4.60 12.48
N ASP B 438 -38.37 -5.77 12.38
CA ASP B 438 -38.60 -6.64 11.23
C ASP B 438 -38.04 -8.05 11.51
N ILE B 439 -38.89 -8.92 12.04
CA ILE B 439 -38.39 -10.17 12.60
C ILE B 439 -37.85 -11.04 11.46
N ASP B 440 -38.53 -11.00 10.32
CA ASP B 440 -38.16 -11.78 9.15
C ASP B 440 -36.79 -11.34 8.62
N LEU B 441 -36.53 -10.03 8.61
CA LEU B 441 -35.25 -9.49 8.20
C LEU B 441 -34.16 -10.05 9.11
N ALA B 442 -34.45 -10.09 10.42
CA ALA B 442 -33.48 -10.59 11.38
C ALA B 442 -33.27 -12.09 11.15
N LEU B 443 -34.35 -12.80 10.79
CA LEU B 443 -34.24 -14.22 10.51
C LEU B 443 -33.45 -14.49 9.22
N GLU B 444 -33.58 -13.60 8.22
CA GLU B 444 -32.76 -13.76 7.03
C GLU B 444 -31.27 -13.64 7.38
N ILE B 445 -30.92 -12.65 8.21
CA ILE B 445 -29.55 -12.41 8.61
C ILE B 445 -29.01 -13.57 9.46
N ILE B 446 -29.82 -14.15 10.33
CA ILE B 446 -29.35 -15.31 11.09
C ILE B 446 -29.09 -16.46 10.13
N LYS B 447 -30.01 -16.71 9.21
CA LYS B 447 -29.90 -17.78 8.23
C LYS B 447 -28.60 -17.59 7.44
N SER B 448 -28.30 -16.33 7.09
CA SER B 448 -27.13 -16.03 6.26
C SER B 448 -25.86 -16.47 6.99
N TRP B 449 -25.76 -16.11 8.28
CA TRP B 449 -24.62 -16.46 9.11
C TRP B 449 -24.50 -17.99 9.25
N TYR B 450 -25.58 -18.63 9.70
CA TYR B 450 -25.55 -20.06 9.95
C TYR B 450 -25.23 -20.83 8.67
N ASN B 451 -25.44 -20.17 7.53
CA ASN B 451 -25.08 -20.78 6.27
C ASN B 451 -23.55 -20.83 6.10
N LEU B 452 -22.83 -20.02 6.87
CA LEU B 452 -21.38 -20.05 6.79
C LEU B 452 -20.82 -21.19 7.62
N MET B 453 -21.64 -21.78 8.47
CA MET B 453 -21.10 -22.73 9.43
C MET B 453 -20.54 -23.94 8.69
N ASP B 454 -19.35 -24.39 9.09
CA ASP B 454 -18.73 -25.53 8.43
C ASP B 454 -19.29 -26.81 9.05
N GLU B 455 -18.69 -27.95 8.66
CA GLU B 455 -19.23 -29.26 9.01
C GLU B 455 -18.98 -29.56 10.49
N ASP B 456 -18.10 -28.80 11.15
CA ASP B 456 -17.76 -29.10 12.54
C ASP B 456 -18.63 -28.25 13.45
N GLY B 457 -19.21 -27.17 12.88
CA GLY B 457 -20.02 -26.23 13.63
C GLY B 457 -19.27 -24.95 13.99
N TRP B 458 -18.27 -24.61 13.16
CA TRP B 458 -17.50 -23.38 13.29
C TRP B 458 -17.98 -22.34 12.29
N ILE B 459 -18.07 -21.09 12.77
CA ILE B 459 -18.28 -19.91 11.97
C ILE B 459 -17.16 -18.93 12.31
N ALA B 460 -16.44 -18.47 11.27
CA ALA B 460 -15.33 -17.55 11.52
C ALA B 460 -15.90 -16.30 12.15
N ARG B 461 -15.21 -15.80 13.18
CA ARG B 461 -15.73 -14.71 14.00
C ARG B 461 -15.75 -13.40 13.22
N GLU B 462 -14.85 -13.28 12.23
CA GLU B 462 -14.77 -12.09 11.40
C GLU B 462 -14.82 -12.51 9.94
N GLN B 463 -15.76 -11.95 9.16
CA GLN B 463 -16.04 -12.46 7.83
C GLN B 463 -15.54 -11.46 6.80
N ILE B 464 -14.40 -11.78 6.18
CA ILE B 464 -13.80 -10.92 5.17
C ILE B 464 -13.99 -11.57 3.80
N LEU B 465 -15.09 -11.24 3.12
CA LEU B 465 -15.49 -11.92 1.89
C LEU B 465 -15.17 -11.08 0.67
N GLY B 466 -14.19 -11.53 -0.12
CA GLY B 466 -13.83 -10.89 -1.36
C GLY B 466 -12.65 -9.93 -1.25
N ALA B 467 -12.00 -9.74 -2.41
CA ALA B 467 -10.91 -8.80 -2.57
C ALA B 467 -11.32 -7.43 -2.04
N GLU B 468 -12.57 -7.04 -2.31
CA GLU B 468 -13.06 -5.73 -1.92
C GLU B 468 -13.07 -5.62 -0.41
N ALA B 469 -13.55 -6.70 0.25
CA ALA B 469 -13.62 -6.76 1.70
C ALA B 469 -12.21 -6.70 2.25
N ARG B 470 -11.31 -7.39 1.55
CA ARG B 470 -9.98 -7.73 2.02
C ARG B 470 -9.11 -6.47 2.00
N SER B 471 -9.33 -5.61 0.99
CA SER B 471 -8.54 -4.40 0.78
C SER B 471 -8.59 -3.48 2.00
N LYS B 472 -9.59 -3.63 2.88
CA LYS B 472 -9.79 -2.67 3.94
C LYS B 472 -9.10 -3.15 5.21
N VAL B 473 -8.34 -4.25 5.10
CA VAL B 473 -7.96 -5.07 6.26
C VAL B 473 -6.49 -5.47 6.17
N PRO B 474 -5.66 -5.06 7.15
CA PRO B 474 -4.25 -5.46 7.16
C PRO B 474 -4.13 -6.98 7.16
N LYS B 475 -3.21 -7.51 6.34
CA LYS B 475 -3.04 -8.95 6.17
C LYS B 475 -3.06 -9.72 7.49
N GLU B 476 -2.40 -9.20 8.54
CA GLU B 476 -2.23 -10.02 9.75
C GLU B 476 -3.58 -10.36 10.39
N PHE B 477 -4.63 -9.60 10.06
CA PHE B 477 -5.94 -9.91 10.61
C PHE B 477 -6.81 -10.77 9.69
N GLN B 478 -6.33 -11.12 8.48
CA GLN B 478 -7.24 -11.69 7.50
C GLN B 478 -7.55 -13.14 7.80
N THR B 479 -6.52 -13.89 8.20
CA THR B 479 -6.64 -15.34 8.30
C THR B 479 -7.55 -15.71 9.46
N GLN B 480 -8.50 -16.58 9.20
CA GLN B 480 -9.46 -17.04 10.24
C GLN B 480 -9.05 -18.43 10.72
N TYR B 481 -9.17 -18.67 12.02
CA TYR B 481 -8.73 -19.96 12.60
C TYR B 481 -9.92 -20.75 13.09
N PRO B 482 -10.04 -22.02 12.67
CA PRO B 482 -11.14 -22.89 13.04
C PRO B 482 -11.33 -23.20 14.52
N HIS B 483 -10.32 -23.01 15.36
CA HIS B 483 -10.48 -23.25 16.81
C HIS B 483 -10.83 -21.95 17.52
N TYR B 484 -10.99 -20.85 16.79
CA TYR B 484 -11.32 -19.55 17.42
C TYR B 484 -12.83 -19.34 17.44
N ALA B 485 -13.37 -19.07 18.62
CA ALA B 485 -14.81 -18.85 18.76
C ALA B 485 -15.07 -17.36 18.93
N ASN B 486 -16.34 -17.04 19.20
CA ASN B 486 -16.82 -15.71 19.50
C ASN B 486 -18.10 -15.89 20.34
N PRO B 487 -18.50 -14.95 21.24
CA PRO B 487 -19.68 -15.15 22.06
C PRO B 487 -20.93 -15.35 21.20
N PRO B 488 -21.77 -16.36 21.51
CA PRO B 488 -22.89 -16.75 20.65
C PRO B 488 -24.12 -15.86 20.88
N THR B 489 -23.96 -14.56 20.63
CA THR B 489 -24.97 -13.61 21.02
C THR B 489 -26.16 -13.74 20.08
N LEU B 490 -26.02 -14.54 19.02
CA LEU B 490 -27.14 -14.70 18.11
C LEU B 490 -28.27 -15.49 18.80
N PHE B 491 -27.91 -16.30 19.79
CA PHE B 491 -28.93 -17.05 20.51
C PHE B 491 -29.88 -16.06 21.20
N LEU B 492 -29.36 -14.93 21.66
CA LEU B 492 -30.21 -13.95 22.31
C LEU B 492 -31.33 -13.54 21.37
N VAL B 493 -31.00 -13.30 20.10
CA VAL B 493 -32.01 -12.88 19.13
C VAL B 493 -33.04 -13.98 19.00
N LEU B 494 -32.55 -15.21 18.89
CA LEU B 494 -33.45 -16.35 18.79
C LEU B 494 -34.36 -16.38 20.03
N ASP B 495 -33.83 -16.04 21.20
CA ASP B 495 -34.58 -16.13 22.44
C ASP B 495 -35.79 -15.20 22.37
N ASN B 496 -35.56 -13.98 21.87
CA ASN B 496 -36.58 -12.96 21.74
C ASN B 496 -37.62 -13.39 20.70
N PHE B 497 -37.16 -14.10 19.67
CA PHE B 497 -38.07 -14.60 18.66
C PHE B 497 -38.96 -15.71 19.22
N VAL B 498 -38.37 -16.61 20.03
CA VAL B 498 -39.12 -17.72 20.62
C VAL B 498 -40.20 -17.14 21.53
N GLU B 499 -39.81 -16.13 22.34
CA GLU B 499 -40.69 -15.35 23.19
C GLU B 499 -41.93 -14.92 22.38
N ARG B 500 -41.67 -14.26 21.26
CA ARG B 500 -42.71 -13.76 20.38
C ARG B 500 -43.61 -14.89 19.87
N LEU B 501 -43.06 -16.08 19.59
CA LEU B 501 -43.88 -17.18 19.13
C LEU B 501 -44.83 -17.64 20.24
N ARG B 502 -44.32 -17.67 21.49
CA ARG B 502 -45.08 -18.08 22.66
C ARG B 502 -46.32 -17.20 22.85
N LYS B 503 -46.14 -15.87 22.78
CA LYS B 503 -47.24 -14.93 23.00
C LYS B 503 -48.25 -14.97 21.85
N ASN B 504 -47.84 -15.44 20.65
CA ASN B 504 -48.78 -15.52 19.54
C ASN B 504 -49.70 -16.74 19.66
N ASN B 505 -49.32 -17.77 20.43
CA ASN B 505 -50.19 -18.95 20.66
C ASN B 505 -51.34 -18.60 21.62
N THR B 520 -48.05 -8.05 5.21
CA THR B 520 -46.74 -7.39 5.44
C THR B 520 -45.66 -8.45 5.72
N LEU B 521 -44.58 -8.43 4.94
CA LEU B 521 -43.62 -9.51 4.92
C LEU B 521 -42.73 -9.50 6.17
N SER B 522 -42.68 -8.35 6.84
CA SER B 522 -41.93 -8.13 8.07
C SER B 522 -42.19 -9.19 9.13
N THR B 523 -43.43 -9.71 9.22
CA THR B 523 -43.83 -10.43 10.42
C THR B 523 -44.44 -11.78 10.06
N ALA B 524 -44.28 -12.22 8.79
CA ALA B 524 -44.92 -13.40 8.25
C ALA B 524 -44.61 -14.61 9.10
N SER B 525 -43.45 -14.59 9.78
CA SER B 525 -42.92 -15.70 10.55
C SER B 525 -43.55 -15.79 11.94
N VAL B 526 -44.12 -14.69 12.45
CA VAL B 526 -44.82 -14.75 13.72
C VAL B 526 -46.33 -14.77 13.46
N ASP B 527 -46.73 -14.13 12.36
CA ASP B 527 -48.12 -14.00 11.98
C ASP B 527 -48.70 -15.38 11.71
N ASN B 528 -47.94 -16.22 11.00
CA ASN B 528 -48.28 -17.62 10.88
C ASN B 528 -47.22 -18.44 11.62
N PRO B 529 -47.46 -18.84 12.89
CA PRO B 529 -46.42 -19.50 13.69
C PRO B 529 -45.99 -20.86 13.13
N GLU B 530 -46.72 -21.40 12.17
CA GLU B 530 -46.25 -22.59 11.47
C GLU B 530 -44.95 -22.27 10.73
N VAL B 531 -44.87 -21.05 10.18
CA VAL B 531 -43.76 -20.58 9.37
C VAL B 531 -42.55 -20.39 10.28
N GLY B 532 -42.77 -19.69 11.40
CA GLY B 532 -41.75 -19.49 12.42
C GLY B 532 -41.25 -20.82 12.96
N LEU B 533 -42.18 -21.77 13.14
CA LEU B 533 -41.82 -23.05 13.70
C LEU B 533 -40.93 -23.83 12.73
N GLU B 534 -41.19 -23.69 11.42
CA GLU B 534 -40.41 -24.48 10.48
C GLU B 534 -39.00 -23.91 10.36
N TYR B 535 -38.91 -22.58 10.39
CA TYR B 535 -37.62 -21.94 10.37
C TYR B 535 -36.73 -22.53 11.47
N LEU B 536 -37.30 -22.68 12.67
CA LEU B 536 -36.58 -23.17 13.82
C LEU B 536 -36.19 -24.61 13.58
N ARG B 537 -37.16 -25.37 13.05
CA ARG B 537 -36.98 -26.79 12.77
C ARG B 537 -35.78 -26.98 11.84
N ARG B 538 -35.59 -26.08 10.86
CA ARG B 538 -34.48 -26.22 9.93
C ARG B 538 -33.16 -25.69 10.49
N LEU B 539 -33.21 -24.73 11.43
CA LEU B 539 -32.01 -24.09 11.95
C LEU B 539 -31.46 -24.84 13.17
N TYR B 540 -32.33 -25.55 13.89
CA TYR B 540 -32.02 -26.16 15.18
C TYR B 540 -30.81 -27.08 15.09
N PRO B 541 -30.72 -27.99 14.08
CA PRO B 541 -29.55 -28.85 13.94
C PRO B 541 -28.24 -28.07 13.86
N LEU B 542 -28.25 -26.90 13.19
CA LEU B 542 -27.05 -26.07 13.13
C LEU B 542 -26.72 -25.47 14.51
N LEU B 543 -27.76 -25.14 15.29
CA LEU B 543 -27.58 -24.61 16.63
C LEU B 543 -27.00 -25.70 17.53
N ARG B 544 -27.51 -26.93 17.40
CA ARG B 544 -27.03 -28.07 18.16
C ARG B 544 -25.56 -28.31 17.77
N ARG B 545 -25.26 -28.12 16.49
CA ARG B 545 -23.91 -28.38 16.04
C ARG B 545 -22.96 -27.38 16.71
N GLN B 546 -23.37 -26.13 16.79
CA GLN B 546 -22.46 -25.12 17.30
C GLN B 546 -22.27 -25.38 18.79
N PHE B 547 -23.35 -25.82 19.44
CA PHE B 547 -23.29 -26.09 20.86
C PHE B 547 -22.21 -27.15 21.09
N ASP B 548 -22.36 -28.27 20.35
CA ASP B 548 -21.44 -29.40 20.41
C ASP B 548 -19.99 -28.94 20.19
N TRP B 549 -19.81 -28.12 19.14
CA TRP B 549 -18.52 -27.59 18.74
C TRP B 549 -17.88 -26.80 19.87
N PHE B 550 -18.69 -26.05 20.63
CA PHE B 550 -18.13 -25.24 21.70
C PHE B 550 -17.56 -26.17 22.77
N ARG B 551 -18.36 -27.16 23.18
CA ARG B 551 -18.03 -27.99 24.32
C ARG B 551 -16.83 -28.87 23.97
N LYS B 552 -16.67 -29.12 22.66
CA LYS B 552 -15.58 -29.93 22.13
C LYS B 552 -14.29 -29.09 22.07
N THR B 553 -14.35 -27.90 21.46
CA THR B 553 -13.13 -27.18 21.09
C THR B 553 -12.73 -26.15 22.14
N GLN B 554 -13.63 -25.82 23.08
CA GLN B 554 -13.27 -24.85 24.12
C GLN B 554 -13.38 -25.51 25.49
N ALA B 555 -13.36 -26.85 25.50
CA ALA B 555 -13.31 -27.62 26.74
C ALA B 555 -12.23 -27.03 27.63
N GLY B 556 -12.54 -26.85 28.93
CA GLY B 556 -11.54 -26.63 29.95
C GLY B 556 -11.08 -27.95 30.57
N ASP B 557 -10.17 -27.87 31.54
CA ASP B 557 -9.57 -29.05 32.14
C ASP B 557 -9.86 -29.08 33.64
N ILE B 558 -10.54 -30.13 34.07
CA ILE B 558 -10.80 -30.32 35.52
C ILE B 558 -10.07 -31.60 35.96
N LYS B 559 -10.09 -32.63 35.12
CA LYS B 559 -9.56 -33.99 35.42
C LYS B 559 -8.04 -34.04 35.60
N SER B 560 -7.28 -33.25 34.87
CA SER B 560 -5.81 -33.43 34.94
C SER B 560 -5.17 -32.55 36.01
N TYR B 561 -5.98 -31.88 36.82
CA TYR B 561 -5.42 -30.99 37.87
C TYR B 561 -6.07 -31.33 39.20
N ASP B 562 -5.55 -30.76 40.27
CA ASP B 562 -6.11 -30.98 41.62
C ASP B 562 -7.27 -29.99 41.80
N ARG B 563 -8.40 -30.28 41.16
CA ARG B 563 -9.58 -29.38 41.17
C ARG B 563 -10.82 -30.18 41.58
N GLU B 564 -11.58 -29.67 42.54
CA GLU B 564 -12.82 -30.33 42.98
C GLU B 564 -14.00 -29.55 42.40
N ALA B 565 -14.99 -30.26 41.87
CA ALA B 565 -16.13 -29.61 41.27
C ALA B 565 -17.28 -30.59 41.17
N TYR B 566 -18.50 -30.06 41.35
CA TYR B 566 -19.75 -30.78 41.27
C TYR B 566 -19.81 -31.60 39.97
N SER B 567 -19.39 -30.97 38.86
CA SER B 567 -19.32 -31.66 37.58
C SER B 567 -17.87 -31.71 37.13
N THR B 568 -17.48 -32.83 36.51
CA THR B 568 -16.12 -32.97 35.99
C THR B 568 -16.08 -32.52 34.54
N LYS B 569 -17.25 -32.39 33.90
CA LYS B 569 -17.29 -32.12 32.47
C LYS B 569 -17.40 -30.61 32.18
N GLU B 570 -18.15 -29.85 32.99
CA GLU B 570 -18.49 -28.45 32.65
C GLU B 570 -17.37 -27.51 33.07
N ALA B 571 -16.62 -27.02 32.06
CA ALA B 571 -15.45 -26.20 32.27
C ALA B 571 -14.92 -25.72 30.92
N TYR B 572 -14.47 -24.47 30.88
CA TYR B 572 -14.38 -23.80 29.58
C TYR B 572 -13.21 -22.83 29.57
N ARG B 573 -12.41 -22.92 28.49
CA ARG B 573 -11.27 -22.06 28.26
C ARG B 573 -11.32 -21.53 26.82
N TRP B 574 -11.14 -20.20 26.67
CA TRP B 574 -11.13 -19.58 25.35
C TRP B 574 -9.86 -19.99 24.62
N ARG B 575 -10.01 -20.80 23.57
CA ARG B 575 -8.90 -20.98 22.65
C ARG B 575 -8.54 -19.60 22.09
N GLY B 576 -7.24 -19.29 22.04
CA GLY B 576 -6.72 -18.29 21.12
C GLY B 576 -6.11 -17.11 21.84
N ARG B 577 -5.84 -17.26 23.14
CA ARG B 577 -5.27 -16.09 23.80
C ARG B 577 -3.77 -16.00 23.57
N THR B 578 -3.28 -14.77 23.77
CA THR B 578 -1.87 -14.43 23.74
C THR B 578 -1.61 -13.72 25.07
N VAL B 579 -0.44 -13.11 25.23
CA VAL B 579 -0.04 -12.77 26.57
C VAL B 579 -0.88 -11.62 27.17
N SER B 580 -1.33 -10.67 26.34
CA SER B 580 -2.00 -9.49 26.86
C SER B 580 -3.44 -9.36 26.34
N HIS B 581 -3.98 -10.47 25.81
CA HIS B 581 -5.18 -10.40 24.99
C HIS B 581 -5.93 -11.72 25.05
N CYS B 582 -7.23 -11.62 24.76
CA CYS B 582 -8.13 -12.72 24.46
C CYS B 582 -9.19 -12.23 23.48
N LEU B 583 -8.79 -12.07 22.21
CA LEU B 583 -9.65 -11.53 21.16
C LEU B 583 -10.91 -12.38 20.93
N THR B 584 -10.79 -13.70 21.06
CA THR B 584 -11.93 -14.56 20.80
C THR B 584 -13.10 -14.23 21.74
N SER B 585 -12.77 -13.73 22.93
CA SER B 585 -13.77 -13.50 23.96
C SER B 585 -14.62 -12.25 23.66
N GLY B 586 -14.06 -11.33 22.84
CA GLY B 586 -14.74 -10.11 22.46
C GLY B 586 -14.35 -8.92 23.35
N LEU B 587 -13.83 -9.17 24.55
CA LEU B 587 -13.28 -8.09 25.35
C LEU B 587 -11.76 -8.15 25.25
N ASP B 588 -11.23 -7.60 24.15
CA ASP B 588 -9.87 -7.83 23.66
C ASP B 588 -8.84 -7.84 24.79
N ASP B 589 -8.72 -6.74 25.54
CA ASP B 589 -7.59 -6.59 26.45
C ASP B 589 -8.00 -6.69 27.92
N TYR B 590 -9.18 -7.23 28.19
CA TYR B 590 -9.65 -7.34 29.57
C TYR B 590 -8.67 -8.22 30.32
N PRO B 591 -8.21 -7.80 31.52
CA PRO B 591 -7.18 -8.53 32.26
C PRO B 591 -7.61 -9.97 32.51
N ARG B 592 -6.73 -10.90 32.13
CA ARG B 592 -6.93 -12.33 32.25
C ARG B 592 -5.85 -12.89 33.19
N PRO B 593 -5.81 -14.22 33.47
CA PRO B 593 -4.78 -14.77 34.35
C PRO B 593 -3.44 -14.62 33.65
N GLN B 594 -2.41 -14.19 34.40
CA GLN B 594 -1.05 -14.15 33.87
C GLN B 594 -0.23 -15.27 34.50
N PRO B 595 0.55 -16.01 33.69
CA PRO B 595 0.48 -15.91 32.23
C PRO B 595 -0.74 -16.67 31.75
N PRO B 596 -1.01 -16.67 30.42
CA PRO B 596 -1.97 -17.61 29.84
C PRO B 596 -1.44 -18.99 30.19
N HIS B 597 -2.32 -20.00 30.17
CA HIS B 597 -2.01 -21.31 30.71
C HIS B 597 -3.12 -22.27 30.29
N PRO B 598 -2.79 -23.52 29.87
CA PRO B 598 -3.81 -24.47 29.40
C PRO B 598 -4.85 -24.92 30.42
N GLY B 599 -4.67 -24.50 31.68
CA GLY B 599 -5.61 -24.83 32.74
C GLY B 599 -6.36 -23.59 33.21
N GLU B 600 -6.33 -22.55 32.37
CA GLU B 600 -7.20 -21.39 32.55
C GLU B 600 -8.63 -21.89 32.40
N LEU B 601 -9.54 -21.18 33.07
CA LEU B 601 -10.96 -21.32 32.84
C LEU B 601 -11.60 -19.93 32.89
N HIS B 602 -12.44 -19.65 31.88
CA HIS B 602 -13.04 -18.34 31.72
C HIS B 602 -14.53 -18.41 32.04
N VAL B 603 -14.97 -17.53 32.95
CA VAL B 603 -16.32 -17.58 33.47
C VAL B 603 -17.31 -17.02 32.44
N ASP B 604 -16.85 -16.04 31.65
CA ASP B 604 -17.66 -15.53 30.55
C ASP B 604 -17.99 -16.62 29.54
N LEU B 605 -17.03 -17.54 29.27
CA LEU B 605 -17.27 -18.54 28.25
C LEU B 605 -18.26 -19.58 28.77
N MET B 606 -18.13 -19.94 30.04
CA MET B 606 -19.10 -20.86 30.64
C MET B 606 -20.49 -20.21 30.60
N SER B 607 -20.58 -18.94 31.04
CA SER B 607 -21.85 -18.25 30.95
C SER B 607 -22.48 -18.38 29.55
N TRP B 608 -21.69 -18.19 28.47
CA TRP B 608 -22.25 -18.28 27.13
C TRP B 608 -22.77 -19.69 26.86
N VAL B 609 -22.10 -20.70 27.42
CA VAL B 609 -22.58 -22.06 27.24
C VAL B 609 -23.91 -22.20 27.96
N GLY B 610 -23.97 -21.61 29.17
CA GLY B 610 -25.21 -21.40 29.89
C GLY B 610 -26.30 -20.88 28.94
N VAL B 611 -26.02 -19.72 28.32
CA VAL B 611 -26.98 -19.03 27.46
C VAL B 611 -27.52 -19.98 26.40
N MET B 612 -26.60 -20.75 25.78
CA MET B 612 -26.88 -21.59 24.63
C MET B 612 -27.75 -22.78 25.04
N VAL B 613 -27.40 -23.38 26.18
CA VAL B 613 -28.16 -24.54 26.59
C VAL B 613 -29.58 -24.09 26.95
N LYS B 614 -29.69 -22.87 27.51
CA LYS B 614 -31.00 -22.33 27.86
C LYS B 614 -31.87 -22.22 26.61
N SER B 615 -31.25 -21.71 25.53
CA SER B 615 -31.94 -21.46 24.28
C SER B 615 -32.40 -22.76 23.64
N LEU B 616 -31.51 -23.78 23.67
CA LEU B 616 -31.80 -25.07 23.07
C LEU B 616 -32.91 -25.77 23.85
N ILE B 617 -32.96 -25.54 25.17
CA ILE B 617 -34.03 -26.11 25.98
C ILE B 617 -35.38 -25.66 25.46
N SER B 618 -35.56 -24.35 25.16
CA SER B 618 -36.81 -23.83 24.62
C SER B 618 -37.08 -24.36 23.21
N ILE B 619 -36.05 -24.27 22.37
CA ILE B 619 -36.23 -24.50 20.95
C ILE B 619 -36.49 -25.99 20.78
N GLY B 620 -35.67 -26.80 21.45
CA GLY B 620 -35.83 -28.25 21.38
C GLY B 620 -37.23 -28.64 21.89
N SER B 621 -37.71 -27.90 22.89
CA SER B 621 -39.00 -28.21 23.49
C SER B 621 -40.15 -27.83 22.56
N LEU B 622 -40.06 -26.65 21.95
CA LEU B 622 -41.00 -26.22 20.93
C LEU B 622 -41.08 -27.22 19.79
N LEU B 623 -40.04 -28.02 19.57
CA LEU B 623 -39.98 -28.90 18.41
C LEU B 623 -40.22 -30.34 18.84
N GLY B 624 -40.27 -30.56 20.17
CA GLY B 624 -40.53 -31.87 20.74
C GLY B 624 -39.33 -32.81 20.65
N ALA B 625 -38.12 -32.26 20.58
CA ALA B 625 -36.92 -33.08 20.66
C ALA B 625 -36.69 -33.52 22.11
N THR B 626 -37.50 -34.47 22.57
CA THR B 626 -37.57 -34.80 24.00
C THR B 626 -36.31 -35.56 24.39
N GLU B 627 -35.78 -36.33 23.44
CA GLU B 627 -34.51 -37.03 23.60
C GLU B 627 -33.41 -36.06 24.03
N ASP B 628 -33.34 -34.89 23.37
CA ASP B 628 -32.34 -33.86 23.61
C ASP B 628 -32.53 -33.17 24.96
N VAL B 629 -33.79 -33.00 25.39
CA VAL B 629 -34.16 -32.25 26.57
C VAL B 629 -33.45 -32.82 27.81
N GLU B 630 -33.44 -34.15 27.94
CA GLU B 630 -32.85 -34.79 29.12
C GLU B 630 -31.37 -34.37 29.23
N PHE B 631 -30.68 -34.31 28.08
CA PHE B 631 -29.26 -33.99 28.04
C PHE B 631 -29.02 -32.50 28.32
N TYR B 632 -29.81 -31.63 27.66
CA TYR B 632 -29.66 -30.19 27.86
C TYR B 632 -29.80 -29.86 29.34
N THR B 633 -30.78 -30.51 29.95
CA THR B 633 -31.14 -30.24 31.33
C THR B 633 -29.97 -30.55 32.25
N LYS B 634 -29.29 -31.68 32.00
CA LYS B 634 -28.16 -32.10 32.80
C LYS B 634 -27.05 -31.07 32.68
N VAL B 635 -26.84 -30.56 31.46
CA VAL B 635 -25.75 -29.62 31.23
C VAL B 635 -26.07 -28.34 32.01
N LEU B 636 -27.32 -27.89 31.88
CA LEU B 636 -27.65 -26.62 32.49
C LEU B 636 -27.36 -26.71 33.99
N ASP B 637 -27.89 -27.76 34.63
CA ASP B 637 -27.67 -27.99 36.05
C ASP B 637 -26.18 -28.05 36.39
N ALA B 638 -25.37 -28.67 35.52
CA ALA B 638 -23.95 -28.80 35.81
C ALA B 638 -23.29 -27.42 35.79
N ILE B 639 -23.68 -26.59 34.83
CA ILE B 639 -23.04 -25.29 34.66
C ILE B 639 -23.37 -24.42 35.87
N GLU B 640 -24.63 -24.49 36.32
CA GLU B 640 -25.07 -23.72 37.46
C GLU B 640 -24.18 -24.00 38.67
N HIS B 641 -23.82 -25.27 38.86
CA HIS B 641 -23.01 -25.62 40.00
C HIS B 641 -21.57 -25.20 39.74
N ASN B 642 -21.08 -25.55 38.54
CA ASN B 642 -19.67 -25.39 38.24
C ASN B 642 -19.26 -23.93 38.31
N LEU B 643 -20.17 -23.02 37.94
CA LEU B 643 -19.93 -21.59 38.07
C LEU B 643 -19.53 -21.28 39.53
N ASP B 644 -20.23 -21.88 40.49
CA ASP B 644 -19.94 -21.58 41.89
C ASP B 644 -18.65 -22.29 42.29
N ASP B 645 -18.57 -23.56 41.91
CA ASP B 645 -17.45 -24.44 42.25
C ASP B 645 -16.14 -23.87 41.72
N LEU B 646 -16.13 -23.37 40.47
CA LEU B 646 -14.90 -23.02 39.75
C LEU B 646 -14.58 -21.53 39.76
N HIS B 647 -15.59 -20.64 39.86
CA HIS B 647 -15.39 -19.23 39.57
C HIS B 647 -15.89 -18.30 40.69
N TRP B 648 -16.75 -18.80 41.57
CA TRP B 648 -17.22 -17.93 42.63
C TRP B 648 -16.10 -17.67 43.64
N SER B 649 -15.92 -16.39 43.99
CA SER B 649 -15.04 -16.02 45.06
C SER B 649 -15.83 -15.34 46.17
N GLU B 650 -15.94 -15.98 47.35
CA GLU B 650 -16.61 -15.35 48.47
C GLU B 650 -15.83 -14.12 48.96
N LYS B 651 -14.49 -14.23 49.04
CA LYS B 651 -13.63 -13.12 49.40
C LYS B 651 -14.01 -11.85 48.63
N GLU B 652 -13.97 -11.94 47.29
CA GLU B 652 -14.05 -10.77 46.43
C GLU B 652 -15.50 -10.35 46.21
N GLY B 653 -16.44 -11.28 46.31
CA GLY B 653 -17.85 -10.95 46.20
C GLY B 653 -18.30 -10.90 44.73
N CYS B 654 -17.66 -11.73 43.90
CA CYS B 654 -17.90 -11.75 42.47
C CYS B 654 -17.31 -13.03 41.89
N TYR B 655 -17.58 -13.24 40.59
CA TYR B 655 -17.03 -14.34 39.84
C TYR B 655 -15.67 -13.93 39.26
N CYS B 656 -14.79 -14.93 39.08
CA CYS B 656 -13.42 -14.74 38.60
C CYS B 656 -13.06 -15.87 37.65
N ASP B 657 -12.13 -15.57 36.73
CA ASP B 657 -11.49 -16.57 35.89
C ASP B 657 -10.62 -17.42 36.81
N ALA B 658 -10.18 -18.60 36.34
CA ALA B 658 -9.29 -19.41 37.15
C ALA B 658 -8.09 -19.88 36.32
N THR B 659 -6.94 -20.05 36.98
CA THR B 659 -5.82 -20.76 36.38
C THR B 659 -5.33 -21.84 37.33
N ILE B 660 -4.26 -22.51 36.86
CA ILE B 660 -3.30 -23.26 37.66
C ILE B 660 -2.06 -22.38 37.80
N ASP B 661 -1.63 -22.18 39.06
CA ASP B 661 -0.55 -21.25 39.38
C ASP B 661 0.77 -22.02 39.36
N GLU B 662 1.84 -21.31 39.73
CA GLU B 662 3.20 -21.80 39.62
C GLU B 662 3.40 -23.05 40.48
N PHE B 663 2.58 -23.23 41.52
CA PHE B 663 2.73 -24.34 42.45
C PHE B 663 1.80 -25.50 42.08
N GLU B 664 1.22 -25.47 40.86
CA GLU B 664 0.25 -26.42 40.31
C GLU B 664 -1.12 -26.38 41.01
N GLU B 665 -1.50 -25.21 41.56
CA GLU B 665 -2.74 -25.06 42.32
C GLU B 665 -3.81 -24.31 41.54
N HIS B 666 -5.06 -24.81 41.59
CA HIS B 666 -6.24 -24.06 41.18
C HIS B 666 -6.34 -22.73 41.93
N LYS B 667 -6.40 -21.63 41.17
CA LYS B 667 -6.42 -20.30 41.76
C LYS B 667 -7.35 -19.40 40.96
N LEU B 668 -8.13 -18.62 41.70
CA LEU B 668 -9.00 -17.63 41.09
C LEU B 668 -8.15 -16.38 40.88
N VAL B 669 -8.41 -15.70 39.76
CA VAL B 669 -7.77 -14.45 39.43
C VAL B 669 -8.88 -13.43 39.25
N CYS B 670 -9.10 -12.61 40.29
CA CYS B 670 -10.17 -11.64 40.25
C CYS B 670 -9.68 -10.30 39.74
N HIS B 671 -10.44 -9.79 38.78
CA HIS B 671 -10.28 -8.46 38.23
C HIS B 671 -11.68 -7.89 38.10
N LYS B 672 -12.08 -7.08 39.10
CA LYS B 672 -13.47 -6.67 39.19
C LYS B 672 -13.84 -5.80 37.99
N GLY B 673 -14.73 -6.32 37.13
CA GLY B 673 -15.20 -5.65 35.93
C GLY B 673 -16.30 -6.43 35.21
N TYR B 674 -16.41 -6.29 33.87
CA TYR B 674 -17.54 -6.90 33.19
C TYR B 674 -17.52 -8.42 33.40
N ILE B 675 -16.33 -9.01 33.29
CA ILE B 675 -16.19 -10.46 33.35
C ILE B 675 -16.74 -10.96 34.69
N SER B 676 -16.51 -10.17 35.74
CA SER B 676 -16.86 -10.56 37.10
C SER B 676 -18.36 -10.74 37.24
N LEU B 677 -19.12 -10.18 36.29
CA LEU B 677 -20.55 -9.96 36.41
C LEU B 677 -21.30 -10.96 35.56
N PHE B 678 -20.54 -11.81 34.85
CA PHE B 678 -21.03 -12.45 33.63
C PHE B 678 -22.19 -13.43 33.87
N PRO B 679 -22.16 -14.32 34.88
CA PRO B 679 -23.30 -15.20 35.16
C PRO B 679 -24.57 -14.39 35.34
N PHE B 680 -24.42 -13.13 35.77
CA PHE B 680 -25.53 -12.20 35.89
C PHE B 680 -26.00 -11.72 34.52
N LEU B 681 -25.07 -11.15 33.75
CA LEU B 681 -25.37 -10.48 32.50
C LEU B 681 -26.06 -11.44 31.53
N THR B 682 -25.81 -12.74 31.70
CA THR B 682 -26.30 -13.70 30.72
C THR B 682 -27.57 -14.36 31.23
N GLY B 683 -28.03 -13.93 32.41
CA GLY B 683 -29.32 -14.30 32.96
C GLY B 683 -29.35 -15.73 33.52
N LEU B 684 -28.34 -16.13 34.31
CA LEU B 684 -28.24 -17.50 34.80
C LEU B 684 -28.59 -17.59 36.28
N LEU B 685 -28.46 -16.46 37.01
CA LEU B 685 -28.69 -16.40 38.45
C LEU B 685 -30.19 -16.31 38.73
N LYS B 686 -30.64 -16.99 39.78
CA LYS B 686 -32.04 -16.91 40.20
C LYS B 686 -32.20 -15.66 41.09
N PRO B 687 -33.39 -15.06 41.24
CA PRO B 687 -33.54 -13.78 41.97
C PRO B 687 -33.30 -13.87 43.48
N ASP B 688 -33.19 -15.08 43.99
CA ASP B 688 -32.95 -15.37 45.39
C ASP B 688 -31.49 -15.75 45.65
N SER B 689 -30.59 -15.46 44.70
CA SER B 689 -29.20 -15.88 44.84
C SER B 689 -28.46 -14.89 45.74
N PRO B 690 -27.82 -15.35 46.82
CA PRO B 690 -27.01 -14.46 47.65
C PRO B 690 -25.86 -13.93 46.81
N LYS B 691 -25.61 -14.59 45.67
CA LYS B 691 -24.53 -14.20 44.79
C LYS B 691 -24.98 -13.03 43.92
N LEU B 692 -26.27 -13.00 43.60
CA LEU B 692 -26.79 -11.92 42.79
C LEU B 692 -26.78 -10.62 43.59
N GLY B 693 -27.06 -10.73 44.90
CA GLY B 693 -27.03 -9.59 45.80
C GLY B 693 -25.63 -8.99 45.93
N LYS B 694 -24.61 -9.87 45.88
CA LYS B 694 -23.26 -9.37 46.03
C LYS B 694 -22.85 -8.62 44.76
N LEU B 695 -23.23 -9.18 43.62
CA LEU B 695 -22.92 -8.57 42.34
C LEU B 695 -23.61 -7.20 42.20
N LEU B 696 -24.87 -7.10 42.65
CA LEU B 696 -25.59 -5.85 42.56
C LEU B 696 -24.88 -4.79 43.38
N ALA B 697 -24.22 -5.19 44.46
CA ALA B 697 -23.60 -4.21 45.35
C ALA B 697 -22.36 -3.64 44.66
N LEU B 698 -21.68 -4.51 43.91
CA LEU B 698 -20.48 -4.15 43.16
C LEU B 698 -20.83 -3.23 41.99
N ILE B 699 -21.85 -3.63 41.21
CA ILE B 699 -22.38 -2.89 40.07
C ILE B 699 -22.70 -1.48 40.53
N GLY B 700 -23.28 -1.36 41.72
CA GLY B 700 -23.84 -0.10 42.18
C GLY B 700 -22.82 0.76 42.90
N ASP B 701 -21.60 0.23 43.09
CA ASP B 701 -20.53 0.81 43.89
C ASP B 701 -19.75 1.84 43.06
N GLU B 702 -19.80 3.12 43.47
CA GLU B 702 -19.29 4.26 42.71
C GLU B 702 -17.77 4.32 42.74
N SER B 703 -17.15 3.46 43.56
CA SER B 703 -15.70 3.41 43.73
C SER B 703 -15.12 2.27 42.91
N GLU B 704 -16.02 1.58 42.19
CA GLU B 704 -15.73 0.33 41.53
C GLU B 704 -16.22 0.47 40.10
N LEU B 705 -17.49 0.13 39.85
CA LEU B 705 -17.97 -0.07 38.50
C LEU B 705 -18.90 1.06 38.04
N TRP B 706 -19.50 1.77 39.01
CA TRP B 706 -20.59 2.72 38.77
C TRP B 706 -20.04 4.14 38.59
N SER B 707 -19.97 4.57 37.33
CA SER B 707 -19.65 5.95 36.97
C SER B 707 -20.96 6.67 36.64
N PRO B 708 -20.94 8.02 36.59
CA PRO B 708 -22.11 8.78 36.14
C PRO B 708 -22.58 8.44 34.72
N TYR B 709 -21.80 7.64 33.98
CA TYR B 709 -22.02 7.50 32.55
C TYR B 709 -22.34 6.06 32.18
N GLY B 710 -22.43 5.19 33.20
CA GLY B 710 -22.65 3.77 32.97
C GLY B 710 -21.58 2.95 33.68
N LEU B 711 -21.59 1.64 33.47
CA LEU B 711 -20.73 0.71 34.19
C LEU B 711 -19.37 0.67 33.50
N ARG B 712 -18.30 0.94 34.28
CA ARG B 712 -16.91 0.80 33.88
C ARG B 712 -16.64 -0.65 33.53
N SER B 713 -15.87 -0.90 32.46
CA SER B 713 -15.52 -2.26 32.05
C SER B 713 -14.64 -2.92 33.10
N LEU B 714 -13.84 -2.09 33.79
CA LEU B 714 -12.89 -2.54 34.80
C LEU B 714 -12.95 -1.56 35.96
N SER B 715 -12.73 -2.08 37.17
CA SER B 715 -12.97 -1.30 38.37
C SER B 715 -11.84 -0.29 38.56
N LYS B 716 -12.20 0.91 39.03
CA LYS B 716 -11.24 1.95 39.39
C LYS B 716 -10.15 1.40 40.29
N LYS B 717 -10.48 0.36 41.06
CA LYS B 717 -9.59 -0.23 42.06
C LYS B 717 -8.71 -1.32 41.47
N ASP B 718 -9.00 -1.79 40.24
CA ASP B 718 -8.17 -2.86 39.71
C ASP B 718 -6.82 -2.25 39.34
N GLU B 719 -5.77 -3.06 39.51
CA GLU B 719 -4.42 -2.57 39.30
C GLU B 719 -4.21 -2.28 37.82
N PHE B 720 -5.07 -2.84 36.95
CA PHE B 720 -4.93 -2.72 35.52
C PHE B 720 -5.80 -1.62 34.92
N TYR B 721 -6.53 -0.89 35.79
CA TYR B 721 -7.42 0.17 35.38
C TYR B 721 -6.63 1.23 34.63
N GLY B 722 -7.07 1.58 33.41
CA GLY B 722 -6.48 2.65 32.62
C GLY B 722 -5.22 2.24 31.83
N THR B 723 -4.74 1.00 31.97
CA THR B 723 -3.44 0.56 31.45
C THR B 723 -3.47 0.12 29.98
N ALA B 724 -2.29 0.11 29.33
CA ALA B 724 -2.06 -0.35 27.96
C ALA B 724 -2.91 0.41 26.94
N GLU B 725 -3.56 -0.33 26.04
CA GLU B 725 -4.45 0.29 25.07
C GLU B 725 -5.73 0.74 25.75
N ASN B 726 -6.01 0.23 26.96
CA ASN B 726 -7.12 0.71 27.79
C ASN B 726 -8.44 0.56 27.02
N TYR B 727 -8.60 -0.59 26.36
CA TYR B 727 -9.70 -0.83 25.44
C TYR B 727 -10.93 -1.29 26.22
N TRP B 728 -10.76 -2.34 27.02
CA TRP B 728 -11.83 -2.84 27.90
C TRP B 728 -11.34 -2.69 29.34
N ARG B 729 -10.48 -1.70 29.58
CA ARG B 729 -9.88 -1.56 30.92
C ARG B 729 -10.46 -0.43 31.79
N SER B 730 -11.45 0.33 31.32
CA SER B 730 -12.13 1.37 32.14
C SER B 730 -13.38 1.89 31.43
N PRO B 731 -13.35 2.02 30.10
CA PRO B 731 -14.44 2.67 29.38
C PRO B 731 -15.82 2.00 29.39
N VAL B 732 -16.84 2.82 29.20
CA VAL B 732 -18.25 2.35 29.18
C VAL B 732 -18.61 1.81 27.79
N TRP B 733 -18.96 0.54 27.73
CA TRP B 733 -19.37 -0.10 26.49
C TRP B 733 -20.86 -0.42 26.55
N ILE B 734 -21.59 -0.11 25.46
CA ILE B 734 -23.05 -0.11 25.42
C ILE B 734 -23.61 -1.54 25.36
N ASN B 735 -22.92 -2.45 24.63
CA ASN B 735 -23.45 -3.80 24.54
C ASN B 735 -23.52 -4.46 25.93
N ILE B 736 -22.47 -4.29 26.73
CA ILE B 736 -22.43 -4.98 28.01
C ILE B 736 -23.38 -4.28 28.96
N ASN B 737 -23.46 -2.95 28.83
CA ASN B 737 -24.34 -2.14 29.67
C ASN B 737 -25.79 -2.46 29.36
N TYR B 738 -26.07 -2.80 28.10
CA TYR B 738 -27.41 -3.18 27.69
C TYR B 738 -27.84 -4.45 28.43
N LEU B 739 -26.92 -5.43 28.50
CA LEU B 739 -27.22 -6.71 29.14
C LEU B 739 -27.54 -6.49 30.61
N ALA B 740 -26.80 -5.58 31.24
CA ALA B 740 -26.97 -5.27 32.65
C ALA B 740 -28.35 -4.67 32.87
N ILE B 741 -28.68 -3.67 32.05
CA ILE B 741 -29.96 -2.96 32.09
C ILE B 741 -31.10 -3.99 31.97
N VAL B 742 -30.97 -4.91 30.99
CA VAL B 742 -31.99 -5.91 30.73
C VAL B 742 -32.16 -6.82 31.95
N GLN B 743 -31.04 -7.20 32.58
CA GLN B 743 -31.10 -8.17 33.67
C GLN B 743 -31.55 -7.49 34.97
N LEU B 744 -31.20 -6.20 35.12
CA LEU B 744 -31.71 -5.40 36.22
C LEU B 744 -33.23 -5.31 36.12
N TYR B 745 -33.76 -5.14 34.89
CA TYR B 745 -35.20 -5.09 34.66
C TYR B 745 -35.85 -6.40 35.08
N ASN B 746 -35.20 -7.52 34.74
CA ASN B 746 -35.72 -8.84 35.04
C ASN B 746 -35.88 -9.02 36.56
N ILE B 747 -34.87 -8.59 37.32
CA ILE B 747 -34.93 -8.81 38.76
C ILE B 747 -35.97 -7.89 39.39
N ALA B 748 -36.19 -6.75 38.75
CA ALA B 748 -36.96 -5.67 39.35
C ALA B 748 -38.45 -5.93 39.16
N THR B 749 -38.80 -6.97 38.39
CA THR B 749 -40.19 -7.24 38.07
C THR B 749 -40.56 -8.65 38.53
N GLN B 750 -39.89 -9.14 39.57
CA GLN B 750 -40.34 -10.34 40.26
C GLN B 750 -39.95 -10.25 41.73
N ASP B 751 -40.56 -11.13 42.53
CA ASP B 751 -40.47 -11.08 43.98
C ASP B 751 -39.11 -11.58 44.42
N GLY B 752 -38.48 -10.84 45.35
CA GLY B 752 -37.32 -11.38 46.04
C GLY B 752 -36.57 -10.29 46.81
N PRO B 753 -35.53 -10.66 47.59
CA PRO B 753 -34.83 -9.69 48.43
C PRO B 753 -34.26 -8.50 47.67
N TYR B 754 -34.05 -8.66 46.34
CA TYR B 754 -33.29 -7.63 45.62
C TYR B 754 -34.12 -6.87 44.58
N LYS B 755 -35.44 -7.10 44.56
CA LYS B 755 -36.36 -6.35 43.70
C LYS B 755 -36.04 -4.86 43.75
N GLU B 756 -36.04 -4.27 44.95
CA GLU B 756 -35.91 -2.84 45.13
C GLU B 756 -34.56 -2.36 44.61
N THR B 757 -33.48 -3.07 44.98
CA THR B 757 -32.14 -2.68 44.55
C THR B 757 -32.07 -2.64 43.03
N ALA B 758 -32.68 -3.64 42.38
CA ALA B 758 -32.75 -3.74 40.94
C ALA B 758 -33.54 -2.58 40.31
N ARG B 759 -34.75 -2.30 40.80
CA ARG B 759 -35.57 -1.19 40.31
C ARG B 759 -34.72 0.08 40.28
N ASP B 760 -34.00 0.33 41.37
CA ASP B 760 -33.24 1.57 41.53
C ASP B 760 -32.16 1.62 40.45
N LEU B 761 -31.27 0.62 40.46
CA LEU B 761 -30.14 0.58 39.55
C LEU B 761 -30.65 0.57 38.10
N TYR B 762 -31.75 -0.16 37.85
CA TYR B 762 -32.27 -0.17 36.51
C TYR B 762 -32.61 1.26 36.10
N THR B 763 -33.36 1.94 36.97
CA THR B 763 -33.85 3.26 36.62
C THR B 763 -32.67 4.18 36.39
N ARG B 764 -31.66 4.04 37.25
CA ARG B 764 -30.52 4.96 37.22
C ARG B 764 -29.61 4.66 36.04
N LEU B 765 -29.32 3.38 35.74
CA LEU B 765 -28.38 3.03 34.69
C LEU B 765 -29.00 3.32 33.32
N ARG B 766 -30.31 3.07 33.20
CA ARG B 766 -31.00 3.46 31.99
C ARG B 766 -30.77 4.94 31.71
N LYS B 767 -31.12 5.83 32.67
CA LYS B 767 -30.97 7.27 32.53
C LYS B 767 -29.52 7.62 32.16
N ASN B 768 -28.57 7.15 32.97
CA ASN B 768 -27.17 7.42 32.68
C ASN B 768 -26.84 7.11 31.22
N ILE B 769 -27.12 5.88 30.78
CA ILE B 769 -26.57 5.38 29.52
C ILE B 769 -27.18 6.15 28.37
N VAL B 770 -28.51 6.34 28.39
CA VAL B 770 -29.20 7.08 27.33
C VAL B 770 -28.63 8.50 27.23
N GLU B 771 -28.46 9.16 28.37
CA GLU B 771 -27.91 10.51 28.45
C GLU B 771 -26.55 10.55 27.76
N THR B 772 -25.68 9.65 28.20
CA THR B 772 -24.31 9.71 27.74
C THR B 772 -24.26 9.66 26.22
N VAL B 773 -24.94 8.67 25.62
CA VAL B 773 -24.91 8.49 24.18
C VAL B 773 -25.69 9.63 23.49
N TYR B 774 -26.78 10.09 24.10
CA TYR B 774 -27.54 11.20 23.54
C TYR B 774 -26.72 12.50 23.57
N ARG B 775 -26.18 12.88 24.73
CA ARG B 775 -25.49 14.18 24.80
C ARG B 775 -24.32 14.19 23.81
N ASN B 776 -23.75 13.01 23.52
CA ASN B 776 -22.63 12.94 22.61
C ASN B 776 -23.12 13.07 21.17
N TRP B 777 -24.32 12.52 20.91
CA TRP B 777 -24.88 12.54 19.59
C TRP B 777 -25.25 13.97 19.19
N GLU B 778 -25.71 14.79 20.17
CA GLU B 778 -25.99 16.20 19.95
C GLU B 778 -24.70 16.95 19.60
N GLU B 779 -23.67 16.81 20.45
CA GLU B 779 -22.45 17.56 20.29
C GLU B 779 -21.71 17.15 19.02
N THR B 780 -21.62 15.84 18.74
CA THR B 780 -20.65 15.35 17.77
C THR B 780 -21.36 14.75 16.55
N GLY B 781 -22.60 14.30 16.75
CA GLY B 781 -23.37 13.77 15.65
C GLY B 781 -23.05 12.30 15.39
N PHE B 782 -22.22 11.72 16.28
CA PHE B 782 -21.77 10.34 16.12
C PHE B 782 -22.25 9.44 17.26
N ALA B 783 -22.54 8.19 16.91
CA ALA B 783 -22.47 7.09 17.84
C ALA B 783 -21.01 6.67 17.98
N TRP B 784 -20.52 6.53 19.22
CA TRP B 784 -19.14 6.10 19.45
C TRP B 784 -19.08 4.63 19.89
N GLU B 785 -17.88 4.05 19.77
CA GLU B 785 -17.58 2.68 20.12
C GLU B 785 -17.65 2.47 21.64
N GLN B 786 -17.21 3.49 22.40
CA GLN B 786 -17.12 3.45 23.84
C GLN B 786 -17.12 4.85 24.42
N TYR B 787 -17.49 4.96 25.70
CA TYR B 787 -17.60 6.25 26.37
C TYR B 787 -16.62 6.32 27.53
N ASN B 788 -16.05 7.51 27.73
CA ASN B 788 -15.10 7.78 28.80
C ASN B 788 -15.85 7.78 30.13
N PRO B 789 -15.37 7.02 31.13
CA PRO B 789 -16.05 6.92 32.43
C PRO B 789 -15.85 8.11 33.36
N GLU B 790 -14.87 8.98 33.03
CA GLU B 790 -14.57 10.19 33.78
C GLU B 790 -15.36 11.39 33.23
N THR B 791 -15.40 11.54 31.89
CA THR B 791 -15.99 12.73 31.30
C THR B 791 -17.33 12.45 30.65
N GLY B 792 -17.50 11.21 30.15
CA GLY B 792 -18.64 10.86 29.31
C GLY B 792 -18.41 11.05 27.80
N LYS B 793 -17.28 11.64 27.37
CA LYS B 793 -16.97 11.86 25.95
C LYS B 793 -16.85 10.53 25.21
N GLY B 794 -17.59 10.40 24.09
CA GLY B 794 -17.35 9.39 23.08
C GLY B 794 -15.88 9.34 22.68
N GLN B 795 -15.38 8.13 22.39
CA GLN B 795 -13.96 7.83 22.40
C GLN B 795 -13.71 6.61 21.52
N ARG B 796 -12.47 6.43 21.02
CA ARG B 796 -12.24 5.46 19.95
C ARG B 796 -13.09 5.79 18.72
N THR B 797 -13.49 4.77 17.94
CA THR B 797 -14.03 5.01 16.61
C THR B 797 -15.46 5.58 16.61
N GLN B 798 -15.74 6.41 15.60
CA GLN B 798 -17.04 7.01 15.35
C GLN B 798 -17.85 6.12 14.40
N HIS B 799 -19.11 6.49 14.22
CA HIS B 799 -20.00 5.81 13.28
C HIS B 799 -20.26 4.38 13.73
N PHE B 800 -20.27 4.15 15.04
CA PHE B 800 -20.28 2.78 15.53
C PHE B 800 -21.71 2.33 15.69
N THR B 801 -22.36 2.02 14.57
CA THR B 801 -23.72 1.55 14.69
C THR B 801 -23.82 0.24 13.92
N GLY B 802 -23.29 -0.85 14.51
CA GLY B 802 -22.63 -0.80 15.81
C GLY B 802 -23.61 -1.03 16.94
N TRP B 803 -23.18 -1.76 17.99
CA TRP B 803 -24.10 -2.11 19.04
C TRP B 803 -24.50 -0.92 19.91
N THR B 804 -23.84 0.24 19.69
CA THR B 804 -24.21 1.44 20.42
C THR B 804 -25.68 1.78 20.15
N SER B 805 -26.17 1.34 18.99
CA SER B 805 -27.55 1.63 18.64
C SER B 805 -28.53 0.85 19.51
N LEU B 806 -28.04 0.04 20.47
CA LEU B 806 -28.91 -0.65 21.39
C LEU B 806 -29.66 0.39 22.22
N VAL B 807 -29.08 1.57 22.30
CA VAL B 807 -29.70 2.63 23.06
C VAL B 807 -31.17 2.84 22.65
N VAL B 808 -31.52 2.54 21.40
CA VAL B 808 -32.90 2.71 20.95
C VAL B 808 -33.83 1.84 21.78
N LYS B 809 -33.45 0.57 22.00
CA LYS B 809 -34.27 -0.37 22.74
C LYS B 809 -34.21 0.00 24.22
N ILE B 810 -33.10 0.60 24.67
CA ILE B 810 -33.04 0.98 26.08
C ILE B 810 -34.10 2.02 26.42
N MET B 811 -34.47 2.86 25.45
CA MET B 811 -35.41 3.96 25.64
C MET B 811 -36.85 3.45 25.51
N SER B 812 -37.03 2.33 24.80
CA SER B 812 -38.34 1.80 24.48
C SER B 812 -38.93 1.05 25.67
N GLY B 813 -38.13 0.93 26.74
CA GLY B 813 -38.45 0.12 27.90
C GLY B 813 -38.56 -1.37 27.56
N HIS B 814 -38.80 -2.20 28.57
CA HIS B 814 -39.06 -3.62 28.36
C HIS B 814 -40.50 -3.95 28.77
#